data_2JUG
#
_entry.id   2JUG
#
_entity_poly.entity_id   1
_entity_poly.type   'polypeptide(L)'
_entity_poly.pdbx_seq_one_letter_code
;GPLGSSAGALLAHAASLGVRLWVEGERLRFQAPPGVMTPELQSRLGGARHELIALLRQLQPSSQGGSLLAPVARNGRL
;
_entity_poly.pdbx_strand_id   A,B
#
# COMPACT_ATOMS: atom_id res chain seq x y z
N GLY A 1 4.24 3.23 23.78
CA GLY A 1 5.15 3.87 22.78
C GLY A 1 5.15 5.37 22.90
N PRO A 2 5.94 6.07 22.06
CA PRO A 2 6.00 7.52 22.05
C PRO A 2 4.91 8.14 21.18
N LEU A 3 4.28 9.19 21.68
CA LEU A 3 3.23 9.87 20.94
C LEU A 3 3.78 11.09 20.22
N GLY A 4 4.62 11.85 20.93
CA GLY A 4 5.21 13.05 20.36
C GLY A 4 4.17 14.16 20.19
N SER A 5 4.45 15.09 19.31
CA SER A 5 3.50 16.15 19.00
C SER A 5 2.52 15.69 17.93
N SER A 6 3.01 15.45 16.73
CA SER A 6 2.17 14.97 15.63
C SER A 6 3.00 14.69 14.37
N ALA A 7 3.39 15.75 13.68
CA ALA A 7 4.05 15.64 12.38
C ALA A 7 5.44 15.01 12.49
N GLY A 8 6.27 15.58 13.35
CA GLY A 8 7.62 15.08 13.53
C GLY A 8 7.64 13.64 13.99
N ALA A 9 6.75 13.30 14.91
CA ALA A 9 6.64 11.93 15.41
C ALA A 9 6.24 10.98 14.29
N LEU A 10 5.25 11.40 13.49
CA LEU A 10 4.80 10.60 12.36
C LEU A 10 5.91 10.42 11.34
N LEU A 11 6.57 11.52 11.00
CA LEU A 11 7.66 11.51 10.04
C LEU A 11 8.79 10.60 10.54
N ALA A 12 9.16 10.77 11.80
CA ALA A 12 10.25 10.00 12.39
C ALA A 12 9.96 8.50 12.38
N HIS A 13 8.79 8.10 12.86
CA HIS A 13 8.48 6.68 13.01
C HIS A 13 8.24 6.03 11.64
N ALA A 14 7.75 6.81 10.68
CA ALA A 14 7.51 6.30 9.34
C ALA A 14 8.82 6.07 8.61
N ALA A 15 9.75 7.00 8.79
CA ALA A 15 11.07 6.89 8.17
C ALA A 15 11.89 5.78 8.85
N SER A 16 11.79 5.73 10.18
CA SER A 16 12.53 4.76 10.96
C SER A 16 12.08 3.33 10.65
N LEU A 17 10.76 3.13 10.53
CA LEU A 17 10.24 1.81 10.17
C LEU A 17 10.50 1.51 8.70
N GLY A 18 10.62 2.57 7.92
CA GLY A 18 10.87 2.43 6.50
C GLY A 18 9.60 2.22 5.71
N VAL A 19 8.57 3.01 6.02
CA VAL A 19 7.33 2.95 5.28
C VAL A 19 7.38 3.94 4.12
N ARG A 20 7.62 3.45 2.93
CA ARG A 20 7.75 4.32 1.77
C ARG A 20 6.61 4.05 0.78
N LEU A 21 5.91 5.09 0.35
CA LEU A 21 4.87 4.93 -0.66
C LEU A 21 5.11 5.86 -1.82
N TRP A 22 5.28 5.32 -3.01
CA TRP A 22 5.55 6.14 -4.18
C TRP A 22 4.73 5.69 -5.36
N VAL A 23 4.33 6.64 -6.18
CA VAL A 23 3.56 6.31 -7.36
C VAL A 23 4.49 6.07 -8.54
N GLU A 24 4.37 4.90 -9.16
CA GLU A 24 5.21 4.56 -10.28
C GLU A 24 4.36 4.27 -11.50
N GLY A 25 4.27 5.23 -12.39
CA GLY A 25 3.48 5.07 -13.59
C GLY A 25 2.00 5.03 -13.28
N GLU A 26 1.44 3.83 -13.29
CA GLU A 26 0.02 3.65 -13.03
C GLU A 26 -0.22 3.17 -11.60
N ARG A 27 0.80 2.57 -10.99
CA ARG A 27 0.59 1.89 -9.72
C ARG A 27 1.46 2.46 -8.62
N LEU A 28 0.85 2.64 -7.47
CA LEU A 28 1.57 3.05 -6.28
C LEU A 28 2.26 1.85 -5.66
N ARG A 29 3.55 1.99 -5.38
CA ARG A 29 4.32 0.94 -4.76
C ARG A 29 4.46 1.22 -3.27
N PHE A 30 4.29 0.18 -2.46
CA PHE A 30 4.30 0.32 -1.02
C PHE A 30 5.46 -0.48 -0.43
N GLN A 31 6.23 0.16 0.43
CA GLN A 31 7.28 -0.52 1.17
C GLN A 31 6.90 -0.58 2.63
N ALA A 32 6.58 -1.77 3.11
CA ALA A 32 6.13 -1.94 4.48
C ALA A 32 6.61 -3.25 5.05
N PRO A 33 7.50 -3.18 6.06
CA PRO A 33 7.97 -4.35 6.80
C PRO A 33 6.82 -5.12 7.44
N PRO A 34 6.98 -6.44 7.58
CA PRO A 34 5.94 -7.29 8.17
C PRO A 34 5.70 -6.95 9.65
N GLY A 35 4.45 -6.64 9.97
CA GLY A 35 4.10 -6.36 11.35
C GLY A 35 3.82 -4.91 11.61
N VAL A 36 4.53 -4.03 10.92
CA VAL A 36 4.39 -2.59 11.15
C VAL A 36 3.18 -2.02 10.41
N MET A 37 2.75 -2.72 9.38
CA MET A 37 1.68 -2.23 8.51
C MET A 37 0.30 -2.52 9.11
N THR A 38 0.26 -2.70 10.42
CA THR A 38 -1.00 -2.89 11.13
C THR A 38 -1.98 -1.77 10.78
N PRO A 39 -3.27 -2.09 10.63
CA PRO A 39 -4.30 -1.14 10.19
C PRO A 39 -4.28 0.18 10.96
N GLU A 40 -3.93 0.13 12.24
CA GLU A 40 -3.91 1.34 13.05
C GLU A 40 -2.72 2.22 12.66
N LEU A 41 -1.61 1.60 12.25
CA LEU A 41 -0.45 2.37 11.82
C LEU A 41 -0.77 3.11 10.54
N GLN A 42 -1.49 2.43 9.66
CA GLN A 42 -1.91 3.03 8.42
C GLN A 42 -2.78 4.25 8.70
N SER A 43 -3.57 4.17 9.76
CA SER A 43 -4.38 5.28 10.20
C SER A 43 -3.48 6.40 10.76
N ARG A 44 -2.34 6.02 11.31
CA ARG A 44 -1.36 6.99 11.79
C ARG A 44 -0.71 7.70 10.62
N LEU A 45 -0.41 6.94 9.56
CA LEU A 45 0.11 7.50 8.32
C LEU A 45 -0.87 8.52 7.76
N GLY A 46 -2.16 8.21 7.86
CA GLY A 46 -3.21 9.14 7.48
C GLY A 46 -3.52 9.07 6.00
N GLY A 47 -2.56 8.59 5.22
CA GLY A 47 -2.74 8.48 3.79
C GLY A 47 -2.81 9.84 3.12
N ALA A 48 -2.07 10.79 3.67
CA ALA A 48 -2.05 12.14 3.13
C ALA A 48 -0.81 12.37 2.28
N ARG A 49 -0.92 13.29 1.33
CA ARG A 49 0.10 13.50 0.32
C ARG A 49 1.40 14.09 0.88
N HIS A 50 1.28 15.17 1.64
CA HIS A 50 2.43 15.98 2.04
C HIS A 50 3.49 15.16 2.78
N GLU A 51 3.08 14.38 3.75
CA GLU A 51 4.02 13.59 4.53
C GLU A 51 4.56 12.44 3.70
N LEU A 52 3.68 11.86 2.88
CA LEU A 52 4.09 10.75 2.05
C LEU A 52 5.14 11.19 1.05
N ILE A 53 4.98 12.39 0.51
CA ILE A 53 5.99 12.99 -0.35
C ILE A 53 7.33 13.02 0.37
N ALA A 54 7.28 13.39 1.65
CA ALA A 54 8.48 13.40 2.48
C ALA A 54 8.99 11.98 2.73
N LEU A 55 8.10 11.00 2.67
CA LEU A 55 8.49 9.62 2.89
C LEU A 55 9.32 9.08 1.73
N LEU A 56 9.06 9.56 0.53
CA LEU A 56 9.91 9.26 -0.60
C LEU A 56 11.18 10.07 -0.53
N ARG A 57 11.03 11.31 -0.08
CA ARG A 57 12.15 12.22 0.10
C ARG A 57 13.25 11.58 0.93
N GLN A 58 12.87 10.67 1.82
CA GLN A 58 13.84 9.93 2.60
C GLN A 58 14.70 9.02 1.71
N LEU A 59 14.07 8.38 0.71
CA LEU A 59 14.79 7.44 -0.16
C LEU A 59 15.47 8.09 -1.37
N GLN A 60 15.15 9.34 -1.68
CA GLN A 60 15.57 9.96 -2.97
C GLN A 60 17.08 9.82 -3.23
N PRO A 61 17.46 8.92 -4.16
CA PRO A 61 18.84 8.69 -4.54
C PRO A 61 19.22 9.38 -5.85
N SER A 62 18.28 10.14 -6.40
CA SER A 62 18.42 10.76 -7.72
C SER A 62 19.60 11.73 -7.75
N SER A 63 19.88 12.36 -6.62
CA SER A 63 21.01 13.28 -6.49
C SER A 63 20.91 14.39 -7.53
N GLN A 64 19.73 14.96 -7.67
CA GLN A 64 19.48 16.02 -8.64
C GLN A 64 19.94 17.38 -8.12
N GLY A 65 21.10 17.39 -7.48
CA GLY A 65 21.63 18.63 -6.95
C GLY A 65 21.06 18.97 -5.59
N GLY A 66 19.76 19.27 -5.55
CA GLY A 66 19.10 19.59 -4.30
C GLY A 66 18.69 18.36 -3.52
N SER A 67 19.61 17.44 -3.37
CA SER A 67 19.37 16.20 -2.66
C SER A 67 20.02 16.26 -1.29
N LEU A 68 19.19 16.30 -0.24
CA LEU A 68 19.66 16.44 1.13
C LEU A 68 20.28 17.83 1.36
N LEU A 69 20.78 18.06 2.56
CA LEU A 69 21.35 19.35 2.89
C LEU A 69 22.87 19.30 2.82
N ALA A 70 23.43 18.25 3.43
CA ALA A 70 24.88 18.07 3.51
C ALA A 70 25.56 19.28 4.17
N PRO A 71 25.40 19.42 5.49
CA PRO A 71 25.93 20.54 6.26
C PRO A 71 27.40 20.35 6.61
N VAL A 72 27.81 19.09 6.68
CA VAL A 72 29.19 18.68 7.02
C VAL A 72 29.56 18.99 8.47
N ALA A 73 28.96 20.02 9.04
CA ALA A 73 29.14 20.33 10.44
C ALA A 73 28.20 19.49 11.30
N ARG A 74 28.46 18.19 11.33
CA ARG A 74 27.65 17.26 12.10
C ARG A 74 28.14 17.23 13.54
N ASN A 75 29.43 17.42 13.70
CA ASN A 75 30.05 17.47 15.01
C ASN A 75 30.71 18.84 15.20
N GLY A 76 31.50 19.00 16.25
CA GLY A 76 32.18 20.25 16.47
C GLY A 76 32.07 20.73 17.90
N ARG A 77 31.29 20.02 18.69
CA ARG A 77 31.08 20.37 20.09
C ARG A 77 30.30 19.26 20.79
N LEU A 78 29.40 18.64 20.05
CA LEU A 78 28.57 17.57 20.59
C LEU A 78 28.74 16.32 19.76
N GLY B 1 0.28 -28.08 -18.55
CA GLY B 1 1.42 -27.16 -18.29
C GLY B 1 0.95 -25.78 -17.91
N PRO B 2 1.87 -24.90 -17.49
CA PRO B 2 1.54 -23.51 -17.16
C PRO B 2 1.08 -22.74 -18.38
N LEU B 3 -0.14 -22.20 -18.31
CA LEU B 3 -0.71 -21.47 -19.43
C LEU B 3 -0.19 -20.03 -19.43
N GLY B 4 -0.45 -19.31 -18.36
CA GLY B 4 -0.04 -17.93 -18.28
C GLY B 4 -1.20 -16.99 -18.53
N SER B 5 -1.01 -15.71 -18.21
CA SER B 5 -2.02 -14.67 -18.40
C SER B 5 -3.18 -14.81 -17.41
N SER B 6 -3.71 -16.01 -17.29
CA SER B 6 -4.78 -16.29 -16.35
C SER B 6 -4.19 -16.73 -15.01
N ALA B 7 -4.32 -15.89 -14.00
CA ALA B 7 -3.75 -16.18 -12.69
C ALA B 7 -4.84 -16.38 -11.64
N GLY B 8 -5.37 -17.60 -11.58
CA GLY B 8 -6.39 -17.91 -10.60
C GLY B 8 -5.84 -17.97 -9.19
N ALA B 9 -4.63 -18.50 -9.05
CA ALA B 9 -3.99 -18.62 -7.75
C ALA B 9 -3.71 -17.24 -7.15
N LEU B 10 -3.27 -16.33 -7.99
CA LEU B 10 -3.00 -14.95 -7.56
C LEU B 10 -4.28 -14.28 -7.09
N LEU B 11 -5.33 -14.41 -7.88
CA LEU B 11 -6.62 -13.85 -7.55
C LEU B 11 -7.14 -14.43 -6.24
N ALA B 12 -7.11 -15.76 -6.15
CA ALA B 12 -7.64 -16.47 -4.98
C ALA B 12 -6.95 -16.05 -3.69
N HIS B 13 -5.61 -16.11 -3.66
CA HIS B 13 -4.89 -15.85 -2.43
C HIS B 13 -4.97 -14.37 -2.04
N ALA B 14 -5.04 -13.49 -3.04
CA ALA B 14 -5.11 -12.06 -2.77
C ALA B 14 -6.47 -11.71 -2.18
N ALA B 15 -7.51 -12.34 -2.70
CA ALA B 15 -8.87 -12.14 -2.20
C ALA B 15 -9.01 -12.76 -0.82
N SER B 16 -8.46 -13.96 -0.64
CA SER B 16 -8.54 -14.68 0.62
C SER B 16 -7.86 -13.91 1.75
N LEU B 17 -6.66 -13.40 1.48
CA LEU B 17 -5.91 -12.66 2.48
C LEU B 17 -6.53 -11.29 2.75
N GLY B 18 -7.26 -10.78 1.76
CA GLY B 18 -7.90 -9.50 1.90
C GLY B 18 -6.99 -8.35 1.50
N VAL B 19 -6.25 -8.56 0.44
CA VAL B 19 -5.36 -7.52 -0.09
C VAL B 19 -6.10 -6.69 -1.13
N ARG B 20 -6.39 -5.44 -0.79
CA ARG B 20 -7.11 -4.58 -1.72
C ARG B 20 -6.36 -3.27 -1.91
N LEU B 21 -6.29 -2.82 -3.17
CA LEU B 21 -5.68 -1.53 -3.48
C LEU B 21 -6.62 -0.75 -4.37
N TRP B 22 -7.01 0.45 -3.94
CA TRP B 22 -7.91 1.27 -4.74
C TRP B 22 -7.48 2.72 -4.73
N VAL B 23 -7.58 3.36 -5.88
CA VAL B 23 -7.23 4.76 -6.00
C VAL B 23 -8.43 5.62 -5.58
N GLU B 24 -8.25 6.40 -4.53
CA GLU B 24 -9.30 7.25 -4.03
C GLU B 24 -8.91 8.71 -4.25
N GLY B 25 -9.48 9.32 -5.29
CA GLY B 25 -9.18 10.69 -5.61
C GLY B 25 -7.73 10.90 -6.04
N GLU B 26 -6.90 11.28 -5.08
CA GLU B 26 -5.50 11.55 -5.36
C GLU B 26 -4.60 10.41 -4.88
N ARG B 27 -5.08 9.69 -3.88
CA ARG B 27 -4.23 8.77 -3.16
C ARG B 27 -4.77 7.35 -3.20
N LEU B 28 -3.90 6.42 -3.55
CA LEU B 28 -4.25 5.01 -3.56
C LEU B 28 -4.25 4.48 -2.13
N ARG B 29 -5.36 3.86 -1.74
CA ARG B 29 -5.48 3.27 -0.42
C ARG B 29 -5.17 1.79 -0.49
N PHE B 30 -4.43 1.31 0.50
CA PHE B 30 -3.99 -0.07 0.52
C PHE B 30 -4.57 -0.78 1.75
N GLN B 31 -5.16 -1.94 1.52
CA GLN B 31 -5.63 -2.79 2.60
C GLN B 31 -4.76 -4.03 2.68
N ALA B 32 -3.95 -4.12 3.71
CA ALA B 32 -3.03 -5.24 3.87
C ALA B 32 -2.92 -5.66 5.32
N PRO B 33 -3.40 -6.87 5.64
CA PRO B 33 -3.25 -7.45 6.98
C PRO B 33 -1.78 -7.61 7.37
N PRO B 34 -1.47 -7.45 8.66
CA PRO B 34 -0.10 -7.53 9.14
C PRO B 34 0.51 -8.91 8.91
N GLY B 35 1.64 -8.94 8.20
CA GLY B 35 2.34 -10.19 7.99
C GLY B 35 2.25 -10.68 6.56
N VAL B 36 1.12 -10.43 5.91
CA VAL B 36 0.92 -10.92 4.54
C VAL B 36 1.55 -9.98 3.53
N MET B 37 1.83 -8.76 3.94
CA MET B 37 2.35 -7.74 3.02
C MET B 37 3.87 -7.84 2.87
N THR B 38 4.41 -9.00 3.20
CA THR B 38 5.82 -9.28 2.96
C THR B 38 6.20 -8.95 1.52
N PRO B 39 7.36 -8.29 1.31
CA PRO B 39 7.78 -7.78 0.00
C PRO B 39 7.64 -8.79 -1.15
N GLU B 40 7.92 -10.06 -0.89
CA GLU B 40 7.83 -11.07 -1.94
C GLU B 40 6.38 -11.26 -2.39
N LEU B 41 5.44 -11.04 -1.47
CA LEU B 41 4.02 -11.17 -1.80
C LEU B 41 3.58 -10.01 -2.67
N GLN B 42 4.15 -8.84 -2.43
CA GLN B 42 3.91 -7.67 -3.28
C GLN B 42 4.39 -7.98 -4.69
N SER B 43 5.49 -8.72 -4.77
CA SER B 43 6.04 -9.17 -6.05
C SER B 43 5.09 -10.17 -6.70
N ARG B 44 4.37 -10.95 -5.87
CA ARG B 44 3.39 -11.91 -6.37
C ARG B 44 2.21 -11.15 -6.97
N LEU B 45 1.81 -10.08 -6.31
CA LEU B 45 0.72 -9.23 -6.78
C LEU B 45 1.09 -8.62 -8.13
N GLY B 46 2.35 -8.28 -8.28
CA GLY B 46 2.84 -7.79 -9.56
C GLY B 46 2.64 -6.30 -9.74
N GLY B 47 1.68 -5.74 -9.00
CA GLY B 47 1.42 -4.31 -9.08
C GLY B 47 0.86 -3.90 -10.43
N ALA B 48 0.13 -4.80 -11.06
CA ALA B 48 -0.46 -4.52 -12.36
C ALA B 48 -1.94 -4.19 -12.21
N ARG B 49 -2.48 -3.51 -13.22
CA ARG B 49 -3.83 -2.97 -13.16
C ARG B 49 -4.92 -4.05 -13.18
N HIS B 50 -4.85 -4.98 -14.13
CA HIS B 50 -5.97 -5.90 -14.40
C HIS B 50 -6.37 -6.72 -13.18
N GLU B 51 -5.42 -7.35 -12.52
CA GLU B 51 -5.71 -8.18 -11.37
C GLU B 51 -6.19 -7.33 -10.20
N LEU B 52 -5.55 -6.18 -10.01
CA LEU B 52 -5.90 -5.30 -8.91
C LEU B 52 -7.32 -4.77 -9.07
N ILE B 53 -7.74 -4.50 -10.30
CA ILE B 53 -9.12 -4.10 -10.58
C ILE B 53 -10.08 -5.17 -10.06
N ALA B 54 -9.73 -6.44 -10.30
CA ALA B 54 -10.52 -7.56 -9.80
C ALA B 54 -10.51 -7.59 -8.27
N LEU B 55 -9.41 -7.13 -7.68
CA LEU B 55 -9.27 -7.09 -6.24
C LEU B 55 -10.24 -6.08 -5.60
N LEU B 56 -10.59 -5.04 -6.36
CA LEU B 56 -11.65 -4.12 -5.90
C LEU B 56 -13.02 -4.73 -6.16
N ARG B 57 -13.11 -5.48 -7.25
CA ARG B 57 -14.36 -6.08 -7.69
C ARG B 57 -14.96 -6.97 -6.61
N GLN B 58 -14.10 -7.60 -5.81
CA GLN B 58 -14.55 -8.46 -4.71
C GLN B 58 -15.24 -7.64 -3.61
N LEU B 59 -14.88 -6.37 -3.48
CA LEU B 59 -15.40 -5.54 -2.40
C LEU B 59 -16.59 -4.69 -2.83
N GLN B 60 -16.79 -4.58 -4.15
CA GLN B 60 -17.77 -3.64 -4.72
C GLN B 60 -19.15 -3.78 -4.08
N PRO B 61 -19.53 -2.82 -3.20
CA PRO B 61 -20.82 -2.79 -2.54
C PRO B 61 -21.77 -1.80 -3.22
N SER B 62 -21.31 -1.20 -4.30
CA SER B 62 -22.05 -0.15 -4.99
C SER B 62 -23.41 -0.65 -5.48
N SER B 63 -23.48 -1.95 -5.80
CA SER B 63 -24.73 -2.58 -6.20
C SER B 63 -25.33 -1.87 -7.42
N GLN B 64 -24.48 -1.51 -8.36
CA GLN B 64 -24.91 -0.77 -9.55
C GLN B 64 -25.49 -1.72 -10.61
N GLY B 65 -26.37 -2.61 -10.19
CA GLY B 65 -26.99 -3.54 -11.10
C GLY B 65 -26.10 -4.72 -11.42
N GLY B 66 -25.06 -4.49 -12.20
CA GLY B 66 -24.15 -5.56 -12.59
C GLY B 66 -23.15 -5.90 -11.50
N SER B 67 -23.63 -6.01 -10.27
CA SER B 67 -22.79 -6.37 -9.15
C SER B 67 -22.90 -7.87 -8.90
N LEU B 68 -21.78 -8.57 -9.06
CA LEU B 68 -21.74 -10.02 -8.90
C LEU B 68 -22.58 -10.72 -9.98
N LEU B 69 -22.77 -12.02 -9.84
CA LEU B 69 -23.53 -12.78 -10.82
C LEU B 69 -24.88 -13.15 -10.24
N ALA B 70 -24.86 -13.72 -9.03
CA ALA B 70 -26.05 -14.22 -8.36
C ALA B 70 -26.72 -15.32 -9.17
N PRO B 71 -26.23 -16.56 -9.05
CA PRO B 71 -26.75 -17.73 -9.77
C PRO B 71 -28.04 -18.26 -9.15
N VAL B 72 -28.63 -17.46 -8.28
CA VAL B 72 -29.87 -17.83 -7.61
C VAL B 72 -31.07 -17.35 -8.44
N ALA B 73 -32.19 -18.08 -8.32
CA ALA B 73 -33.45 -17.75 -8.98
C ALA B 73 -33.38 -18.03 -10.48
N ARG B 74 -32.28 -18.64 -10.92
CA ARG B 74 -32.13 -19.00 -12.32
C ARG B 74 -31.27 -20.25 -12.41
N ASN B 75 -31.73 -21.22 -13.19
CA ASN B 75 -31.01 -22.50 -13.32
C ASN B 75 -30.04 -22.46 -14.50
N GLY B 76 -28.82 -22.03 -14.23
CA GLY B 76 -27.79 -21.97 -15.24
C GLY B 76 -28.17 -21.06 -16.40
N ARG B 77 -28.32 -21.66 -17.57
CA ARG B 77 -28.64 -20.91 -18.78
C ARG B 77 -30.12 -21.05 -19.11
N LEU B 78 -30.94 -20.18 -18.52
CA LEU B 78 -32.36 -20.11 -18.82
C LEU B 78 -32.79 -18.66 -18.92
N GLY A 1 1.93 28.39 22.45
CA GLY A 1 3.16 27.56 22.53
C GLY A 1 2.92 26.17 21.97
N PRO A 2 3.84 25.22 22.22
CA PRO A 2 3.71 23.86 21.73
C PRO A 2 2.88 22.98 22.66
N LEU A 3 1.81 22.42 22.12
CA LEU A 3 0.95 21.51 22.87
C LEU A 3 1.30 20.06 22.54
N GLY A 4 2.24 19.90 21.62
CA GLY A 4 2.68 18.58 21.22
C GLY A 4 3.67 18.63 20.09
N SER A 5 4.33 17.52 19.83
CA SER A 5 5.30 17.43 18.74
C SER A 5 4.69 16.64 17.58
N SER A 6 4.67 17.24 16.40
CA SER A 6 3.99 16.63 15.26
C SER A 6 4.92 16.47 14.06
N ALA A 7 4.50 15.61 13.12
CA ALA A 7 5.22 15.33 11.88
C ALA A 7 6.49 14.50 12.10
N GLY A 8 7.47 15.07 12.80
CA GLY A 8 8.73 14.37 13.02
C GLY A 8 8.55 13.04 13.70
N ALA A 9 7.67 12.99 14.69
CA ALA A 9 7.36 11.75 15.39
C ALA A 9 6.83 10.69 14.41
N LEU A 10 5.93 11.12 13.53
CA LEU A 10 5.37 10.23 12.53
C LEU A 10 6.44 9.80 11.54
N LEU A 11 7.20 10.78 11.07
CA LEU A 11 8.27 10.55 10.11
C LEU A 11 9.31 9.58 10.68
N ALA A 12 9.75 9.84 11.91
CA ALA A 12 10.73 8.99 12.58
C ALA A 12 10.25 7.56 12.64
N HIS A 13 8.99 7.39 13.02
CA HIS A 13 8.43 6.09 13.26
C HIS A 13 8.16 5.36 11.94
N ALA A 14 7.90 6.12 10.89
CA ALA A 14 7.72 5.55 9.57
C ALA A 14 9.07 5.16 8.96
N ALA A 15 10.06 6.03 9.15
CA ALA A 15 11.40 5.80 8.64
C ALA A 15 12.06 4.62 9.32
N SER A 16 11.91 4.55 10.64
CA SER A 16 12.52 3.49 11.43
C SER A 16 11.88 2.15 11.11
N LEU A 17 10.61 2.18 10.74
CA LEU A 17 9.91 0.97 10.36
C LEU A 17 10.15 0.63 8.89
N GLY A 18 10.43 1.64 8.10
CA GLY A 18 10.74 1.44 6.70
C GLY A 18 9.51 1.45 5.81
N VAL A 19 8.46 2.13 6.26
CA VAL A 19 7.26 2.28 5.45
C VAL A 19 7.53 3.28 4.33
N ARG A 20 7.54 2.80 3.10
CA ARG A 20 7.86 3.64 1.95
C ARG A 20 6.73 3.59 0.92
N LEU A 21 6.38 4.76 0.39
CA LEU A 21 5.38 4.86 -0.68
C LEU A 21 5.90 5.75 -1.80
N TRP A 22 5.77 5.27 -3.02
CA TRP A 22 6.18 6.04 -4.20
C TRP A 22 5.34 5.63 -5.40
N VAL A 23 5.15 6.53 -6.34
CA VAL A 23 4.37 6.21 -7.53
C VAL A 23 5.29 5.86 -8.70
N GLU A 24 5.05 4.71 -9.29
CA GLU A 24 5.87 4.24 -10.39
C GLU A 24 4.99 3.96 -11.60
N GLY A 25 5.07 4.84 -12.59
CA GLY A 25 4.22 4.72 -13.76
C GLY A 25 2.80 5.16 -13.46
N GLU A 26 1.88 4.20 -13.39
CA GLU A 26 0.51 4.50 -13.03
C GLU A 26 0.20 3.98 -11.64
N ARG A 27 1.11 3.23 -11.07
CA ARG A 27 0.82 2.53 -9.83
C ARG A 27 1.68 3.01 -8.67
N LEU A 28 1.03 3.23 -7.55
CA LEU A 28 1.71 3.52 -6.31
C LEU A 28 2.27 2.22 -5.75
N ARG A 29 3.56 2.20 -5.48
CA ARG A 29 4.22 1.03 -4.94
C ARG A 29 4.37 1.17 -3.44
N PHE A 30 4.06 0.11 -2.72
CA PHE A 30 4.10 0.15 -1.26
C PHE A 30 5.22 -0.74 -0.73
N GLN A 31 6.01 -0.21 0.17
CA GLN A 31 7.04 -0.99 0.83
C GLN A 31 6.84 -0.94 2.34
N ALA A 32 6.54 -2.09 2.91
CA ALA A 32 6.35 -2.19 4.36
C ALA A 32 6.71 -3.58 4.85
N PRO A 33 7.60 -3.67 5.85
CA PRO A 33 8.00 -4.94 6.45
C PRO A 33 6.83 -5.62 7.15
N PRO A 34 6.90 -6.95 7.33
CA PRO A 34 5.83 -7.72 7.95
C PRO A 34 5.54 -7.27 9.38
N GLY A 35 4.29 -6.89 9.62
CA GLY A 35 3.87 -6.52 10.96
C GLY A 35 3.55 -5.03 11.08
N VAL A 36 4.30 -4.19 10.40
CA VAL A 36 4.16 -2.75 10.57
C VAL A 36 2.95 -2.20 9.84
N MET A 37 2.41 -2.98 8.92
CA MET A 37 1.33 -2.51 8.06
C MET A 37 -0.02 -2.59 8.78
N THR A 38 0.01 -2.63 10.11
CA THR A 38 -1.21 -2.67 10.91
C THR A 38 -2.18 -1.56 10.49
N PRO A 39 -3.49 -1.86 10.49
CA PRO A 39 -4.52 -0.93 10.01
C PRO A 39 -4.42 0.45 10.68
N GLU A 40 -4.02 0.48 11.94
CA GLU A 40 -3.91 1.73 12.67
C GLU A 40 -2.74 2.54 12.16
N LEU A 41 -1.69 1.85 11.66
CA LEU A 41 -0.52 2.52 11.10
C LEU A 41 -0.88 3.13 9.76
N GLN A 42 -1.72 2.43 9.04
CA GLN A 42 -2.23 2.90 7.77
C GLN A 42 -2.96 4.23 7.98
N SER A 43 -3.65 4.34 9.11
CA SER A 43 -4.32 5.57 9.50
C SER A 43 -3.31 6.63 9.92
N ARG A 44 -2.17 6.18 10.46
CA ARG A 44 -1.09 7.10 10.86
C ARG A 44 -0.54 7.81 9.63
N LEU A 45 -0.33 7.03 8.57
CA LEU A 45 0.16 7.56 7.30
C LEU A 45 -0.88 8.54 6.74
N GLY A 46 -2.15 8.16 6.85
CA GLY A 46 -3.23 9.06 6.51
C GLY A 46 -3.56 9.06 5.03
N GLY A 47 -2.60 8.65 4.22
CA GLY A 47 -2.78 8.65 2.79
C GLY A 47 -2.79 10.06 2.22
N ALA A 48 -2.24 11.01 2.97
CA ALA A 48 -2.20 12.38 2.51
C ALA A 48 -1.03 12.59 1.56
N ARG A 49 -1.22 13.48 0.60
CA ARG A 49 -0.23 13.67 -0.45
C ARG A 49 1.03 14.34 0.07
N HIS A 50 0.87 15.47 0.76
CA HIS A 50 2.00 16.22 1.29
C HIS A 50 2.78 15.38 2.29
N GLU A 51 2.05 14.52 2.99
CA GLU A 51 2.62 13.69 4.02
C GLU A 51 3.45 12.59 3.38
N LEU A 52 2.91 11.99 2.33
CA LEU A 52 3.60 10.94 1.61
C LEU A 52 4.79 11.48 0.82
N ILE A 53 4.73 12.77 0.46
CA ILE A 53 5.86 13.42 -0.18
C ILE A 53 7.06 13.41 0.74
N ALA A 54 6.85 13.82 1.99
CA ALA A 54 7.92 13.80 2.99
C ALA A 54 8.28 12.36 3.35
N LEU A 55 7.29 11.48 3.22
CA LEU A 55 7.46 10.07 3.56
C LEU A 55 8.38 9.41 2.56
N LEU A 56 8.22 9.78 1.30
CA LEU A 56 9.02 9.27 0.25
C LEU A 56 10.38 9.98 0.23
N ARG A 57 10.38 11.24 0.65
CA ARG A 57 11.61 12.00 0.74
C ARG A 57 12.54 11.40 1.80
N GLN A 58 11.95 10.67 2.75
CA GLN A 58 12.72 10.05 3.83
C GLN A 58 13.74 9.06 3.27
N LEU A 59 13.43 8.43 2.14
CA LEU A 59 14.37 7.46 1.56
C LEU A 59 15.06 8.03 0.32
N GLN A 60 14.80 9.30 0.03
CA GLN A 60 15.43 9.98 -1.08
C GLN A 60 16.76 10.59 -0.63
N PRO A 61 17.76 10.59 -1.52
CA PRO A 61 19.09 11.14 -1.22
C PRO A 61 19.06 12.64 -0.99
N SER A 62 18.07 13.31 -1.56
CA SER A 62 17.94 14.74 -1.40
C SER A 62 17.06 15.06 -0.19
N SER A 63 17.70 15.51 0.87
CA SER A 63 17.00 15.86 2.10
C SER A 63 17.53 17.17 2.65
N GLN A 64 18.86 17.24 2.80
CA GLN A 64 19.56 18.45 3.24
C GLN A 64 19.27 18.78 4.70
N GLY A 65 20.30 18.68 5.54
CA GLY A 65 20.13 18.92 6.95
C GLY A 65 20.90 20.15 7.40
N GLY A 66 21.25 21.01 6.45
CA GLY A 66 22.00 22.22 6.77
C GLY A 66 21.12 23.32 7.31
N SER A 67 20.31 22.99 8.31
CA SER A 67 19.45 23.98 8.96
C SER A 67 19.29 23.64 10.43
N LEU A 68 20.04 22.65 10.89
CA LEU A 68 20.02 22.24 12.28
C LEU A 68 21.20 22.83 13.02
N LEU A 69 20.92 23.79 13.91
CA LEU A 69 21.96 24.49 14.66
C LEU A 69 22.86 25.29 13.70
N ALA A 70 23.93 25.87 14.25
CA ALA A 70 24.95 26.59 13.47
C ALA A 70 24.45 27.94 12.97
N PRO A 71 25.24 28.99 13.20
CA PRO A 71 24.94 30.34 12.73
C PRO A 71 25.40 30.52 11.29
N VAL A 72 24.82 29.72 10.41
CA VAL A 72 25.21 29.70 9.00
C VAL A 72 24.72 30.97 8.29
N ALA A 73 25.68 31.86 8.01
CA ALA A 73 25.43 33.15 7.36
C ALA A 73 24.44 33.99 8.16
N ARG A 74 23.16 33.81 7.88
CA ARG A 74 22.08 34.51 8.58
C ARG A 74 20.75 33.87 8.22
N ASN A 75 20.81 32.64 7.72
CA ASN A 75 19.65 31.95 7.15
C ASN A 75 19.09 32.75 5.97
N GLY A 76 19.60 32.45 4.78
CA GLY A 76 19.14 33.14 3.59
C GLY A 76 17.80 32.65 3.15
N ARG A 77 16.97 33.56 2.67
CA ARG A 77 15.63 33.21 2.27
C ARG A 77 15.57 32.86 0.79
N LEU A 78 15.31 31.59 0.50
CA LEU A 78 15.13 31.14 -0.88
C LEU A 78 13.67 31.27 -1.27
N GLY B 1 -8.41 -23.11 -6.73
CA GLY B 1 -9.14 -22.29 -7.73
C GLY B 1 -10.22 -23.09 -8.43
N PRO B 2 -11.25 -22.41 -8.97
CA PRO B 2 -12.35 -23.07 -9.69
C PRO B 2 -11.86 -23.73 -10.99
N LEU B 3 -10.81 -23.17 -11.57
CA LEU B 3 -10.22 -23.71 -12.79
C LEU B 3 -8.79 -23.21 -12.94
N GLY B 4 -8.64 -21.97 -13.37
CA GLY B 4 -7.31 -21.40 -13.53
C GLY B 4 -7.22 -20.58 -14.80
N SER B 5 -8.21 -19.75 -15.04
CA SER B 5 -8.31 -18.99 -16.26
C SER B 5 -8.43 -17.50 -15.97
N SER B 6 -8.00 -17.09 -14.79
CA SER B 6 -8.15 -15.70 -14.36
C SER B 6 -7.19 -15.38 -13.21
N ALA B 7 -6.09 -16.12 -13.12
CA ALA B 7 -5.12 -15.97 -12.03
C ALA B 7 -5.79 -16.25 -10.68
N GLY B 8 -6.61 -17.30 -10.67
CA GLY B 8 -7.39 -17.63 -9.49
C GLY B 8 -6.52 -17.92 -8.27
N ALA B 9 -5.36 -18.54 -8.50
CA ALA B 9 -4.44 -18.85 -7.42
C ALA B 9 -3.97 -17.57 -6.73
N LEU B 10 -3.74 -16.53 -7.51
CA LEU B 10 -3.31 -15.24 -6.98
C LEU B 10 -4.48 -14.56 -6.30
N LEU B 11 -5.63 -14.56 -6.97
CA LEU B 11 -6.84 -13.92 -6.45
C LEU B 11 -7.23 -14.55 -5.10
N ALA B 12 -7.31 -15.87 -5.06
CA ALA B 12 -7.69 -16.58 -3.83
C ALA B 12 -6.71 -16.26 -2.70
N HIS B 13 -5.42 -16.22 -3.04
CA HIS B 13 -4.38 -15.93 -2.06
C HIS B 13 -4.50 -14.50 -1.54
N ALA B 14 -4.80 -13.56 -2.42
CA ALA B 14 -4.95 -12.17 -2.05
C ALA B 14 -6.23 -11.94 -1.26
N ALA B 15 -7.31 -12.56 -1.73
CA ALA B 15 -8.61 -12.42 -1.09
C ALA B 15 -8.60 -12.96 0.33
N SER B 16 -8.03 -14.15 0.50
CA SER B 16 -7.99 -14.81 1.79
C SER B 16 -7.17 -14.03 2.80
N LEU B 17 -6.18 -13.28 2.31
CA LEU B 17 -5.35 -12.46 3.18
C LEU B 17 -5.99 -11.10 3.41
N GLY B 18 -6.83 -10.69 2.47
CA GLY B 18 -7.52 -9.42 2.61
C GLY B 18 -6.73 -8.26 2.05
N VAL B 19 -5.86 -8.54 1.09
CA VAL B 19 -5.08 -7.49 0.44
C VAL B 19 -5.97 -6.74 -0.54
N ARG B 20 -6.26 -5.48 -0.23
CA ARG B 20 -7.17 -4.68 -1.04
C ARG B 20 -6.52 -3.38 -1.48
N LEU B 21 -6.76 -3.00 -2.72
CA LEU B 21 -6.27 -1.73 -3.25
C LEU B 21 -7.37 -1.03 -4.03
N TRP B 22 -7.52 0.27 -3.80
CA TRP B 22 -8.51 1.07 -4.50
C TRP B 22 -8.06 2.52 -4.55
N VAL B 23 -8.53 3.26 -5.54
CA VAL B 23 -8.16 4.66 -5.66
C VAL B 23 -9.27 5.55 -5.11
N GLU B 24 -8.91 6.40 -4.15
CA GLU B 24 -9.88 7.29 -3.52
C GLU B 24 -9.43 8.73 -3.75
N GLY B 25 -10.10 9.40 -4.69
CA GLY B 25 -9.71 10.74 -5.04
C GLY B 25 -8.47 10.75 -5.92
N GLU B 26 -7.36 11.21 -5.37
CA GLU B 26 -6.10 11.20 -6.10
C GLU B 26 -5.17 10.14 -5.52
N ARG B 27 -5.57 9.53 -4.42
CA ARG B 27 -4.67 8.68 -3.68
C ARG B 27 -5.16 7.24 -3.63
N LEU B 28 -4.30 6.32 -4.01
CA LEU B 28 -4.58 4.90 -3.91
C LEU B 28 -4.49 4.48 -2.45
N ARG B 29 -5.54 3.85 -1.95
CA ARG B 29 -5.59 3.41 -0.57
C ARG B 29 -5.26 1.92 -0.51
N PHE B 30 -4.41 1.55 0.44
CA PHE B 30 -3.97 0.18 0.56
C PHE B 30 -4.53 -0.44 1.84
N GLN B 31 -5.04 -1.65 1.71
CA GLN B 31 -5.51 -2.40 2.86
C GLN B 31 -4.81 -3.75 2.92
N ALA B 32 -3.98 -3.94 3.92
CA ALA B 32 -3.28 -5.20 4.09
C ALA B 32 -3.00 -5.45 5.57
N PRO B 33 -3.49 -6.59 6.09
CA PRO B 33 -3.26 -7.00 7.48
C PRO B 33 -1.77 -7.16 7.78
N PRO B 34 -1.38 -6.99 9.05
CA PRO B 34 0.02 -7.08 9.46
C PRO B 34 0.64 -8.44 9.10
N GLY B 35 1.73 -8.38 8.34
CA GLY B 35 2.46 -9.59 8.00
C GLY B 35 2.36 -9.97 6.54
N VAL B 36 1.19 -9.75 5.95
CA VAL B 36 0.96 -10.18 4.56
C VAL B 36 1.56 -9.19 3.56
N MET B 37 2.05 -8.06 4.06
CA MET B 37 2.57 -7.02 3.19
C MET B 37 4.03 -7.29 2.81
N THR B 38 4.46 -8.53 2.96
CA THR B 38 5.82 -8.94 2.62
C THR B 38 6.20 -8.49 1.21
N PRO B 39 7.45 -8.05 1.02
CA PRO B 39 7.94 -7.51 -0.26
C PRO B 39 7.68 -8.45 -1.45
N GLU B 40 7.75 -9.75 -1.20
CA GLU B 40 7.56 -10.71 -2.27
C GLU B 40 6.08 -10.77 -2.68
N LEU B 41 5.19 -10.49 -1.72
CA LEU B 41 3.76 -10.47 -2.00
C LEU B 41 3.40 -9.23 -2.78
N GLN B 42 4.13 -8.15 -2.52
CA GLN B 42 4.00 -6.92 -3.29
C GLN B 42 4.34 -7.21 -4.75
N SER B 43 5.33 -8.08 -4.94
CA SER B 43 5.73 -8.50 -6.26
C SER B 43 4.67 -9.43 -6.89
N ARG B 44 3.97 -10.17 -6.03
CA ARG B 44 2.89 -11.05 -6.50
C ARG B 44 1.78 -10.22 -7.13
N LEU B 45 1.39 -9.17 -6.43
CA LEU B 45 0.37 -8.25 -6.91
C LEU B 45 0.80 -7.65 -8.24
N GLY B 46 2.08 -7.27 -8.29
CA GLY B 46 2.67 -6.80 -9.54
C GLY B 46 2.43 -5.33 -9.79
N GLY B 47 1.37 -4.80 -9.21
CA GLY B 47 1.02 -3.41 -9.41
C GLY B 47 0.38 -3.16 -10.77
N ALA B 48 -0.01 -4.23 -11.44
CA ALA B 48 -0.62 -4.11 -12.76
C ALA B 48 -2.04 -3.58 -12.62
N ARG B 49 -2.49 -2.83 -13.63
CA ARG B 49 -3.80 -2.22 -13.57
C ARG B 49 -4.94 -3.24 -13.66
N HIS B 50 -4.89 -4.11 -14.66
CA HIS B 50 -5.94 -5.12 -14.84
C HIS B 50 -5.99 -6.08 -13.66
N GLU B 51 -4.84 -6.33 -13.05
CA GLU B 51 -4.77 -7.26 -11.94
C GLU B 51 -5.43 -6.66 -10.71
N LEU B 52 -5.19 -5.37 -10.50
CA LEU B 52 -5.76 -4.68 -9.34
C LEU B 52 -7.24 -4.39 -9.54
N ILE B 53 -7.68 -4.32 -10.79
CA ILE B 53 -9.10 -4.20 -11.08
C ILE B 53 -9.83 -5.43 -10.56
N ALA B 54 -9.30 -6.62 -10.86
CA ALA B 54 -9.87 -7.86 -10.36
C ALA B 54 -9.66 -7.96 -8.85
N LEU B 55 -8.52 -7.47 -8.38
CA LEU B 55 -8.21 -7.43 -6.96
C LEU B 55 -9.24 -6.59 -6.21
N LEU B 56 -9.57 -5.44 -6.76
CA LEU B 56 -10.59 -4.57 -6.19
C LEU B 56 -11.98 -5.21 -6.31
N ARG B 57 -12.19 -5.91 -7.41
CA ARG B 57 -13.47 -6.57 -7.65
C ARG B 57 -13.73 -7.68 -6.63
N GLN B 58 -12.67 -8.19 -6.02
CA GLN B 58 -12.79 -9.28 -5.06
C GLN B 58 -13.64 -8.87 -3.85
N LEU B 59 -13.59 -7.59 -3.47
CA LEU B 59 -14.35 -7.13 -2.32
C LEU B 59 -15.57 -6.31 -2.75
N GLN B 60 -15.80 -6.23 -4.06
CA GLN B 60 -16.96 -5.53 -4.59
C GLN B 60 -18.17 -6.46 -4.62
N PRO B 61 -19.37 -5.91 -4.39
CA PRO B 61 -20.61 -6.69 -4.39
C PRO B 61 -20.98 -7.19 -5.79
N SER B 62 -20.39 -6.59 -6.81
CA SER B 62 -20.65 -6.99 -8.18
C SER B 62 -19.55 -7.93 -8.67
N SER B 63 -19.87 -9.21 -8.71
CA SER B 63 -18.93 -10.23 -9.16
C SER B 63 -19.60 -11.19 -10.13
N GLN B 64 -20.79 -11.66 -9.75
CA GLN B 64 -21.63 -12.50 -10.60
C GLN B 64 -20.97 -13.85 -10.89
N GLY B 65 -21.38 -14.87 -10.14
CA GLY B 65 -20.83 -16.20 -10.33
C GLY B 65 -21.71 -17.09 -11.18
N GLY B 66 -22.56 -16.48 -11.99
CA GLY B 66 -23.48 -17.23 -12.83
C GLY B 66 -22.82 -17.74 -14.11
N SER B 67 -21.68 -18.38 -13.97
CA SER B 67 -20.96 -18.94 -15.11
C SER B 67 -20.17 -20.17 -14.68
N LEU B 68 -20.53 -20.73 -13.53
CA LEU B 68 -19.89 -21.92 -13.01
C LEU B 68 -20.85 -23.09 -13.08
N LEU B 69 -20.52 -24.07 -13.92
CA LEU B 69 -21.38 -25.24 -14.15
C LEU B 69 -22.73 -24.83 -14.76
N ALA B 70 -23.68 -25.75 -14.75
CA ALA B 70 -25.01 -25.53 -15.33
C ALA B 70 -24.92 -25.16 -16.81
N PRO B 71 -24.73 -26.17 -17.68
CA PRO B 71 -24.53 -25.94 -19.12
C PRO B 71 -25.85 -25.81 -19.88
N VAL B 72 -26.90 -25.49 -19.15
CA VAL B 72 -28.22 -25.37 -19.76
C VAL B 72 -28.35 -24.09 -20.56
N ALA B 73 -28.16 -24.21 -21.87
CA ALA B 73 -28.34 -23.12 -22.80
C ALA B 73 -28.89 -23.66 -24.11
N ARG B 74 -28.05 -24.41 -24.82
CA ARG B 74 -28.45 -25.09 -26.05
C ARG B 74 -27.27 -25.84 -26.65
N ASN B 75 -26.07 -25.29 -26.48
CA ASN B 75 -24.87 -25.89 -27.05
C ASN B 75 -24.35 -26.98 -26.11
N GLY B 76 -25.08 -28.08 -26.07
CA GLY B 76 -24.73 -29.20 -25.25
C GLY B 76 -25.44 -30.44 -25.73
N ARG B 77 -25.63 -30.52 -27.03
CA ARG B 77 -26.37 -31.61 -27.65
C ARG B 77 -25.44 -32.43 -28.54
N LEU B 78 -24.55 -31.74 -29.25
CA LEU B 78 -23.57 -32.39 -30.09
C LEU B 78 -22.19 -32.26 -29.46
N GLY A 1 -0.79 18.15 14.58
CA GLY A 1 -1.89 19.14 14.46
C GLY A 1 -1.40 20.44 13.88
N PRO A 2 -2.26 21.48 13.87
CA PRO A 2 -1.90 22.81 13.35
C PRO A 2 -0.87 23.51 14.24
N LEU A 3 -0.94 23.23 15.54
CA LEU A 3 0.00 23.76 16.50
C LEU A 3 1.08 22.73 16.77
N GLY A 4 2.25 22.95 16.18
CA GLY A 4 3.29 21.95 16.18
C GLY A 4 3.38 21.29 14.82
N SER A 5 3.04 20.02 14.77
CA SER A 5 2.98 19.29 13.50
C SER A 5 2.62 17.83 13.73
N SER A 6 3.28 17.23 14.72
CA SER A 6 3.18 15.79 14.98
C SER A 6 3.83 15.00 13.85
N ALA A 7 4.49 15.73 12.95
CA ALA A 7 5.14 15.13 11.79
C ALA A 7 6.34 14.30 12.23
N GLY A 8 7.09 14.82 13.19
CA GLY A 8 8.24 14.12 13.72
C GLY A 8 7.88 12.74 14.24
N ALA A 9 6.75 12.64 14.91
CA ALA A 9 6.29 11.36 15.44
C ALA A 9 5.99 10.38 14.32
N LEU A 10 5.24 10.84 13.32
CA LEU A 10 4.89 10.01 12.18
C LEU A 10 6.14 9.67 11.36
N LEU A 11 6.95 10.67 11.11
CA LEU A 11 8.17 10.52 10.33
C LEU A 11 9.11 9.53 11.02
N ALA A 12 9.33 9.73 12.32
CA ALA A 12 10.23 8.89 13.08
C ALA A 12 9.80 7.42 13.05
N HIS A 13 8.52 7.17 13.31
CA HIS A 13 8.04 5.80 13.44
C HIS A 13 7.92 5.13 12.08
N ALA A 14 7.69 5.93 11.04
CA ALA A 14 7.60 5.40 9.69
C ALA A 14 9.01 5.10 9.15
N ALA A 15 9.97 5.94 9.52
CA ALA A 15 11.35 5.77 9.08
C ALA A 15 12.02 4.60 9.78
N SER A 16 11.68 4.41 11.05
CA SER A 16 12.24 3.31 11.83
C SER A 16 11.78 1.97 11.27
N LEU A 17 10.50 1.90 10.90
CA LEU A 17 9.95 0.69 10.30
C LEU A 17 10.36 0.60 8.83
N GLY A 18 10.62 1.76 8.24
CA GLY A 18 11.06 1.82 6.87
C GLY A 18 9.95 1.62 5.86
N VAL A 19 8.81 2.23 6.13
CA VAL A 19 7.73 2.25 5.14
C VAL A 19 8.17 3.09 3.95
N ARG A 20 7.92 2.61 2.74
CA ARG A 20 8.33 3.31 1.52
C ARG A 20 7.16 3.42 0.55
N LEU A 21 6.84 4.63 0.07
CA LEU A 21 5.83 4.78 -0.97
C LEU A 21 6.30 5.71 -2.08
N TRP A 22 6.43 5.16 -3.28
CA TRP A 22 6.88 5.93 -4.42
C TRP A 22 5.93 5.72 -5.57
N VAL A 23 5.79 6.72 -6.42
CA VAL A 23 4.81 6.65 -7.49
C VAL A 23 5.48 6.25 -8.81
N GLU A 24 4.90 5.24 -9.45
CA GLU A 24 5.38 4.79 -10.74
C GLU A 24 4.25 4.92 -11.75
N GLY A 25 4.46 5.76 -12.74
CA GLY A 25 3.37 6.14 -13.61
C GLY A 25 2.38 7.00 -12.85
N GLU A 26 1.22 6.46 -12.58
CA GLU A 26 0.26 7.13 -11.72
C GLU A 26 0.00 6.31 -10.46
N ARG A 27 0.42 5.05 -10.47
CA ARG A 27 0.10 4.15 -9.39
C ARG A 27 1.20 4.15 -8.32
N LEU A 28 0.77 4.01 -7.09
CA LEU A 28 1.66 4.03 -5.94
C LEU A 28 2.22 2.63 -5.69
N ARG A 29 3.54 2.54 -5.57
CA ARG A 29 4.19 1.30 -5.20
C ARG A 29 4.47 1.30 -3.71
N PHE A 30 4.08 0.24 -3.04
CA PHE A 30 4.13 0.21 -1.59
C PHE A 30 5.15 -0.81 -1.09
N GLN A 31 5.99 -0.39 -0.16
CA GLN A 31 6.96 -1.27 0.45
C GLN A 31 6.90 -1.15 1.97
N ALA A 32 6.69 -2.27 2.65
CA ALA A 32 6.57 -2.29 4.09
C ALA A 32 6.99 -3.63 4.66
N PRO A 33 7.74 -3.63 5.76
CA PRO A 33 8.14 -4.84 6.45
C PRO A 33 6.94 -5.54 7.09
N PRO A 34 7.03 -6.84 7.30
CA PRO A 34 5.92 -7.64 7.82
C PRO A 34 5.48 -7.20 9.21
N GLY A 35 4.21 -6.83 9.32
CA GLY A 35 3.64 -6.50 10.63
C GLY A 35 3.30 -5.04 10.77
N VAL A 36 4.03 -4.16 10.07
CA VAL A 36 3.89 -2.72 10.27
C VAL A 36 2.73 -2.12 9.47
N MET A 37 2.18 -2.90 8.55
CA MET A 37 1.16 -2.39 7.64
C MET A 37 -0.24 -2.42 8.26
N THR A 38 -0.29 -2.47 9.59
CA THR A 38 -1.55 -2.52 10.32
C THR A 38 -2.49 -1.38 9.89
N PRO A 39 -3.81 -1.64 9.91
CA PRO A 39 -4.82 -0.68 9.45
C PRO A 39 -4.68 0.70 10.08
N GLU A 40 -4.24 0.75 11.34
CA GLU A 40 -4.08 2.03 12.02
C GLU A 40 -2.90 2.79 11.44
N LEU A 41 -1.86 2.07 11.05
CA LEU A 41 -0.67 2.70 10.47
C LEU A 41 -1.03 3.38 9.17
N GLN A 42 -1.85 2.69 8.38
CA GLN A 42 -2.36 3.26 7.14
C GLN A 42 -3.13 4.54 7.43
N SER A 43 -3.88 4.54 8.54
CA SER A 43 -4.61 5.71 8.99
C SER A 43 -3.64 6.81 9.43
N ARG A 44 -2.46 6.40 9.90
CA ARG A 44 -1.42 7.35 10.28
C ARG A 44 -0.78 7.96 9.03
N LEU A 45 -0.51 7.10 8.04
CA LEU A 45 0.03 7.56 6.76
C LEU A 45 -0.96 8.50 6.09
N GLY A 46 -2.23 8.11 6.14
CA GLY A 46 -3.30 8.96 5.67
C GLY A 46 -3.52 8.85 4.17
N GLY A 47 -2.49 8.43 3.46
CA GLY A 47 -2.56 8.36 2.01
C GLY A 47 -2.52 9.74 1.38
N ALA A 48 -2.10 10.73 2.17
CA ALA A 48 -2.03 12.09 1.70
C ALA A 48 -0.83 12.28 0.79
N ARG A 49 -0.96 13.18 -0.16
CA ARG A 49 0.07 13.37 -1.20
C ARG A 49 1.33 13.99 -0.62
N HIS A 50 1.19 15.09 0.11
CA HIS A 50 2.34 15.77 0.68
C HIS A 50 3.06 14.85 1.67
N GLU A 51 2.27 14.02 2.35
CA GLU A 51 2.79 13.13 3.36
C GLU A 51 3.66 12.07 2.73
N LEU A 52 3.15 11.48 1.66
CA LEU A 52 3.86 10.40 1.00
C LEU A 52 5.17 10.89 0.39
N ILE A 53 5.19 12.15 -0.03
CA ILE A 53 6.41 12.77 -0.53
C ILE A 53 7.48 12.77 0.56
N ALA A 54 7.05 13.12 1.77
CA ALA A 54 7.94 13.18 2.92
C ALA A 54 8.34 11.77 3.34
N LEU A 55 7.42 10.84 3.12
CA LEU A 55 7.63 9.45 3.45
C LEU A 55 8.76 8.92 2.57
N LEU A 56 8.75 9.39 1.34
CA LEU A 56 9.78 9.13 0.39
C LEU A 56 11.08 9.83 0.74
N ARG A 57 10.97 11.06 1.22
CA ARG A 57 12.13 11.82 1.69
C ARG A 57 12.97 11.02 2.68
N GLN A 58 12.32 10.12 3.42
CA GLN A 58 13.04 9.18 4.30
C GLN A 58 14.09 8.41 3.52
N LEU A 59 13.67 7.89 2.37
CA LEU A 59 14.52 7.04 1.54
C LEU A 59 15.39 7.89 0.62
N GLN A 60 14.85 9.03 0.22
CA GLN A 60 15.51 9.89 -0.75
C GLN A 60 16.67 10.64 -0.11
N PRO A 61 17.90 10.41 -0.61
CA PRO A 61 19.10 11.08 -0.09
C PRO A 61 19.11 12.56 -0.42
N SER A 62 19.55 13.38 0.53
CA SER A 62 19.60 14.81 0.32
C SER A 62 21.03 15.25 -0.03
N SER A 63 21.98 14.34 0.19
CA SER A 63 23.41 14.64 -0.04
C SER A 63 23.88 15.74 0.90
N GLN A 64 24.43 15.34 2.04
CA GLN A 64 24.77 16.28 3.10
C GLN A 64 26.27 16.55 3.11
N GLY A 65 27.04 15.53 3.46
CA GLY A 65 28.46 15.69 3.59
C GLY A 65 28.88 15.93 5.02
N GLY A 66 30.09 16.44 5.22
CA GLY A 66 30.58 16.69 6.55
C GLY A 66 31.59 15.65 7.00
N SER A 67 32.84 16.08 7.14
CA SER A 67 33.89 15.21 7.62
C SER A 67 35.08 16.02 8.13
N LEU A 68 35.20 16.10 9.44
CA LEU A 68 36.35 16.76 10.07
C LEU A 68 37.05 15.78 11.00
N LEU A 69 36.63 14.53 10.94
CA LEU A 69 37.17 13.49 11.80
C LEU A 69 38.46 12.92 11.23
N ALA A 70 38.63 13.02 9.93
CA ALA A 70 39.83 12.52 9.30
C ALA A 70 40.60 13.66 8.66
N PRO A 71 41.86 13.86 9.10
CA PRO A 71 42.70 14.97 8.63
C PRO A 71 43.37 14.64 7.31
N VAL A 72 42.63 13.97 6.44
CA VAL A 72 43.14 13.48 5.17
C VAL A 72 43.65 14.63 4.28
N ALA A 73 44.97 14.77 4.24
CA ALA A 73 45.65 15.78 3.41
C ALA A 73 45.28 17.20 3.81
N ARG A 74 44.55 17.34 4.91
CA ARG A 74 44.05 18.64 5.38
C ARG A 74 43.26 19.36 4.28
N ASN A 75 42.61 18.58 3.42
CA ASN A 75 41.83 19.15 2.33
C ASN A 75 40.59 19.85 2.88
N GLY A 76 40.67 21.17 2.96
CA GLY A 76 39.56 21.94 3.47
C GLY A 76 38.41 21.99 2.49
N ARG A 77 37.34 21.28 2.82
CA ARG A 77 36.16 21.24 1.97
C ARG A 77 35.33 22.51 2.16
N LEU A 78 35.57 23.19 3.26
CA LEU A 78 34.96 24.47 3.54
C LEU A 78 36.00 25.43 4.09
N GLY B 1 -14.72 -14.90 0.71
CA GLY B 1 -14.03 -15.90 -0.14
C GLY B 1 -13.51 -15.28 -1.41
N PRO B 2 -12.77 -16.05 -2.24
CA PRO B 2 -12.19 -15.55 -3.49
C PRO B 2 -13.24 -15.23 -4.55
N LEU B 3 -13.32 -13.97 -4.94
CA LEU B 3 -14.24 -13.53 -5.98
C LEU B 3 -13.52 -12.69 -7.03
N GLY B 4 -13.86 -12.91 -8.29
CA GLY B 4 -13.24 -12.17 -9.37
C GLY B 4 -12.11 -12.95 -10.01
N SER B 5 -11.83 -12.66 -11.28
CA SER B 5 -10.75 -13.32 -11.98
C SER B 5 -9.49 -12.44 -11.97
N SER B 6 -8.43 -12.97 -11.39
CA SER B 6 -7.14 -12.28 -11.32
C SER B 6 -6.03 -13.31 -11.17
N ALA B 7 -6.15 -14.40 -11.93
CA ALA B 7 -5.28 -15.57 -11.78
C ALA B 7 -5.61 -16.28 -10.47
N GLY B 8 -6.08 -17.52 -10.59
CA GLY B 8 -6.61 -18.27 -9.46
C GLY B 8 -5.72 -18.24 -8.23
N ALA B 9 -4.43 -18.53 -8.41
CA ALA B 9 -3.50 -18.57 -7.29
C ALA B 9 -3.37 -17.21 -6.62
N LEU B 10 -3.17 -16.17 -7.43
CA LEU B 10 -3.02 -14.81 -6.92
C LEU B 10 -4.31 -14.36 -6.24
N LEU B 11 -5.43 -14.59 -6.90
CA LEU B 11 -6.72 -14.17 -6.38
C LEU B 11 -7.02 -14.89 -5.07
N ALA B 12 -6.82 -16.21 -5.05
CA ALA B 12 -7.15 -17.02 -3.88
C ALA B 12 -6.33 -16.59 -2.66
N HIS B 13 -5.02 -16.44 -2.83
CA HIS B 13 -4.16 -16.14 -1.69
C HIS B 13 -4.31 -14.68 -1.24
N ALA B 14 -4.68 -13.80 -2.17
CA ALA B 14 -4.89 -12.41 -1.82
C ALA B 14 -6.23 -12.21 -1.13
N ALA B 15 -7.25 -12.95 -1.58
CA ALA B 15 -8.58 -12.86 -1.00
C ALA B 15 -8.61 -13.46 0.40
N SER B 16 -7.90 -14.57 0.58
CA SER B 16 -7.84 -15.23 1.88
C SER B 16 -7.17 -14.33 2.90
N LEU B 17 -6.11 -13.64 2.49
CA LEU B 17 -5.42 -12.70 3.37
C LEU B 17 -6.22 -11.42 3.51
N GLY B 18 -7.06 -11.14 2.53
CA GLY B 18 -7.92 -9.97 2.60
C GLY B 18 -7.20 -8.70 2.24
N VAL B 19 -6.31 -8.77 1.25
CA VAL B 19 -5.61 -7.59 0.76
C VAL B 19 -6.60 -6.71 -0.01
N ARG B 20 -6.59 -5.42 0.28
CA ARG B 20 -7.53 -4.49 -0.33
C ARG B 20 -6.81 -3.26 -0.89
N LEU B 21 -7.09 -2.95 -2.15
CA LEU B 21 -6.57 -1.72 -2.76
C LEU B 21 -7.68 -1.01 -3.51
N TRP B 22 -7.93 0.24 -3.15
CA TRP B 22 -8.96 1.03 -3.83
C TRP B 22 -8.43 2.44 -4.06
N VAL B 23 -8.86 3.06 -5.14
CA VAL B 23 -8.36 4.36 -5.52
C VAL B 23 -9.29 5.48 -5.07
N GLU B 24 -8.72 6.45 -4.37
CA GLU B 24 -9.46 7.62 -3.94
C GLU B 24 -8.81 8.85 -4.58
N GLY B 25 -9.56 9.54 -5.42
CA GLY B 25 -8.98 10.56 -6.26
C GLY B 25 -8.09 9.94 -7.31
N GLU B 26 -6.79 10.11 -7.16
CA GLU B 26 -5.84 9.44 -8.03
C GLU B 26 -4.96 8.50 -7.22
N ARG B 27 -4.99 8.66 -5.90
CA ARG B 27 -4.05 7.98 -5.02
C ARG B 27 -4.66 6.69 -4.49
N LEU B 28 -3.82 5.67 -4.38
CA LEU B 28 -4.23 4.34 -4.00
C LEU B 28 -4.25 4.22 -2.47
N ARG B 29 -5.33 3.67 -1.93
CA ARG B 29 -5.43 3.36 -0.51
C ARG B 29 -5.19 1.88 -0.30
N PHE B 30 -4.33 1.54 0.63
CA PHE B 30 -3.89 0.16 0.80
C PHE B 30 -4.36 -0.40 2.15
N GLN B 31 -4.94 -1.59 2.11
CA GLN B 31 -5.37 -2.25 3.32
C GLN B 31 -4.86 -3.69 3.34
N ALA B 32 -4.08 -4.02 4.36
CA ALA B 32 -3.51 -5.35 4.45
C ALA B 32 -3.26 -5.73 5.91
N PRO B 33 -3.63 -6.96 6.30
CA PRO B 33 -3.38 -7.47 7.64
C PRO B 33 -1.88 -7.60 7.93
N PRO B 34 -1.49 -7.54 9.21
CA PRO B 34 -0.08 -7.59 9.59
C PRO B 34 0.63 -8.86 9.12
N GLY B 35 1.70 -8.66 8.36
CA GLY B 35 2.54 -9.77 7.96
C GLY B 35 2.46 -10.09 6.48
N VAL B 36 1.30 -9.86 5.88
CA VAL B 36 1.06 -10.27 4.49
C VAL B 36 1.55 -9.22 3.49
N MET B 37 2.17 -8.17 3.97
CA MET B 37 2.61 -7.08 3.10
C MET B 37 4.06 -7.27 2.67
N THR B 38 4.53 -8.50 2.78
CA THR B 38 5.91 -8.84 2.41
C THR B 38 6.26 -8.39 1.00
N PRO B 39 7.51 -7.97 0.77
CA PRO B 39 7.98 -7.46 -0.52
C PRO B 39 7.61 -8.36 -1.71
N GLU B 40 7.69 -9.68 -1.51
CA GLU B 40 7.38 -10.61 -2.58
C GLU B 40 5.90 -10.53 -2.94
N LEU B 41 5.05 -10.32 -1.95
CA LEU B 41 3.62 -10.25 -2.19
C LEU B 41 3.28 -9.00 -2.98
N GLN B 42 4.02 -7.93 -2.74
CA GLN B 42 3.87 -6.72 -3.52
C GLN B 42 4.24 -6.98 -4.98
N SER B 43 5.25 -7.81 -5.18
CA SER B 43 5.66 -8.22 -6.52
C SER B 43 4.59 -9.11 -7.14
N ARG B 44 3.93 -9.92 -6.32
CA ARG B 44 2.83 -10.77 -6.76
C ARG B 44 1.68 -9.91 -7.25
N LEU B 45 1.37 -8.86 -6.50
CA LEU B 45 0.33 -7.90 -6.89
C LEU B 45 0.77 -7.15 -8.15
N GLY B 46 2.03 -6.74 -8.17
CA GLY B 46 2.60 -6.11 -9.35
C GLY B 46 2.31 -4.64 -9.42
N GLY B 47 1.26 -4.22 -8.73
CA GLY B 47 0.82 -2.84 -8.81
C GLY B 47 0.16 -2.55 -10.14
N ALA B 48 -0.26 -3.61 -10.82
CA ALA B 48 -0.87 -3.48 -12.14
C ALA B 48 -2.30 -2.98 -12.03
N ARG B 49 -2.74 -2.26 -13.04
CA ARG B 49 -4.05 -1.61 -13.00
C ARG B 49 -5.19 -2.64 -13.07
N HIS B 50 -5.13 -3.54 -14.04
CA HIS B 50 -6.17 -4.57 -14.18
C HIS B 50 -6.18 -5.51 -12.99
N GLU B 51 -5.02 -5.72 -12.37
CA GLU B 51 -4.90 -6.61 -11.24
C GLU B 51 -5.58 -6.02 -10.01
N LEU B 52 -5.35 -4.74 -9.77
CA LEU B 52 -5.92 -4.07 -8.61
C LEU B 52 -7.43 -3.96 -8.73
N ILE B 53 -7.92 -3.90 -9.96
CA ILE B 53 -9.36 -3.90 -10.21
C ILE B 53 -9.97 -5.21 -9.73
N ALA B 54 -9.36 -6.32 -10.12
CA ALA B 54 -9.82 -7.64 -9.70
C ALA B 54 -9.59 -7.84 -8.19
N LEU B 55 -8.48 -7.28 -7.71
CA LEU B 55 -8.16 -7.28 -6.29
C LEU B 55 -9.31 -6.62 -5.53
N LEU B 56 -9.85 -5.56 -6.10
CA LEU B 56 -10.97 -4.84 -5.51
C LEU B 56 -12.26 -5.65 -5.67
N ARG B 57 -12.33 -6.46 -6.72
CA ARG B 57 -13.49 -7.31 -6.97
C ARG B 57 -13.69 -8.32 -5.84
N GLN B 58 -12.59 -8.66 -5.16
CA GLN B 58 -12.66 -9.52 -3.98
C GLN B 58 -13.58 -8.92 -2.92
N LEU B 59 -13.50 -7.60 -2.77
CA LEU B 59 -14.26 -6.89 -1.75
C LEU B 59 -15.59 -6.42 -2.32
N GLN B 60 -15.60 -6.12 -3.61
CA GLN B 60 -16.77 -5.58 -4.28
C GLN B 60 -17.83 -6.66 -4.50
N PRO B 61 -19.02 -6.49 -3.89
CA PRO B 61 -20.12 -7.45 -4.04
C PRO B 61 -20.71 -7.42 -5.45
N SER B 62 -21.01 -8.58 -5.98
CA SER B 62 -21.57 -8.70 -7.31
C SER B 62 -23.09 -8.87 -7.24
N SER B 63 -23.58 -9.20 -6.05
CA SER B 63 -25.00 -9.48 -5.83
C SER B 63 -25.42 -10.72 -6.62
N GLN B 64 -25.40 -11.86 -5.96
CA GLN B 64 -25.64 -13.14 -6.63
C GLN B 64 -27.06 -13.62 -6.39
N GLY B 65 -27.36 -13.95 -5.14
CA GLY B 65 -28.66 -14.50 -4.81
C GLY B 65 -28.63 -16.02 -4.81
N GLY B 66 -29.80 -16.63 -4.79
CA GLY B 66 -29.89 -18.08 -4.77
C GLY B 66 -30.35 -18.59 -3.42
N SER B 67 -31.60 -19.02 -3.35
CA SER B 67 -32.16 -19.53 -2.12
C SER B 67 -33.25 -20.55 -2.41
N LEU B 68 -32.94 -21.83 -2.25
CA LEU B 68 -33.92 -22.89 -2.45
C LEU B 68 -33.99 -23.80 -1.23
N LEU B 69 -33.26 -23.43 -0.19
CA LEU B 69 -33.22 -24.22 1.04
C LEU B 69 -34.43 -23.88 1.91
N ALA B 70 -34.94 -22.68 1.73
CA ALA B 70 -36.18 -22.27 2.38
C ALA B 70 -37.13 -21.66 1.35
N PRO B 71 -37.70 -22.51 0.47
CA PRO B 71 -38.59 -22.07 -0.60
C PRO B 71 -40.04 -22.02 -0.16
N VAL B 72 -40.28 -22.41 1.09
CA VAL B 72 -41.63 -22.54 1.63
C VAL B 72 -42.41 -23.54 0.78
N ALA B 73 -42.03 -24.80 0.90
CA ALA B 73 -42.65 -25.87 0.13
C ALA B 73 -43.97 -26.27 0.76
N ARG B 74 -45.05 -25.71 0.24
CA ARG B 74 -46.37 -26.00 0.75
C ARG B 74 -46.89 -27.30 0.14
N ASN B 75 -47.54 -28.12 0.97
CA ASN B 75 -47.99 -29.46 0.57
C ASN B 75 -46.79 -30.39 0.49
N GLY B 76 -46.52 -31.07 1.61
CA GLY B 76 -45.31 -31.87 1.73
C GLY B 76 -45.40 -33.22 1.08
N ARG B 77 -45.69 -33.24 -0.21
CA ARG B 77 -45.68 -34.48 -0.98
C ARG B 77 -44.46 -34.53 -1.87
N LEU B 78 -43.42 -35.19 -1.39
CA LEU B 78 -42.15 -35.29 -2.11
C LEU B 78 -41.78 -36.75 -2.29
N GLY A 1 -10.53 19.77 18.65
CA GLY A 1 -10.75 19.37 17.25
C GLY A 1 -9.62 18.50 16.73
N PRO A 2 -9.19 18.72 15.47
CA PRO A 2 -8.09 17.97 14.87
C PRO A 2 -6.76 18.26 15.57
N LEU A 3 -6.30 17.31 16.37
CA LEU A 3 -5.05 17.45 17.09
C LEU A 3 -4.20 16.20 16.89
N GLY A 4 -2.97 16.39 16.44
CA GLY A 4 -2.08 15.28 16.25
C GLY A 4 -0.86 15.63 15.42
N SER A 5 -0.14 16.67 15.83
CA SER A 5 1.06 17.06 15.13
C SER A 5 2.21 16.15 15.55
N SER A 6 2.45 15.13 14.75
CA SER A 6 3.53 14.20 15.00
C SER A 6 4.23 13.86 13.69
N ALA A 7 4.39 14.86 12.83
CA ALA A 7 4.95 14.66 11.50
C ALA A 7 6.37 14.11 11.60
N GLY A 8 7.20 14.79 12.38
CA GLY A 8 8.57 14.34 12.59
C GLY A 8 8.63 12.95 13.20
N ALA A 9 7.72 12.68 14.14
CA ALA A 9 7.65 11.38 14.78
C ALA A 9 7.22 10.30 13.79
N LEU A 10 6.24 10.64 12.97
CA LEU A 10 5.75 9.72 11.95
C LEU A 10 6.82 9.44 10.93
N LEU A 11 7.47 10.50 10.46
CA LEU A 11 8.55 10.40 9.51
C LEU A 11 9.68 9.55 10.10
N ALA A 12 10.04 9.82 11.34
CA ALA A 12 11.12 9.10 12.01
C ALA A 12 10.82 7.61 12.10
N HIS A 13 9.64 7.25 12.59
CA HIS A 13 9.34 5.85 12.84
C HIS A 13 9.02 5.12 11.53
N ALA A 14 8.50 5.85 10.55
CA ALA A 14 8.21 5.27 9.25
C ALA A 14 9.51 4.98 8.49
N ALA A 15 10.44 5.92 8.55
CA ALA A 15 11.75 5.76 7.91
C ALA A 15 12.51 4.61 8.55
N SER A 16 12.39 4.49 9.85
CA SER A 16 13.09 3.46 10.61
C SER A 16 12.60 2.07 10.22
N LEU A 17 11.32 1.97 9.88
CA LEU A 17 10.77 0.70 9.41
C LEU A 17 10.99 0.57 7.91
N GLY A 18 11.08 1.71 7.24
CA GLY A 18 11.28 1.74 5.81
C GLY A 18 10.00 1.48 5.06
N VAL A 19 8.89 1.96 5.59
CA VAL A 19 7.63 1.94 4.86
C VAL A 19 7.73 2.92 3.70
N ARG A 20 7.81 2.42 2.48
CA ARG A 20 8.13 3.27 1.35
C ARG A 20 6.94 3.40 0.41
N LEU A 21 6.67 4.64 0.02
CA LEU A 21 5.70 4.93 -1.00
C LEU A 21 6.29 5.85 -2.03
N TRP A 22 6.01 5.55 -3.29
CA TRP A 22 6.45 6.37 -4.40
C TRP A 22 5.57 6.10 -5.60
N VAL A 23 5.20 7.15 -6.32
CA VAL A 23 4.42 6.97 -7.53
C VAL A 23 5.36 6.71 -8.71
N GLU A 24 5.17 5.58 -9.35
CA GLU A 24 6.05 5.16 -10.42
C GLU A 24 5.29 5.10 -11.73
N GLY A 25 5.49 6.13 -12.55
CA GLY A 25 4.81 6.21 -13.83
C GLY A 25 3.33 6.51 -13.66
N GLU A 26 2.54 5.45 -13.56
CA GLU A 26 1.10 5.58 -13.48
C GLU A 26 0.58 5.17 -12.10
N ARG A 27 1.28 4.28 -11.42
CA ARG A 27 0.72 3.70 -10.22
C ARG A 27 1.55 4.02 -8.98
N LEU A 28 0.84 4.25 -7.88
CA LEU A 28 1.46 4.42 -6.58
C LEU A 28 2.04 3.08 -6.14
N ARG A 29 3.33 3.08 -5.84
CA ARG A 29 4.03 1.86 -5.46
C ARG A 29 4.20 1.84 -3.95
N PHE A 30 3.95 0.69 -3.35
CA PHE A 30 4.01 0.54 -1.91
C PHE A 30 5.04 -0.51 -1.56
N GLN A 31 5.86 -0.22 -0.56
CA GLN A 31 6.81 -1.19 -0.05
C GLN A 31 6.73 -1.25 1.47
N ALA A 32 6.14 -2.31 1.97
CA ALA A 32 5.98 -2.48 3.40
C ALA A 32 6.69 -3.74 3.89
N PRO A 33 7.60 -3.59 4.86
CA PRO A 33 8.23 -4.72 5.54
C PRO A 33 7.20 -5.58 6.27
N PRO A 34 7.55 -6.83 6.58
CA PRO A 34 6.62 -7.77 7.21
C PRO A 34 6.19 -7.32 8.60
N GLY A 35 4.88 -7.18 8.79
CA GLY A 35 4.34 -6.90 10.11
C GLY A 35 4.05 -5.44 10.37
N VAL A 36 4.91 -4.55 9.87
CA VAL A 36 4.84 -3.12 10.22
C VAL A 36 3.61 -2.42 9.65
N MET A 37 2.93 -3.06 8.71
CA MET A 37 1.79 -2.46 8.03
C MET A 37 0.50 -2.67 8.82
N THR A 38 0.63 -2.88 10.13
CA THR A 38 -0.54 -3.09 10.98
C THR A 38 -1.56 -1.97 10.78
N PRO A 39 -2.87 -2.30 10.89
CA PRO A 39 -3.95 -1.34 10.63
C PRO A 39 -3.83 -0.04 11.41
N GLU A 40 -3.21 -0.10 12.59
CA GLU A 40 -2.97 1.08 13.38
C GLU A 40 -1.94 1.97 12.68
N LEU A 41 -0.83 1.37 12.25
CA LEU A 41 0.19 2.11 11.51
C LEU A 41 -0.36 2.58 10.18
N GLN A 42 -1.19 1.73 9.58
CA GLN A 42 -1.86 2.04 8.35
C GLN A 42 -2.68 3.33 8.51
N SER A 43 -3.33 3.47 9.66
CA SER A 43 -4.08 4.67 9.98
C SER A 43 -3.15 5.83 10.28
N ARG A 44 -1.96 5.52 10.81
CA ARG A 44 -0.95 6.54 11.09
C ARG A 44 -0.43 7.14 9.80
N LEU A 45 -0.26 6.30 8.78
CA LEU A 45 0.07 6.78 7.45
C LEU A 45 -1.09 7.62 6.92
N GLY A 46 -2.31 7.13 7.14
CA GLY A 46 -3.51 7.91 6.89
C GLY A 46 -3.96 7.87 5.45
N GLY A 47 -3.03 7.60 4.54
CA GLY A 47 -3.35 7.61 3.13
C GLY A 47 -3.56 9.02 2.61
N ALA A 48 -3.15 10.01 3.40
CA ALA A 48 -3.31 11.41 3.03
C ALA A 48 -2.17 11.84 2.14
N ARG A 49 -2.43 12.78 1.25
CA ARG A 49 -1.46 13.16 0.24
C ARG A 49 -0.26 13.87 0.85
N HIS A 50 -0.50 14.90 1.66
CA HIS A 50 0.59 15.62 2.35
C HIS A 50 1.43 14.66 3.17
N GLU A 51 0.78 13.67 3.75
CA GLU A 51 1.45 12.66 4.55
C GLU A 51 2.40 11.88 3.67
N LEU A 52 1.87 11.41 2.57
CA LEU A 52 2.64 10.57 1.68
C LEU A 52 3.74 11.38 1.01
N ILE A 53 3.53 12.68 0.86
CA ILE A 53 4.55 13.57 0.31
C ILE A 53 5.83 13.52 1.16
N ALA A 54 5.67 13.63 2.47
CA ALA A 54 6.80 13.54 3.38
C ALA A 54 7.38 12.13 3.38
N LEU A 55 6.52 11.17 3.16
CA LEU A 55 6.89 9.76 3.23
C LEU A 55 7.76 9.44 2.02
N LEU A 56 7.34 9.98 0.91
CA LEU A 56 7.99 9.86 -0.37
C LEU A 56 9.38 10.49 -0.31
N ARG A 57 9.43 11.66 0.33
CA ARG A 57 10.65 12.42 0.44
C ARG A 57 11.71 11.68 1.24
N GLN A 58 11.28 10.83 2.17
CA GLN A 58 12.23 10.11 3.00
C GLN A 58 13.11 9.18 2.15
N LEU A 59 12.55 8.66 1.07
CA LEU A 59 13.30 7.75 0.20
C LEU A 59 13.69 8.45 -1.09
N GLN A 60 13.72 9.78 -1.06
CA GLN A 60 14.14 10.56 -2.20
C GLN A 60 15.65 10.45 -2.37
N PRO A 61 16.12 9.99 -3.54
CA PRO A 61 17.53 9.68 -3.79
C PRO A 61 18.45 10.90 -3.66
N SER A 62 19.70 10.63 -3.31
CA SER A 62 20.70 11.66 -3.16
C SER A 62 21.56 11.78 -4.42
N SER A 63 22.28 12.87 -4.54
CA SER A 63 23.17 13.08 -5.67
C SER A 63 24.62 12.82 -5.27
N GLN A 64 25.38 12.23 -6.18
CA GLN A 64 26.79 11.91 -5.92
C GLN A 64 27.70 12.55 -6.95
N GLY A 65 27.13 12.93 -8.09
CA GLY A 65 27.93 13.51 -9.15
C GLY A 65 28.50 12.44 -10.06
N GLY A 66 29.50 11.71 -9.57
CA GLY A 66 30.09 10.65 -10.34
C GLY A 66 31.26 9.98 -9.64
N SER A 67 32.22 10.81 -9.21
CA SER A 67 33.42 10.33 -8.53
C SER A 67 34.33 9.52 -9.46
N LEU A 68 35.37 10.18 -9.98
CA LEU A 68 36.32 9.53 -10.85
C LEU A 68 37.73 9.68 -10.27
N LEU A 69 38.59 8.72 -10.57
CA LEU A 69 39.96 8.75 -10.07
C LEU A 69 40.95 8.57 -11.22
N ALA A 70 42.10 9.20 -11.11
CA ALA A 70 43.13 9.10 -12.14
C ALA A 70 44.32 8.28 -11.64
N PRO A 71 44.53 7.10 -12.23
CA PRO A 71 45.63 6.22 -11.83
C PRO A 71 46.93 6.54 -12.55
N VAL A 72 47.26 7.81 -12.61
CA VAL A 72 48.49 8.26 -13.26
C VAL A 72 49.70 7.90 -12.39
N ALA A 73 49.41 7.27 -11.25
CA ALA A 73 50.44 6.80 -10.32
C ALA A 73 51.40 5.82 -10.99
N ARG A 74 50.92 5.14 -12.02
CA ARG A 74 51.77 4.22 -12.77
C ARG A 74 52.13 4.82 -14.11
N ASN A 75 53.31 5.44 -14.17
CA ASN A 75 53.75 6.10 -15.39
C ASN A 75 54.98 5.43 -15.98
N GLY A 76 55.28 5.75 -17.22
CA GLY A 76 56.44 5.21 -17.89
C GLY A 76 57.23 6.27 -18.62
N ARG A 77 58.06 5.85 -19.56
CA ARG A 77 58.88 6.77 -20.32
C ARG A 77 58.82 6.42 -21.80
N LEU A 78 58.94 7.42 -22.65
CA LEU A 78 58.93 7.21 -24.09
C LEU A 78 60.34 6.83 -24.55
N GLY B 1 -13.27 -28.70 -11.98
CA GLY B 1 -11.79 -28.75 -12.09
C GLY B 1 -11.17 -27.36 -12.02
N PRO B 2 -10.41 -27.08 -10.96
CA PRO B 2 -9.74 -25.78 -10.79
C PRO B 2 -8.46 -25.68 -11.61
N LEU B 3 -8.13 -24.47 -12.05
CA LEU B 3 -6.91 -24.24 -12.80
C LEU B 3 -5.89 -23.55 -11.90
N GLY B 4 -6.35 -22.50 -11.20
CA GLY B 4 -5.51 -21.78 -10.28
C GLY B 4 -4.41 -20.99 -10.97
N SER B 5 -4.59 -20.76 -12.26
CA SER B 5 -3.58 -20.05 -13.05
C SER B 5 -3.50 -18.57 -12.66
N SER B 6 -2.35 -18.20 -12.10
CA SER B 6 -2.01 -16.82 -11.73
C SER B 6 -3.15 -16.07 -11.04
N ALA B 7 -3.98 -15.41 -11.84
CA ALA B 7 -5.06 -14.55 -11.32
C ALA B 7 -6.00 -15.32 -10.40
N GLY B 8 -6.30 -16.57 -10.76
CA GLY B 8 -7.21 -17.37 -9.97
C GLY B 8 -6.72 -17.63 -8.56
N ALA B 9 -5.45 -18.02 -8.45
CA ALA B 9 -4.86 -18.30 -7.15
C ALA B 9 -4.60 -17.00 -6.39
N LEU B 10 -4.08 -16.01 -7.10
CA LEU B 10 -3.76 -14.71 -6.50
C LEU B 10 -4.99 -14.07 -5.90
N LEU B 11 -6.08 -14.07 -6.67
CA LEU B 11 -7.34 -13.49 -6.21
C LEU B 11 -7.83 -14.21 -4.97
N ALA B 12 -7.79 -15.53 -5.01
CA ALA B 12 -8.30 -16.36 -3.92
C ALA B 12 -7.60 -16.05 -2.59
N HIS B 13 -6.28 -16.10 -2.57
CA HIS B 13 -5.54 -15.93 -1.33
C HIS B 13 -5.50 -14.45 -0.90
N ALA B 14 -5.54 -13.54 -1.87
CA ALA B 14 -5.54 -12.12 -1.57
C ALA B 14 -6.85 -11.71 -0.90
N ALA B 15 -7.96 -12.17 -1.47
CA ALA B 15 -9.28 -11.90 -0.92
C ALA B 15 -9.43 -12.47 0.48
N SER B 16 -8.89 -13.66 0.68
CA SER B 16 -8.96 -14.34 1.98
C SER B 16 -8.25 -13.53 3.05
N LEU B 17 -7.11 -12.93 2.70
CA LEU B 17 -6.36 -12.12 3.65
C LEU B 17 -6.99 -10.75 3.78
N GLY B 18 -7.66 -10.31 2.72
CA GLY B 18 -8.31 -9.01 2.75
C GLY B 18 -7.37 -7.89 2.37
N VAL B 19 -6.42 -8.18 1.48
CA VAL B 19 -5.52 -7.15 0.98
C VAL B 19 -6.26 -6.29 -0.04
N ARG B 20 -6.63 -5.09 0.36
CA ARG B 20 -7.50 -4.26 -0.46
C ARG B 20 -6.76 -3.06 -1.03
N LEU B 21 -6.98 -2.81 -2.31
CA LEU B 21 -6.52 -1.61 -2.97
C LEU B 21 -7.66 -0.98 -3.73
N TRP B 22 -7.75 0.34 -3.71
CA TRP B 22 -8.76 1.04 -4.49
C TRP B 22 -8.33 2.49 -4.69
N VAL B 23 -8.59 3.04 -5.86
CA VAL B 23 -8.27 4.43 -6.12
C VAL B 23 -9.41 5.32 -5.65
N GLU B 24 -9.12 6.16 -4.66
CA GLU B 24 -10.14 6.99 -4.05
C GLU B 24 -9.89 8.45 -4.38
N GLY B 25 -10.66 8.99 -5.31
CA GLY B 25 -10.51 10.36 -5.71
C GLY B 25 -9.26 10.59 -6.53
N GLU B 26 -8.17 10.92 -5.86
CA GLU B 26 -6.92 11.22 -6.53
C GLU B 26 -5.85 10.18 -6.17
N ARG B 27 -5.94 9.62 -4.98
CA ARG B 27 -4.85 8.81 -4.47
C ARG B 27 -5.25 7.35 -4.31
N LEU B 28 -4.34 6.46 -4.69
CA LEU B 28 -4.52 5.03 -4.52
C LEU B 28 -4.50 4.69 -3.04
N ARG B 29 -5.53 4.02 -2.58
CA ARG B 29 -5.66 3.67 -1.17
C ARG B 29 -5.31 2.21 -0.97
N PHE B 30 -4.52 1.94 0.07
CA PHE B 30 -4.05 0.61 0.35
C PHE B 30 -4.53 0.17 1.74
N GLN B 31 -5.08 -1.04 1.82
CA GLN B 31 -5.49 -1.59 3.10
C GLN B 31 -4.88 -2.98 3.27
N ALA B 32 -3.84 -3.06 4.08
CA ALA B 32 -3.16 -4.32 4.30
C ALA B 32 -3.26 -4.75 5.75
N PRO B 33 -3.81 -5.94 6.00
CA PRO B 33 -3.83 -6.55 7.33
C PRO B 33 -2.41 -6.80 7.86
N PRO B 34 -2.26 -6.93 9.18
CA PRO B 34 -0.95 -7.08 9.81
C PRO B 34 -0.24 -8.37 9.41
N GLY B 35 0.96 -8.24 8.87
CA GLY B 35 1.78 -9.39 8.60
C GLY B 35 1.72 -9.87 7.17
N VAL B 36 0.55 -9.80 6.55
CA VAL B 36 0.32 -10.41 5.24
C VAL B 36 1.03 -9.64 4.11
N MET B 37 1.49 -8.45 4.41
CA MET B 37 2.10 -7.59 3.40
C MET B 37 3.59 -7.89 3.23
N THR B 38 3.99 -9.09 3.61
CA THR B 38 5.38 -9.53 3.44
C THR B 38 5.88 -9.27 2.02
N PRO B 39 7.16 -8.90 1.87
CA PRO B 39 7.74 -8.51 0.58
C PRO B 39 7.53 -9.54 -0.53
N GLU B 40 7.40 -10.81 -0.14
CA GLU B 40 7.11 -11.87 -1.10
C GLU B 40 5.72 -11.68 -1.68
N LEU B 41 4.73 -11.51 -0.80
CA LEU B 41 3.35 -11.29 -1.23
C LEU B 41 3.24 -9.94 -1.93
N GLN B 42 4.05 -8.98 -1.47
CA GLN B 42 4.14 -7.67 -2.11
C GLN B 42 4.53 -7.84 -3.58
N SER B 43 5.48 -8.74 -3.82
CA SER B 43 5.95 -9.04 -5.16
C SER B 43 4.89 -9.85 -5.93
N ARG B 44 4.11 -10.63 -5.19
CA ARG B 44 3.04 -11.41 -5.79
C ARG B 44 1.94 -10.49 -6.33
N LEU B 45 1.65 -9.42 -5.58
CA LEU B 45 0.76 -8.38 -6.07
C LEU B 45 1.38 -7.71 -7.28
N GLY B 46 2.68 -7.44 -7.19
CA GLY B 46 3.45 -7.01 -8.34
C GLY B 46 3.36 -5.52 -8.60
N GLY B 47 2.28 -4.90 -8.13
CA GLY B 47 2.06 -3.49 -8.37
C GLY B 47 1.66 -3.23 -9.81
N ALA B 48 1.32 -4.29 -10.53
CA ALA B 48 0.93 -4.19 -11.93
C ALA B 48 -0.52 -3.76 -12.04
N ARG B 49 -0.86 -3.08 -13.13
CA ARG B 49 -2.19 -2.51 -13.27
C ARG B 49 -3.25 -3.59 -13.42
N HIS B 50 -2.98 -4.58 -14.26
CA HIS B 50 -3.94 -5.68 -14.47
C HIS B 50 -4.18 -6.47 -13.18
N GLU B 51 -3.14 -6.64 -12.38
CA GLU B 51 -3.28 -7.31 -11.09
C GLU B 51 -4.18 -6.51 -10.17
N LEU B 52 -3.94 -5.21 -10.10
CA LEU B 52 -4.68 -4.34 -9.21
C LEU B 52 -6.12 -4.16 -9.69
N ILE B 53 -6.36 -4.36 -10.99
CA ILE B 53 -7.72 -4.32 -11.52
C ILE B 53 -8.54 -5.47 -10.95
N ALA B 54 -7.99 -6.67 -11.00
CA ALA B 54 -8.66 -7.84 -10.42
C ALA B 54 -8.78 -7.67 -8.91
N LEU B 55 -7.71 -7.15 -8.30
CA LEU B 55 -7.67 -6.88 -6.88
C LEU B 55 -8.80 -5.91 -6.51
N LEU B 56 -8.92 -4.84 -7.30
CA LEU B 56 -9.98 -3.84 -7.10
C LEU B 56 -11.35 -4.49 -7.13
N ARG B 57 -11.54 -5.37 -8.09
CA ARG B 57 -12.83 -6.00 -8.34
C ARG B 57 -13.26 -6.88 -7.17
N GLN B 58 -12.31 -7.44 -6.43
CA GLN B 58 -12.62 -8.34 -5.32
C GLN B 58 -13.39 -7.60 -4.22
N LEU B 59 -13.15 -6.31 -4.06
CA LEU B 59 -13.81 -5.53 -3.03
C LEU B 59 -14.85 -4.59 -3.65
N GLN B 60 -15.21 -4.85 -4.89
CA GLN B 60 -16.22 -4.06 -5.57
C GLN B 60 -17.60 -4.35 -4.96
N PRO B 61 -18.26 -3.31 -4.45
CA PRO B 61 -19.51 -3.44 -3.70
C PRO B 61 -20.64 -4.08 -4.53
N SER B 62 -21.63 -4.58 -3.83
CA SER B 62 -22.77 -5.24 -4.47
C SER B 62 -23.99 -4.32 -4.43
N SER B 63 -25.03 -4.69 -5.16
CA SER B 63 -26.27 -3.95 -5.16
C SER B 63 -27.33 -4.71 -4.35
N GLN B 64 -28.16 -3.97 -3.64
CA GLN B 64 -29.17 -4.60 -2.80
C GLN B 64 -30.56 -4.05 -3.12
N GLY B 65 -30.59 -2.91 -3.78
CA GLY B 65 -31.84 -2.25 -4.09
C GLY B 65 -32.25 -1.30 -2.98
N GLY B 66 -32.89 -1.83 -1.96
CA GLY B 66 -33.32 -1.03 -0.84
C GLY B 66 -33.96 -1.86 0.24
N SER B 67 -34.89 -2.71 -0.17
CA SER B 67 -35.57 -3.66 0.71
C SER B 67 -36.46 -2.95 1.72
N LEU B 68 -37.73 -2.82 1.37
CA LEU B 68 -38.70 -2.15 2.23
C LEU B 68 -39.83 -3.12 2.60
N LEU B 69 -40.34 -2.98 3.80
CA LEU B 69 -41.40 -3.85 4.26
C LEU B 69 -42.64 -3.04 4.64
N ALA B 70 -43.81 -3.57 4.33
CA ALA B 70 -45.06 -2.96 4.74
C ALA B 70 -45.56 -3.67 6.00
N PRO B 71 -46.08 -2.92 6.97
CA PRO B 71 -46.55 -3.48 8.25
C PRO B 71 -47.77 -4.38 8.09
N VAL B 72 -47.55 -5.59 7.62
CA VAL B 72 -48.61 -6.57 7.44
C VAL B 72 -48.89 -7.30 8.77
N ALA B 73 -49.63 -6.62 9.63
CA ALA B 73 -50.03 -7.17 10.91
C ALA B 73 -51.44 -6.72 11.27
N ARG B 74 -52.09 -6.09 10.32
CA ARG B 74 -53.45 -5.60 10.50
C ARG B 74 -54.42 -6.52 9.80
N ASN B 75 -55.65 -6.59 10.29
CA ASN B 75 -56.67 -7.46 9.71
C ASN B 75 -57.13 -6.95 8.37
N GLY B 76 -57.02 -7.80 7.35
CA GLY B 76 -57.46 -7.44 6.02
C GLY B 76 -58.70 -8.22 5.61
N ARG B 77 -59.37 -8.80 6.61
CA ARG B 77 -60.57 -9.60 6.39
C ARG B 77 -60.30 -10.82 5.52
N LEU B 78 -59.81 -11.87 6.16
CA LEU B 78 -59.61 -13.15 5.49
C LEU B 78 -60.46 -14.20 6.18
N GLY A 1 3.79 25.40 11.48
CA GLY A 1 2.58 26.20 11.78
C GLY A 1 2.24 26.18 13.25
N PRO A 2 1.47 27.16 13.73
CA PRO A 2 1.00 27.19 15.12
C PRO A 2 0.13 25.97 15.43
N LEU A 3 -0.79 25.67 14.52
CA LEU A 3 -1.62 24.48 14.64
C LEU A 3 -1.02 23.36 13.80
N GLY A 4 -0.33 22.44 14.47
CA GLY A 4 0.26 21.31 13.78
C GLY A 4 0.48 20.16 14.74
N SER A 5 -0.36 19.14 14.66
CA SER A 5 -0.34 18.03 15.59
C SER A 5 1.01 17.31 15.60
N SER A 6 1.26 16.50 14.58
CA SER A 6 2.50 15.73 14.52
C SER A 6 2.68 15.12 13.13
N ALA A 7 3.67 15.62 12.40
CA ALA A 7 3.99 15.08 11.09
C ALA A 7 5.38 14.44 11.11
N GLY A 8 6.33 15.15 11.70
CA GLY A 8 7.70 14.67 11.76
C GLY A 8 7.81 13.34 12.49
N ALA A 9 7.12 13.23 13.61
CA ALA A 9 7.13 11.99 14.39
C ALA A 9 6.56 10.83 13.58
N LEU A 10 5.47 11.11 12.86
CA LEU A 10 4.81 10.11 12.04
C LEU A 10 5.72 9.66 10.90
N LEU A 11 6.33 10.62 10.23
CA LEU A 11 7.29 10.33 9.18
C LEU A 11 8.43 9.50 9.72
N ALA A 12 9.01 9.97 10.82
CA ALA A 12 10.18 9.37 11.41
C ALA A 12 9.94 7.90 11.78
N HIS A 13 8.86 7.62 12.49
CA HIS A 13 8.61 6.27 12.98
C HIS A 13 8.23 5.34 11.83
N ALA A 14 7.62 5.89 10.78
CA ALA A 14 7.27 5.11 9.60
C ALA A 14 8.50 4.85 8.74
N ALA A 15 9.33 5.87 8.60
CA ALA A 15 10.56 5.76 7.83
C ALA A 15 11.55 4.81 8.48
N SER A 16 11.59 4.84 9.82
CA SER A 16 12.48 3.98 10.58
C SER A 16 12.04 2.52 10.49
N LEU A 17 10.76 2.30 10.18
CA LEU A 17 10.25 0.96 9.96
C LEU A 17 10.51 0.55 8.52
N GLY A 18 10.62 1.54 7.64
CA GLY A 18 10.88 1.27 6.25
C GLY A 18 9.64 1.36 5.39
N VAL A 19 8.58 1.97 5.91
CA VAL A 19 7.37 2.18 5.14
C VAL A 19 7.61 3.22 4.06
N ARG A 20 7.53 2.79 2.80
CA ARG A 20 7.81 3.67 1.67
C ARG A 20 6.71 3.59 0.62
N LEU A 21 6.26 4.74 0.14
CA LEU A 21 5.28 4.81 -0.92
C LEU A 21 5.79 5.73 -2.02
N TRP A 22 5.68 5.30 -3.27
CA TRP A 22 6.06 6.12 -4.40
C TRP A 22 5.25 5.75 -5.63
N VAL A 23 4.99 6.71 -6.50
CA VAL A 23 4.27 6.43 -7.73
C VAL A 23 5.24 6.01 -8.82
N GLU A 24 4.94 4.89 -9.46
CA GLU A 24 5.84 4.30 -10.43
C GLU A 24 5.08 3.92 -11.69
N GLY A 25 5.36 4.64 -12.77
CA GLY A 25 4.67 4.40 -14.02
C GLY A 25 3.23 4.85 -13.97
N GLU A 26 2.33 3.90 -13.78
CA GLU A 26 0.90 4.21 -13.69
C GLU A 26 0.35 3.85 -12.32
N ARG A 27 1.15 3.24 -11.46
CA ARG A 27 0.65 2.75 -10.19
C ARG A 27 1.57 3.13 -9.03
N LEU A 28 0.98 3.25 -7.85
CA LEU A 28 1.72 3.52 -6.64
C LEU A 28 2.32 2.22 -6.10
N ARG A 29 3.59 2.27 -5.75
CA ARG A 29 4.27 1.14 -5.14
C ARG A 29 4.34 1.34 -3.64
N PHE A 30 4.16 0.25 -2.91
CA PHE A 30 4.14 0.30 -1.46
C PHE A 30 5.20 -0.65 -0.94
N GLN A 31 6.03 -0.17 -0.02
CA GLN A 31 7.05 -0.99 0.60
C GLN A 31 6.86 -0.98 2.10
N ALA A 32 6.64 -2.16 2.67
CA ALA A 32 6.44 -2.27 4.11
C ALA A 32 6.85 -3.66 4.60
N PRO A 33 7.69 -3.70 5.65
CA PRO A 33 8.07 -4.96 6.30
C PRO A 33 6.87 -5.68 6.90
N PRO A 34 6.96 -7.01 7.05
CA PRO A 34 5.86 -7.81 7.60
C PRO A 34 5.62 -7.51 9.07
N GLY A 35 4.40 -7.10 9.39
CA GLY A 35 4.03 -6.84 10.77
C GLY A 35 3.77 -5.38 11.05
N VAL A 36 4.51 -4.49 10.38
CA VAL A 36 4.39 -3.05 10.64
C VAL A 36 3.18 -2.43 9.97
N MET A 37 2.58 -3.18 9.06
CA MET A 37 1.50 -2.67 8.23
C MET A 37 0.17 -2.72 8.97
N THR A 38 0.22 -2.76 10.29
CA THR A 38 -0.98 -2.83 11.12
C THR A 38 -1.99 -1.78 10.72
N PRO A 39 -3.29 -2.14 10.70
CA PRO A 39 -4.37 -1.23 10.29
C PRO A 39 -4.29 0.15 10.94
N GLU A 40 -3.91 0.19 12.21
CA GLU A 40 -3.78 1.45 12.92
C GLU A 40 -2.68 2.30 12.29
N LEU A 41 -1.57 1.67 11.91
CA LEU A 41 -0.47 2.39 11.29
C LEU A 41 -0.91 3.00 9.97
N GLN A 42 -1.70 2.26 9.21
CA GLN A 42 -2.20 2.73 7.93
C GLN A 42 -3.10 3.92 8.12
N SER A 43 -3.90 3.85 9.16
CA SER A 43 -4.82 4.91 9.48
C SER A 43 -4.03 6.17 9.88
N ARG A 44 -2.85 5.95 10.47
CA ARG A 44 -1.96 7.05 10.80
C ARG A 44 -1.28 7.58 9.54
N LEU A 45 -0.92 6.66 8.63
CA LEU A 45 -0.35 7.04 7.34
C LEU A 45 -1.31 7.99 6.63
N GLY A 46 -2.59 7.64 6.67
CA GLY A 46 -3.64 8.56 6.25
C GLY A 46 -3.85 8.59 4.76
N GLY A 47 -2.82 8.20 4.03
CA GLY A 47 -2.89 8.27 2.58
C GLY A 47 -2.92 9.70 2.09
N ALA A 48 -2.40 10.61 2.90
CA ALA A 48 -2.40 12.02 2.53
C ALA A 48 -1.19 12.34 1.67
N ARG A 49 -1.34 13.31 0.79
CA ARG A 49 -0.29 13.66 -0.17
C ARG A 49 0.93 14.25 0.51
N HIS A 50 0.71 15.27 1.34
CA HIS A 50 1.82 15.94 2.02
C HIS A 50 2.61 14.93 2.83
N GLU A 51 1.89 14.02 3.46
CA GLU A 51 2.49 12.96 4.25
C GLU A 51 3.35 12.09 3.39
N LEU A 52 2.75 11.54 2.36
CA LEU A 52 3.41 10.55 1.54
C LEU A 52 4.53 11.15 0.70
N ILE A 53 4.44 12.44 0.40
CA ILE A 53 5.51 13.13 -0.30
C ILE A 53 6.78 13.12 0.53
N ALA A 54 6.67 13.55 1.78
CA ALA A 54 7.81 13.54 2.70
C ALA A 54 8.19 12.10 3.04
N LEU A 55 7.18 11.24 3.06
CA LEU A 55 7.35 9.83 3.40
C LEU A 55 8.14 9.13 2.31
N LEU A 56 8.02 9.61 1.09
CA LEU A 56 8.81 9.12 -0.01
C LEU A 56 10.18 9.79 -0.03
N ARG A 57 10.24 11.04 0.39
CA ARG A 57 11.48 11.79 0.43
C ARG A 57 12.51 11.14 1.35
N GLN A 58 12.04 10.32 2.28
CA GLN A 58 12.92 9.53 3.15
C GLN A 58 13.63 8.44 2.36
N LEU A 59 13.05 8.06 1.21
CA LEU A 59 13.64 7.05 0.33
C LEU A 59 14.83 7.65 -0.40
N GLN A 60 14.78 8.97 -0.59
CA GLN A 60 15.85 9.68 -1.24
C GLN A 60 17.11 9.69 -0.37
N PRO A 61 18.29 9.67 -0.99
CA PRO A 61 19.57 9.69 -0.27
C PRO A 61 19.77 10.97 0.54
N SER A 62 19.22 10.98 1.74
CA SER A 62 19.39 12.10 2.65
C SER A 62 19.67 11.58 4.06
N SER A 63 18.68 10.92 4.65
CA SER A 63 18.85 10.34 5.97
C SER A 63 18.08 9.02 6.04
N GLN A 64 18.66 8.02 6.69
CA GLN A 64 18.05 6.71 6.77
C GLN A 64 17.84 6.31 8.23
N GLY A 65 16.87 5.45 8.45
CA GLY A 65 16.59 4.96 9.79
C GLY A 65 16.27 3.49 9.79
N GLY A 66 16.36 2.85 10.94
CA GLY A 66 16.07 1.44 11.03
C GLY A 66 15.82 0.99 12.45
N SER A 67 14.59 0.60 12.74
CA SER A 67 14.25 0.09 14.07
C SER A 67 14.34 -1.44 14.09
N LEU A 68 14.64 -2.02 12.92
CA LEU A 68 14.75 -3.47 12.75
C LEU A 68 13.39 -4.14 12.89
N LEU A 69 12.96 -4.37 14.14
CA LEU A 69 11.69 -5.02 14.41
C LEU A 69 11.30 -4.85 15.86
N ALA A 70 10.02 -5.07 16.16
CA ALA A 70 9.53 -4.95 17.51
C ALA A 70 8.66 -6.14 17.87
N PRO A 71 9.01 -6.86 18.95
CA PRO A 71 8.28 -8.06 19.39
C PRO A 71 6.97 -7.71 20.11
N VAL A 72 6.30 -6.65 19.66
CA VAL A 72 5.06 -6.23 20.27
C VAL A 72 3.90 -7.16 19.85
N ALA A 73 3.74 -8.22 20.62
CA ALA A 73 2.70 -9.19 20.34
C ALA A 73 1.44 -8.86 21.11
N ARG A 74 0.37 -9.61 20.85
CA ARG A 74 -0.89 -9.41 21.55
C ARG A 74 -0.83 -9.99 22.96
N ASN A 75 -0.18 -9.24 23.84
CA ASN A 75 0.00 -9.63 25.24
C ASN A 75 -1.19 -9.21 26.06
N GLY A 76 -1.55 -7.94 25.94
CA GLY A 76 -2.64 -7.40 26.71
C GLY A 76 -2.18 -6.85 28.05
N ARG A 77 -2.99 -6.03 28.66
CA ARG A 77 -2.64 -5.40 29.93
C ARG A 77 -3.17 -6.21 31.10
N LEU A 78 -3.21 -7.53 30.93
CA LEU A 78 -3.66 -8.44 31.97
C LEU A 78 -2.54 -8.67 32.99
N GLY B 1 -8.81 -15.00 -23.56
CA GLY B 1 -8.55 -13.60 -23.13
C GLY B 1 -9.47 -13.15 -22.00
N PRO B 2 -10.71 -12.75 -22.32
CA PRO B 2 -11.67 -12.27 -21.33
C PRO B 2 -11.90 -13.27 -20.19
N LEU B 3 -11.74 -12.76 -18.97
CA LEU B 3 -11.86 -13.57 -17.76
C LEU B 3 -10.90 -14.77 -17.78
N GLY B 4 -11.42 -15.95 -18.05
CA GLY B 4 -10.59 -17.14 -18.02
C GLY B 4 -10.08 -17.43 -16.61
N SER B 5 -8.85 -17.07 -16.35
CA SER B 5 -8.29 -17.19 -15.01
C SER B 5 -8.09 -15.81 -14.40
N SER B 6 -7.43 -14.93 -15.15
CA SER B 6 -7.20 -13.55 -14.72
C SER B 6 -6.34 -13.51 -13.46
N ALA B 7 -5.35 -14.41 -13.38
CA ALA B 7 -4.50 -14.54 -12.20
C ALA B 7 -5.36 -14.92 -10.98
N GLY B 8 -6.27 -15.85 -11.20
CA GLY B 8 -7.22 -16.23 -10.17
C GLY B 8 -6.58 -16.67 -8.88
N ALA B 9 -5.48 -17.42 -8.98
CA ALA B 9 -4.79 -17.90 -7.79
C ALA B 9 -4.19 -16.74 -7.00
N LEU B 10 -3.54 -15.83 -7.72
CA LEU B 10 -2.95 -14.65 -7.09
C LEU B 10 -4.03 -13.80 -6.42
N LEU B 11 -5.11 -13.58 -7.14
CA LEU B 11 -6.23 -12.81 -6.62
C LEU B 11 -6.83 -13.50 -5.40
N ALA B 12 -7.12 -14.79 -5.54
CA ALA B 12 -7.80 -15.56 -4.49
C ALA B 12 -7.04 -15.52 -3.18
N HIS B 13 -5.76 -15.86 -3.19
CA HIS B 13 -5.01 -15.96 -1.95
C HIS B 13 -4.77 -14.58 -1.35
N ALA B 14 -4.69 -13.56 -2.20
CA ALA B 14 -4.53 -12.19 -1.71
C ALA B 14 -5.82 -11.67 -1.11
N ALA B 15 -6.93 -11.97 -1.79
CA ALA B 15 -8.25 -11.58 -1.32
C ALA B 15 -8.61 -12.29 -0.02
N SER B 16 -8.22 -13.56 0.07
CA SER B 16 -8.49 -14.37 1.25
C SER B 16 -7.70 -13.85 2.45
N LEU B 17 -6.57 -13.20 2.18
CA LEU B 17 -5.77 -12.59 3.24
C LEU B 17 -6.34 -11.23 3.63
N GLY B 18 -7.05 -10.61 2.69
CA GLY B 18 -7.67 -9.33 2.96
C GLY B 18 -6.91 -8.17 2.36
N VAL B 19 -6.01 -8.48 1.43
CA VAL B 19 -5.23 -7.44 0.75
C VAL B 19 -6.11 -6.70 -0.24
N ARG B 20 -6.33 -5.41 0.01
CA ARG B 20 -7.20 -4.61 -0.84
C ARG B 20 -6.53 -3.28 -1.22
N LEU B 21 -6.65 -2.91 -2.49
CA LEU B 21 -6.15 -1.64 -2.98
C LEU B 21 -7.25 -0.92 -3.76
N TRP B 22 -7.38 0.38 -3.54
CA TRP B 22 -8.34 1.18 -4.29
C TRP B 22 -7.88 2.63 -4.33
N VAL B 23 -8.24 3.32 -5.41
CA VAL B 23 -7.90 4.73 -5.53
C VAL B 23 -9.01 5.57 -4.89
N GLU B 24 -8.62 6.51 -4.05
CA GLU B 24 -9.57 7.29 -3.29
C GLU B 24 -9.18 8.77 -3.32
N GLY B 25 -10.03 9.58 -3.95
CA GLY B 25 -9.74 10.98 -4.11
C GLY B 25 -8.55 11.21 -5.03
N GLU B 26 -7.41 11.52 -4.45
CA GLU B 26 -6.20 11.76 -5.22
C GLU B 26 -5.12 10.73 -4.92
N ARG B 27 -5.42 9.80 -4.03
CA ARG B 27 -4.39 8.89 -3.55
C ARG B 27 -4.92 7.47 -3.41
N LEU B 28 -4.05 6.50 -3.66
CA LEU B 28 -4.41 5.09 -3.54
C LEU B 28 -4.38 4.66 -2.07
N ARG B 29 -5.41 3.92 -1.68
CA ARG B 29 -5.49 3.36 -0.33
C ARG B 29 -5.09 1.90 -0.34
N PHE B 30 -4.31 1.50 0.65
CA PHE B 30 -3.85 0.13 0.76
C PHE B 30 -4.37 -0.48 2.06
N GLN B 31 -4.95 -1.67 1.98
CA GLN B 31 -5.45 -2.37 3.14
C GLN B 31 -4.84 -3.76 3.22
N ALA B 32 -4.05 -4.00 4.24
CA ALA B 32 -3.41 -5.30 4.41
C ALA B 32 -3.18 -5.62 5.88
N PRO B 33 -3.59 -6.82 6.32
CA PRO B 33 -3.34 -7.28 7.69
C PRO B 33 -1.86 -7.40 8.02
N PRO B 34 -1.48 -7.24 9.29
CA PRO B 34 -0.09 -7.30 9.70
C PRO B 34 0.52 -8.69 9.51
N GLY B 35 1.60 -8.76 8.77
CA GLY B 35 2.30 -10.00 8.57
C GLY B 35 2.21 -10.53 7.16
N VAL B 36 1.08 -10.28 6.48
CA VAL B 36 0.88 -10.80 5.13
C VAL B 36 1.52 -9.88 4.09
N MET B 37 2.01 -8.73 4.52
CA MET B 37 2.54 -7.72 3.62
C MET B 37 4.00 -8.02 3.24
N THR B 38 4.40 -9.29 3.42
CA THR B 38 5.76 -9.71 3.10
C THR B 38 6.18 -9.27 1.70
N PRO B 39 7.43 -8.81 1.56
CA PRO B 39 7.96 -8.28 0.29
C PRO B 39 7.67 -9.17 -0.92
N GLU B 40 7.81 -10.48 -0.74
CA GLU B 40 7.53 -11.43 -1.81
C GLU B 40 6.10 -11.28 -2.32
N LEU B 41 5.16 -11.09 -1.40
CA LEU B 41 3.75 -10.94 -1.76
C LEU B 41 3.55 -9.68 -2.58
N GLN B 42 4.22 -8.60 -2.17
CA GLN B 42 4.11 -7.33 -2.85
C GLN B 42 4.66 -7.45 -4.27
N SER B 43 5.73 -8.23 -4.41
CA SER B 43 6.33 -8.49 -5.71
C SER B 43 5.37 -9.33 -6.57
N ARG B 44 4.66 -10.26 -5.93
CA ARG B 44 3.67 -11.07 -6.62
C ARG B 44 2.51 -10.22 -7.09
N LEU B 45 2.09 -9.28 -6.23
CA LEU B 45 1.02 -8.34 -6.58
C LEU B 45 1.42 -7.58 -7.83
N GLY B 46 2.67 -7.15 -7.88
CA GLY B 46 3.24 -6.59 -9.09
C GLY B 46 2.91 -5.13 -9.28
N GLY B 47 1.83 -4.69 -8.66
CA GLY B 47 1.36 -3.33 -8.85
C GLY B 47 0.83 -3.10 -10.25
N ALA B 48 0.32 -4.17 -10.85
CA ALA B 48 -0.23 -4.10 -12.19
C ALA B 48 -1.68 -3.68 -12.16
N ARG B 49 -2.13 -3.00 -13.21
CA ARG B 49 -3.49 -2.49 -13.26
C ARG B 49 -4.51 -3.62 -13.30
N HIS B 50 -4.31 -4.57 -14.20
CA HIS B 50 -5.25 -5.68 -14.36
C HIS B 50 -5.42 -6.45 -13.06
N GLU B 51 -4.32 -6.69 -12.36
CA GLU B 51 -4.36 -7.37 -11.07
C GLU B 51 -5.15 -6.55 -10.06
N LEU B 52 -4.75 -5.30 -9.88
CA LEU B 52 -5.33 -4.46 -8.84
C LEU B 52 -6.80 -4.12 -9.12
N ILE B 53 -7.19 -4.09 -10.39
CA ILE B 53 -8.58 -3.87 -10.74
C ILE B 53 -9.44 -5.02 -10.21
N ALA B 54 -9.02 -6.25 -10.50
CA ALA B 54 -9.73 -7.42 -10.00
C ALA B 54 -9.57 -7.53 -8.48
N LEU B 55 -8.38 -7.17 -8.01
CA LEU B 55 -8.07 -7.18 -6.59
C LEU B 55 -8.96 -6.19 -5.84
N LEU B 56 -9.38 -5.14 -6.52
CA LEU B 56 -10.34 -4.19 -5.98
C LEU B 56 -11.76 -4.74 -6.07
N ARG B 57 -12.02 -5.53 -7.11
CA ARG B 57 -13.35 -6.06 -7.36
C ARG B 57 -13.77 -7.08 -6.29
N GLN B 58 -12.79 -7.64 -5.58
CA GLN B 58 -13.09 -8.54 -4.46
C GLN B 58 -13.61 -7.75 -3.26
N LEU B 59 -13.35 -6.44 -3.26
CA LEU B 59 -13.85 -5.57 -2.20
C LEU B 59 -15.34 -5.32 -2.40
N GLN B 60 -15.77 -5.41 -3.65
CA GLN B 60 -17.17 -5.23 -3.99
C GLN B 60 -17.99 -6.43 -3.51
N PRO B 61 -19.26 -6.18 -3.13
CA PRO B 61 -20.16 -7.25 -2.68
C PRO B 61 -20.43 -8.28 -3.77
N SER B 62 -19.64 -9.35 -3.75
CA SER B 62 -19.82 -10.44 -4.70
C SER B 62 -19.42 -11.76 -4.03
N SER B 63 -18.13 -11.88 -3.72
CA SER B 63 -17.61 -13.04 -3.03
C SER B 63 -16.53 -12.61 -2.05
N GLN B 64 -16.55 -13.19 -0.86
CA GLN B 64 -15.59 -12.84 0.18
C GLN B 64 -14.77 -14.06 0.60
N GLY B 65 -13.60 -13.82 1.17
CA GLY B 65 -12.76 -14.90 1.62
C GLY B 65 -11.98 -14.53 2.86
N GLY B 66 -11.55 -15.53 3.62
CA GLY B 66 -10.81 -15.27 4.82
C GLY B 66 -10.00 -16.46 5.28
N SER B 67 -8.69 -16.30 5.30
CA SER B 67 -7.79 -17.35 5.78
C SER B 67 -7.41 -17.10 7.23
N LEU B 68 -7.87 -15.97 7.77
CA LEU B 68 -7.59 -15.57 9.14
C LEU B 68 -6.13 -15.20 9.32
N LEU B 69 -5.29 -16.20 9.53
CA LEU B 69 -3.86 -15.99 9.72
C LEU B 69 -3.12 -17.30 9.54
N ALA B 70 -1.84 -17.21 9.28
CA ALA B 70 -1.01 -18.40 9.11
C ALA B 70 0.06 -18.45 10.18
N PRO B 71 0.00 -19.45 11.06
CA PRO B 71 0.98 -19.62 12.15
C PRO B 71 2.39 -19.81 11.62
N VAL B 72 2.50 -20.50 10.49
CA VAL B 72 3.77 -20.74 9.84
C VAL B 72 3.52 -21.26 8.43
N ALA B 73 4.43 -20.97 7.51
CA ALA B 73 4.33 -21.49 6.16
C ALA B 73 4.85 -22.91 6.11
N ARG B 74 3.93 -23.88 6.08
CA ARG B 74 4.28 -25.29 6.00
C ARG B 74 5.27 -25.56 4.87
N ASN B 75 6.42 -26.09 5.23
CA ASN B 75 7.48 -26.31 4.27
C ASN B 75 7.38 -27.69 3.65
N GLY B 76 7.27 -27.74 2.34
CA GLY B 76 7.31 -29.00 1.64
C GLY B 76 8.73 -29.49 1.49
N ARG B 77 9.40 -29.01 0.47
CA ARG B 77 10.83 -29.24 0.29
C ARG B 77 11.52 -27.92 -0.04
N LEU B 78 11.82 -27.16 1.01
CA LEU B 78 12.50 -25.86 0.88
C LEU B 78 11.61 -24.84 0.18
N GLY A 1 4.37 15.39 19.51
CA GLY A 1 5.66 15.29 20.20
C GLY A 1 5.72 16.20 21.41
N PRO A 2 6.81 16.15 22.19
CA PRO A 2 6.98 17.01 23.35
C PRO A 2 6.83 18.50 22.99
N LEU A 3 7.61 18.93 22.02
CA LEU A 3 7.55 20.31 21.56
C LEU A 3 8.23 20.43 20.20
N GLY A 4 7.44 20.62 19.17
CA GLY A 4 7.99 20.79 17.84
C GLY A 4 7.64 19.65 16.90
N SER A 5 6.50 19.79 16.24
CA SER A 5 6.05 18.87 15.20
C SER A 5 5.61 17.51 15.75
N SER A 6 4.42 17.09 15.36
CA SER A 6 3.97 15.74 15.60
C SER A 6 4.19 14.90 14.34
N ALA A 7 4.39 15.61 13.23
CA ALA A 7 4.66 14.98 11.95
C ALA A 7 6.09 14.42 11.92
N GLY A 8 7.00 15.12 12.60
CA GLY A 8 8.35 14.62 12.76
C GLY A 8 8.37 13.29 13.46
N ALA A 9 7.49 13.12 14.45
CA ALA A 9 7.36 11.85 15.15
C ALA A 9 6.81 10.77 14.22
N LEU A 10 5.84 11.17 13.40
CA LEU A 10 5.28 10.28 12.39
C LEU A 10 6.36 9.85 11.41
N LEU A 11 7.12 10.83 10.95
CA LEU A 11 8.23 10.58 10.05
C LEU A 11 9.26 9.68 10.73
N ALA A 12 9.60 10.00 11.97
CA ALA A 12 10.59 9.24 12.73
C ALA A 12 10.19 7.77 12.88
N HIS A 13 8.95 7.52 13.32
CA HIS A 13 8.53 6.15 13.58
C HIS A 13 8.27 5.41 12.27
N ALA A 14 7.90 6.15 11.22
CA ALA A 14 7.73 5.56 9.90
C ALA A 14 9.09 5.13 9.34
N ALA A 15 10.08 6.01 9.47
CA ALA A 15 11.44 5.73 9.01
C ALA A 15 12.04 4.58 9.80
N SER A 16 11.77 4.56 11.09
CA SER A 16 12.28 3.53 11.98
C SER A 16 11.71 2.16 11.62
N LEU A 17 10.48 2.13 11.14
CA LEU A 17 9.86 0.88 10.68
C LEU A 17 10.26 0.59 9.25
N GLY A 18 10.56 1.65 8.51
CA GLY A 18 10.94 1.51 7.13
C GLY A 18 9.74 1.40 6.20
N VAL A 19 8.64 2.06 6.54
CA VAL A 19 7.49 2.12 5.66
C VAL A 19 7.83 3.02 4.47
N ARG A 20 7.76 2.49 3.27
CA ARG A 20 8.18 3.21 2.09
C ARG A 20 7.06 3.22 1.05
N LEU A 21 6.76 4.40 0.51
CA LEU A 21 5.78 4.50 -0.55
C LEU A 21 6.33 5.36 -1.68
N TRP A 22 6.33 4.83 -2.88
CA TRP A 22 6.80 5.58 -4.04
C TRP A 22 5.95 5.25 -5.25
N VAL A 23 5.55 6.27 -5.99
CA VAL A 23 4.75 6.07 -7.17
C VAL A 23 5.64 5.96 -8.40
N GLU A 24 5.49 4.88 -9.14
CA GLU A 24 6.27 4.65 -10.34
C GLU A 24 5.33 4.51 -11.54
N GLY A 25 5.48 5.42 -12.49
CA GLY A 25 4.61 5.44 -13.64
C GLY A 25 3.20 5.86 -13.26
N GLU A 26 2.34 4.88 -13.06
CA GLU A 26 0.95 5.12 -12.69
C GLU A 26 0.64 4.57 -11.31
N ARG A 27 1.48 3.69 -10.82
CA ARG A 27 1.12 2.92 -9.63
C ARG A 27 1.99 3.25 -8.43
N LEU A 28 1.33 3.42 -7.31
CA LEU A 28 1.99 3.58 -6.02
C LEU A 28 2.45 2.21 -5.54
N ARG A 29 3.73 2.09 -5.23
CA ARG A 29 4.28 0.85 -4.70
C ARG A 29 4.46 0.98 -3.20
N PHE A 30 4.23 -0.11 -2.49
CA PHE A 30 4.25 -0.09 -1.04
C PHE A 30 5.31 -1.05 -0.51
N GLN A 31 6.12 -0.55 0.42
CA GLN A 31 7.15 -1.35 1.07
C GLN A 31 6.98 -1.26 2.58
N ALA A 32 6.65 -2.37 3.21
CA ALA A 32 6.47 -2.39 4.66
C ALA A 32 6.78 -3.77 5.23
N PRO A 33 7.65 -3.82 6.24
CA PRO A 33 8.01 -5.07 6.91
C PRO A 33 6.82 -5.66 7.68
N PRO A 34 6.84 -6.99 7.91
CA PRO A 34 5.76 -7.69 8.59
C PRO A 34 5.53 -7.17 10.01
N GLY A 35 4.29 -6.74 10.27
CA GLY A 35 3.94 -6.29 11.60
C GLY A 35 3.63 -4.80 11.66
N VAL A 36 4.30 -4.02 10.82
CA VAL A 36 4.17 -2.57 10.87
C VAL A 36 2.97 -2.06 10.09
N MET A 37 2.48 -2.89 9.17
CA MET A 37 1.45 -2.46 8.22
C MET A 37 0.06 -2.54 8.85
N THR A 38 0.02 -2.55 10.18
CA THR A 38 -1.25 -2.55 10.91
C THR A 38 -2.16 -1.44 10.42
N PRO A 39 -3.48 -1.70 10.34
CA PRO A 39 -4.47 -0.72 9.87
C PRO A 39 -4.32 0.66 10.51
N GLU A 40 -3.98 0.68 11.80
CA GLU A 40 -3.77 1.93 12.51
C GLU A 40 -2.63 2.73 11.90
N LEU A 41 -1.56 2.04 11.51
CA LEU A 41 -0.41 2.70 10.90
C LEU A 41 -0.83 3.40 9.63
N GLN A 42 -1.62 2.70 8.83
CA GLN A 42 -2.12 3.26 7.59
C GLN A 42 -2.90 4.54 7.86
N SER A 43 -3.65 4.54 8.95
CA SER A 43 -4.41 5.71 9.38
C SER A 43 -3.47 6.83 9.83
N ARG A 44 -2.31 6.44 10.38
CA ARG A 44 -1.30 7.40 10.79
C ARG A 44 -0.62 8.01 9.57
N LEU A 45 -0.35 7.16 8.57
CA LEU A 45 0.20 7.61 7.29
C LEU A 45 -0.78 8.58 6.65
N GLY A 46 -2.07 8.28 6.79
CA GLY A 46 -3.12 9.18 6.38
C GLY A 46 -3.48 9.04 4.91
N GLY A 47 -2.55 8.53 4.12
CA GLY A 47 -2.78 8.39 2.70
C GLY A 47 -2.84 9.72 2.00
N ALA A 48 -2.32 10.75 2.64
CA ALA A 48 -2.34 12.09 2.08
C ALA A 48 -1.18 12.26 1.11
N ARG A 49 -1.38 13.09 0.11
CA ARG A 49 -0.39 13.22 -0.96
C ARG A 49 0.89 13.89 -0.46
N HIS A 50 0.75 15.04 0.21
CA HIS A 50 1.90 15.79 0.73
C HIS A 50 2.66 14.95 1.75
N GLU A 51 1.92 14.13 2.48
CA GLU A 51 2.50 13.27 3.48
C GLU A 51 3.39 12.23 2.84
N LEU A 52 2.84 11.56 1.86
CA LEU A 52 3.55 10.48 1.23
C LEU A 52 4.74 10.98 0.43
N ILE A 53 4.66 12.22 -0.04
CA ILE A 53 5.79 12.86 -0.71
C ILE A 53 6.97 12.94 0.24
N ALA A 54 6.73 13.41 1.46
CA ALA A 54 7.77 13.51 2.48
C ALA A 54 8.19 12.12 2.93
N LEU A 55 7.27 11.17 2.82
CA LEU A 55 7.51 9.80 3.25
C LEU A 55 8.52 9.15 2.29
N LEU A 56 8.39 9.47 1.02
CA LEU A 56 9.30 8.96 0.02
C LEU A 56 10.59 9.78 0.05
N ARG A 57 10.49 11.02 0.50
CA ARG A 57 11.66 11.88 0.65
C ARG A 57 12.59 11.33 1.72
N GLN A 58 12.02 10.59 2.67
CA GLN A 58 12.80 9.97 3.73
C GLN A 58 13.71 8.88 3.14
N LEU A 59 13.27 8.30 2.03
CA LEU A 59 13.98 7.20 1.39
C LEU A 59 15.23 7.70 0.68
N GLN A 60 15.27 8.99 0.41
CA GLN A 60 16.42 9.60 -0.23
C GLN A 60 17.40 10.09 0.82
N PRO A 61 18.53 9.37 0.99
CA PRO A 61 19.53 9.67 2.02
C PRO A 61 20.29 10.96 1.77
N SER A 62 19.70 12.07 2.20
CA SER A 62 20.29 13.40 2.06
C SER A 62 20.53 13.72 0.59
N SER A 63 21.80 13.74 0.16
CA SER A 63 22.12 13.97 -1.23
C SER A 63 23.23 13.03 -1.69
N GLN A 64 23.67 12.15 -0.79
CA GLN A 64 24.73 11.20 -1.11
C GLN A 64 24.33 9.80 -0.65
N GLY A 65 24.42 9.57 0.66
CA GLY A 65 24.05 8.28 1.21
C GLY A 65 24.14 8.24 2.72
N GLY A 66 25.29 8.66 3.25
CA GLY A 66 25.50 8.67 4.68
C GLY A 66 24.56 9.62 5.41
N SER A 67 23.52 9.08 6.01
CA SER A 67 22.55 9.90 6.73
C SER A 67 22.84 9.86 8.23
N LEU A 68 23.62 10.81 8.69
CA LEU A 68 24.03 10.85 10.08
C LEU A 68 24.32 12.30 10.51
N LEU A 69 24.46 12.52 11.80
CA LEU A 69 24.85 13.83 12.30
C LEU A 69 26.34 14.02 12.08
N ALA A 70 27.11 13.17 12.76
CA ALA A 70 28.57 13.12 12.67
C ALA A 70 29.23 14.49 12.81
N PRO A 71 29.63 14.85 14.04
CA PRO A 71 30.35 16.11 14.30
C PRO A 71 31.83 16.00 13.94
N VAL A 72 32.14 15.10 13.01
CA VAL A 72 33.50 14.90 12.56
C VAL A 72 33.94 16.06 11.68
N ALA A 73 34.85 16.86 12.21
CA ALA A 73 35.37 18.01 11.49
C ALA A 73 36.45 17.55 10.52
N ARG A 74 37.05 18.50 9.82
CA ARG A 74 38.14 18.20 8.90
C ARG A 74 39.47 18.35 9.61
N ASN A 75 39.39 18.55 10.93
CA ASN A 75 40.56 18.81 11.78
C ASN A 75 41.19 20.16 11.45
N GLY A 76 41.35 20.99 12.47
CA GLY A 76 41.87 22.32 12.26
C GLY A 76 43.37 22.32 12.03
N ARG A 77 43.78 21.82 10.88
CA ARG A 77 45.18 21.85 10.47
C ARG A 77 45.59 23.27 10.14
N LEU A 78 44.60 24.12 9.90
CA LEU A 78 44.84 25.51 9.60
C LEU A 78 44.23 26.38 10.68
N GLY B 1 9.20 -11.62 -9.77
CA GLY B 1 7.79 -11.55 -10.22
C GLY B 1 7.01 -12.81 -9.92
N PRO B 2 5.79 -12.93 -10.46
CA PRO B 2 4.95 -14.12 -10.25
C PRO B 2 5.22 -15.23 -11.26
N LEU B 3 5.96 -14.89 -12.32
CA LEU B 3 6.26 -15.82 -13.41
C LEU B 3 4.99 -16.24 -14.15
N GLY B 4 4.31 -17.25 -13.64
CA GLY B 4 3.11 -17.74 -14.28
C GLY B 4 2.21 -18.45 -13.29
N SER B 5 1.12 -19.03 -13.79
CA SER B 5 0.16 -19.78 -12.97
C SER B 5 -0.47 -18.90 -11.89
N SER B 6 -0.41 -17.58 -12.09
CA SER B 6 -0.88 -16.65 -11.07
C SER B 6 -2.03 -15.79 -11.60
N ALA B 7 -3.23 -16.35 -11.53
CA ALA B 7 -4.44 -15.62 -11.90
C ALA B 7 -5.53 -15.86 -10.86
N GLY B 8 -6.16 -17.02 -10.93
CA GLY B 8 -7.16 -17.39 -9.96
C GLY B 8 -6.55 -17.65 -8.60
N ALA B 9 -5.38 -18.28 -8.59
CA ALA B 9 -4.67 -18.55 -7.35
C ALA B 9 -4.21 -17.25 -6.72
N LEU B 10 -3.80 -16.30 -7.56
CA LEU B 10 -3.40 -14.97 -7.10
C LEU B 10 -4.56 -14.30 -6.41
N LEU B 11 -5.72 -14.35 -7.04
CA LEU B 11 -6.95 -13.79 -6.49
C LEU B 11 -7.30 -14.51 -5.19
N ALA B 12 -7.28 -15.84 -5.24
CA ALA B 12 -7.65 -16.67 -4.10
C ALA B 12 -6.81 -16.36 -2.86
N HIS B 13 -5.49 -16.38 -2.99
CA HIS B 13 -4.64 -16.18 -1.83
C HIS B 13 -4.65 -14.71 -1.39
N ALA B 14 -4.88 -13.80 -2.32
CA ALA B 14 -4.97 -12.38 -1.99
C ALA B 14 -6.21 -12.11 -1.15
N ALA B 15 -7.33 -12.71 -1.56
CA ALA B 15 -8.58 -12.60 -0.81
C ALA B 15 -8.45 -13.26 0.55
N SER B 16 -7.78 -14.40 0.58
CA SER B 16 -7.57 -15.15 1.82
C SER B 16 -6.76 -14.32 2.83
N LEU B 17 -5.80 -13.56 2.33
CA LEU B 17 -5.00 -12.69 3.20
C LEU B 17 -5.74 -11.40 3.50
N GLY B 18 -6.64 -11.02 2.61
CA GLY B 18 -7.42 -9.82 2.80
C GLY B 18 -6.72 -8.58 2.28
N VAL B 19 -5.93 -8.73 1.23
CA VAL B 19 -5.23 -7.61 0.61
C VAL B 19 -6.21 -6.79 -0.21
N ARG B 20 -6.31 -5.50 0.11
CA ARG B 20 -7.30 -4.64 -0.52
C ARG B 20 -6.67 -3.37 -1.06
N LEU B 21 -6.98 -3.03 -2.31
CA LEU B 21 -6.51 -1.80 -2.91
C LEU B 21 -7.66 -1.12 -3.64
N TRP B 22 -7.90 0.14 -3.31
CA TRP B 22 -8.92 0.92 -3.98
C TRP B 22 -8.48 2.37 -4.12
N VAL B 23 -8.72 2.93 -5.29
CA VAL B 23 -8.36 4.32 -5.54
C VAL B 23 -9.54 5.23 -5.31
N GLU B 24 -9.39 6.14 -4.35
CA GLU B 24 -10.46 7.07 -4.03
C GLU B 24 -10.02 8.48 -4.40
N GLY B 25 -10.70 9.06 -5.37
CA GLY B 25 -10.33 10.36 -5.85
C GLY B 25 -9.09 10.31 -6.70
N GLU B 26 -7.96 10.64 -6.10
CA GLU B 26 -6.68 10.63 -6.80
C GLU B 26 -5.72 9.61 -6.21
N ARG B 27 -6.01 9.15 -4.99
CA ARG B 27 -5.03 8.42 -4.23
C ARG B 27 -5.45 6.97 -3.97
N LEU B 28 -4.56 6.06 -4.31
CA LEU B 28 -4.74 4.65 -4.06
C LEU B 28 -4.56 4.35 -2.57
N ARG B 29 -5.55 3.74 -1.95
CA ARG B 29 -5.45 3.33 -0.55
C ARG B 29 -5.14 1.85 -0.46
N PHE B 30 -4.36 1.47 0.54
CA PHE B 30 -3.89 0.10 0.68
C PHE B 30 -4.36 -0.48 2.00
N GLN B 31 -4.92 -1.68 1.95
CA GLN B 31 -5.35 -2.39 3.14
C GLN B 31 -4.71 -3.78 3.16
N ALA B 32 -3.84 -4.01 4.12
CA ALA B 32 -3.14 -5.28 4.22
C ALA B 32 -2.78 -5.61 5.67
N PRO B 33 -3.26 -6.75 6.18
CA PRO B 33 -2.95 -7.22 7.53
C PRO B 33 -1.45 -7.41 7.74
N PRO B 34 -0.98 -7.28 8.99
CA PRO B 34 0.44 -7.43 9.32
C PRO B 34 0.98 -8.80 8.93
N GLY B 35 2.04 -8.79 8.12
CA GLY B 35 2.70 -10.03 7.75
C GLY B 35 2.53 -10.38 6.28
N VAL B 36 1.42 -9.95 5.69
CA VAL B 36 1.11 -10.31 4.31
C VAL B 36 1.71 -9.30 3.33
N MET B 37 2.11 -8.14 3.84
CA MET B 37 2.58 -7.05 2.99
C MET B 37 4.05 -7.24 2.60
N THR B 38 4.53 -8.47 2.74
CA THR B 38 5.89 -8.81 2.34
C THR B 38 6.17 -8.37 0.90
N PRO B 39 7.39 -7.91 0.63
CA PRO B 39 7.78 -7.40 -0.70
C PRO B 39 7.42 -8.34 -1.84
N GLU B 40 7.55 -9.65 -1.60
CA GLU B 40 7.21 -10.63 -2.61
C GLU B 40 5.73 -10.54 -3.01
N LEU B 41 4.86 -10.28 -2.03
CA LEU B 41 3.43 -10.18 -2.31
C LEU B 41 3.15 -9.03 -3.26
N GLN B 42 3.86 -7.92 -3.03
CA GLN B 42 3.75 -6.76 -3.89
C GLN B 42 4.15 -7.13 -5.32
N SER B 43 5.18 -7.96 -5.42
CA SER B 43 5.66 -8.45 -6.71
C SER B 43 4.64 -9.40 -7.34
N ARG B 44 3.91 -10.13 -6.49
CA ARG B 44 2.87 -11.04 -6.97
C ARG B 44 1.67 -10.24 -7.48
N LEU B 45 1.32 -9.18 -6.74
CA LEU B 45 0.25 -8.28 -7.15
C LEU B 45 0.61 -7.62 -8.47
N GLY B 46 1.88 -7.28 -8.62
CA GLY B 46 2.39 -6.77 -9.87
C GLY B 46 2.18 -5.28 -10.03
N GLY B 47 1.19 -4.74 -9.32
CA GLY B 47 0.90 -3.33 -9.40
C GLY B 47 0.29 -2.94 -10.74
N ALA B 48 -0.19 -3.94 -11.48
CA ALA B 48 -0.80 -3.69 -12.78
C ALA B 48 -2.20 -3.11 -12.60
N ARG B 49 -2.63 -2.30 -13.55
CA ARG B 49 -3.92 -1.63 -13.43
C ARG B 49 -5.07 -2.63 -13.45
N HIS B 50 -5.06 -3.55 -14.41
CA HIS B 50 -6.13 -4.54 -14.54
C HIS B 50 -6.14 -5.51 -13.36
N GLU B 51 -4.96 -5.79 -12.81
CA GLU B 51 -4.85 -6.70 -11.67
C GLU B 51 -5.54 -6.11 -10.45
N LEU B 52 -5.31 -4.82 -10.22
CA LEU B 52 -5.86 -4.16 -9.04
C LEU B 52 -7.34 -3.87 -9.21
N ILE B 53 -7.80 -3.75 -10.45
CA ILE B 53 -9.22 -3.60 -10.73
C ILE B 53 -9.96 -4.87 -10.27
N ALA B 54 -9.43 -6.03 -10.64
CA ALA B 54 -10.00 -7.30 -10.23
C ALA B 54 -9.80 -7.49 -8.73
N LEU B 55 -8.69 -6.97 -8.20
CA LEU B 55 -8.40 -7.02 -6.78
C LEU B 55 -9.46 -6.25 -6.00
N LEU B 56 -9.81 -5.07 -6.50
CA LEU B 56 -10.87 -4.26 -5.91
C LEU B 56 -12.23 -4.92 -6.11
N ARG B 57 -12.37 -5.65 -7.20
CA ARG B 57 -13.62 -6.32 -7.52
C ARG B 57 -13.92 -7.43 -6.51
N GLN B 58 -12.86 -8.02 -5.95
CA GLN B 58 -13.02 -9.09 -4.97
C GLN B 58 -13.62 -8.54 -3.67
N LEU B 59 -13.43 -7.25 -3.45
CA LEU B 59 -13.89 -6.59 -2.23
C LEU B 59 -15.39 -6.39 -2.28
N GLN B 60 -15.95 -6.47 -3.47
CA GLN B 60 -17.37 -6.36 -3.67
C GLN B 60 -18.01 -7.74 -3.61
N PRO B 61 -18.72 -8.03 -2.50
CA PRO B 61 -19.32 -9.34 -2.26
C PRO B 61 -20.53 -9.60 -3.14
N SER B 62 -20.25 -10.04 -4.37
CA SER B 62 -21.30 -10.29 -5.35
C SER B 62 -22.14 -9.03 -5.55
N SER B 63 -23.44 -9.18 -5.75
CA SER B 63 -24.30 -8.03 -5.91
C SER B 63 -25.03 -7.69 -4.62
N GLN B 64 -24.90 -8.54 -3.60
CA GLN B 64 -25.60 -8.35 -2.35
C GLN B 64 -24.61 -8.28 -1.18
N GLY B 65 -24.14 -9.44 -0.76
CA GLY B 65 -23.21 -9.49 0.35
C GLY B 65 -22.79 -10.92 0.68
N GLY B 66 -23.77 -11.79 0.82
CA GLY B 66 -23.49 -13.19 1.09
C GLY B 66 -22.75 -13.86 -0.06
N SER B 67 -21.45 -13.99 0.09
CA SER B 67 -20.63 -14.64 -0.92
C SER B 67 -20.37 -16.09 -0.54
N LEU B 68 -21.08 -17.01 -1.19
CA LEU B 68 -20.96 -18.43 -0.88
C LEU B 68 -21.53 -19.26 -2.03
N LEU B 69 -21.19 -20.54 -2.05
CA LEU B 69 -21.76 -21.45 -3.03
C LEU B 69 -23.21 -21.74 -2.68
N ALA B 70 -23.39 -22.34 -1.49
CA ALA B 70 -24.71 -22.59 -0.92
C ALA B 70 -25.61 -23.42 -1.84
N PRO B 71 -25.65 -24.75 -1.63
CA PRO B 71 -26.56 -25.63 -2.37
C PRO B 71 -28.02 -25.31 -2.05
N VAL B 72 -28.22 -24.60 -0.94
CA VAL B 72 -29.54 -24.17 -0.53
C VAL B 72 -29.96 -22.94 -1.33
N ALA B 73 -30.97 -23.11 -2.16
CA ALA B 73 -31.47 -22.02 -2.99
C ALA B 73 -32.67 -21.34 -2.33
N ARG B 74 -33.16 -20.28 -2.96
CA ARG B 74 -34.30 -19.53 -2.41
C ARG B 74 -35.56 -20.39 -2.39
N ASN B 75 -35.72 -21.20 -3.43
CA ASN B 75 -36.90 -22.05 -3.55
C ASN B 75 -36.81 -23.23 -2.60
N GLY B 76 -37.41 -23.08 -1.43
CA GLY B 76 -37.40 -24.16 -0.46
C GLY B 76 -36.95 -23.72 0.92
N ARG B 77 -36.47 -22.48 1.02
CA ARG B 77 -36.03 -21.96 2.31
C ARG B 77 -37.24 -21.63 3.19
N LEU B 78 -37.93 -20.56 2.85
CA LEU B 78 -39.16 -20.18 3.53
C LEU B 78 -39.82 -19.01 2.82
N GLY A 1 -1.94 20.84 12.12
CA GLY A 1 -2.67 19.88 11.26
C GLY A 1 -3.88 19.30 11.97
N PRO A 2 -5.04 19.24 11.30
CA PRO A 2 -6.28 18.74 11.88
C PRO A 2 -6.22 17.24 12.19
N LEU A 3 -5.55 16.49 11.33
CA LEU A 3 -5.45 15.05 11.49
C LEU A 3 -4.45 14.70 12.58
N GLY A 4 -3.30 15.35 12.55
CA GLY A 4 -2.27 15.08 13.52
C GLY A 4 -1.37 16.28 13.77
N SER A 5 -0.76 16.31 14.95
CA SER A 5 0.15 17.37 15.30
C SER A 5 1.60 16.90 15.15
N SER A 6 1.81 15.61 15.36
CA SER A 6 3.14 15.03 15.25
C SER A 6 3.43 14.63 13.80
N ALA A 7 4.12 15.52 13.09
CA ALA A 7 4.51 15.27 11.71
C ALA A 7 5.88 14.62 11.65
N GLY A 8 6.82 15.20 12.36
CA GLY A 8 8.16 14.64 12.45
C GLY A 8 8.15 13.25 13.07
N ALA A 9 7.30 13.06 14.06
CA ALA A 9 7.13 11.74 14.69
C ALA A 9 6.70 10.70 13.66
N LEU A 10 5.78 11.09 12.77
CA LEU A 10 5.34 10.22 11.70
C LEU A 10 6.49 9.92 10.75
N LEU A 11 7.20 10.96 10.36
CA LEU A 11 8.35 10.85 9.49
C LEU A 11 9.39 9.92 10.12
N ALA A 12 9.69 10.17 11.38
CA ALA A 12 10.71 9.41 12.09
C ALA A 12 10.35 7.93 12.22
N HIS A 13 9.13 7.63 12.67
CA HIS A 13 8.76 6.25 12.93
C HIS A 13 8.54 5.50 11.62
N ALA A 14 8.15 6.23 10.57
CA ALA A 14 7.99 5.62 9.26
C ALA A 14 9.34 5.20 8.70
N ALA A 15 10.32 6.10 8.77
CA ALA A 15 11.68 5.80 8.32
C ALA A 15 12.31 4.73 9.19
N SER A 16 11.93 4.70 10.46
CA SER A 16 12.42 3.71 11.40
C SER A 16 11.96 2.31 10.99
N LEU A 17 10.72 2.18 10.56
CA LEU A 17 10.20 0.91 10.08
C LEU A 17 10.66 0.64 8.67
N GLY A 18 10.94 1.71 7.94
CA GLY A 18 11.37 1.58 6.57
C GLY A 18 10.21 1.49 5.60
N VAL A 19 9.06 2.01 6.01
CA VAL A 19 7.90 2.07 5.14
C VAL A 19 8.16 3.07 4.02
N ARG A 20 8.09 2.61 2.78
CA ARG A 20 8.36 3.46 1.63
C ARG A 20 7.15 3.47 0.71
N LEU A 21 6.76 4.65 0.24
CA LEU A 21 5.67 4.77 -0.74
C LEU A 21 6.06 5.75 -1.83
N TRP A 22 5.99 5.30 -3.07
CA TRP A 22 6.31 6.15 -4.21
C TRP A 22 5.35 5.87 -5.36
N VAL A 23 4.94 6.92 -6.05
CA VAL A 23 4.04 6.76 -7.17
C VAL A 23 4.81 6.45 -8.44
N GLU A 24 4.48 5.32 -9.06
CA GLU A 24 5.14 4.92 -10.29
C GLU A 24 4.16 5.04 -11.44
N GLY A 25 4.33 6.10 -12.22
CA GLY A 25 3.44 6.36 -13.33
C GLY A 25 2.04 6.73 -12.87
N GLU A 26 1.23 5.72 -12.64
CA GLU A 26 -0.13 5.92 -12.19
C GLU A 26 -0.33 5.31 -10.80
N ARG A 27 0.38 4.24 -10.51
CA ARG A 27 0.09 3.43 -9.34
C ARG A 27 1.11 3.65 -8.24
N LEU A 28 0.59 3.84 -7.03
CA LEU A 28 1.40 3.96 -5.84
C LEU A 28 2.03 2.60 -5.52
N ARG A 29 3.35 2.58 -5.38
CA ARG A 29 4.06 1.37 -4.99
C ARG A 29 4.35 1.40 -3.51
N PHE A 30 4.04 0.31 -2.82
CA PHE A 30 4.17 0.24 -1.38
C PHE A 30 5.34 -0.68 -1.01
N GLN A 31 6.03 -0.35 0.08
CA GLN A 31 7.11 -1.17 0.57
C GLN A 31 7.15 -1.12 2.09
N ALA A 32 6.80 -2.23 2.74
CA ALA A 32 6.77 -2.29 4.19
C ALA A 32 7.17 -3.68 4.68
N PRO A 33 8.03 -3.74 5.71
CA PRO A 33 8.41 -5.01 6.35
C PRO A 33 7.20 -5.74 6.94
N PRO A 34 7.32 -7.06 7.11
CA PRO A 34 6.23 -7.88 7.64
C PRO A 34 5.85 -7.49 9.07
N GLY A 35 4.58 -7.17 9.27
CA GLY A 35 4.09 -6.89 10.60
C GLY A 35 3.76 -5.43 10.83
N VAL A 36 4.56 -4.54 10.26
CA VAL A 36 4.44 -3.11 10.53
C VAL A 36 3.24 -2.47 9.83
N MET A 37 2.65 -3.21 8.91
CA MET A 37 1.59 -2.70 8.06
C MET A 37 0.22 -2.74 8.75
N THR A 38 0.25 -2.79 10.09
CA THR A 38 -0.98 -2.84 10.87
C THR A 38 -1.95 -1.73 10.45
N PRO A 39 -3.27 -2.01 10.47
CA PRO A 39 -4.29 -1.03 10.08
C PRO A 39 -4.14 0.27 10.87
N GLU A 40 -3.70 0.16 12.11
CA GLU A 40 -3.40 1.31 12.94
C GLU A 40 -2.37 2.20 12.26
N LEU A 41 -1.26 1.59 11.83
CA LEU A 41 -0.20 2.31 11.13
C LEU A 41 -0.73 2.92 9.85
N GLN A 42 -1.44 2.10 9.09
CA GLN A 42 -1.97 2.49 7.80
C GLN A 42 -2.86 3.72 7.92
N SER A 43 -3.65 3.77 8.98
CA SER A 43 -4.53 4.90 9.21
C SER A 43 -3.72 6.14 9.62
N ARG A 44 -2.59 5.90 10.26
CA ARG A 44 -1.70 6.99 10.68
C ARG A 44 -0.90 7.52 9.49
N LEU A 45 -0.63 6.64 8.53
CA LEU A 45 -0.02 7.06 7.26
C LEU A 45 -1.00 7.97 6.53
N GLY A 46 -2.28 7.69 6.71
CA GLY A 46 -3.33 8.58 6.24
C GLY A 46 -3.69 8.35 4.79
N GLY A 47 -2.76 7.80 4.03
CA GLY A 47 -2.98 7.58 2.61
C GLY A 47 -3.07 8.88 1.84
N ALA A 48 -2.71 9.98 2.49
CA ALA A 48 -2.81 11.29 1.89
C ALA A 48 -1.65 11.52 0.94
N ARG A 49 -1.88 12.33 -0.08
CA ARG A 49 -0.91 12.51 -1.15
C ARG A 49 0.34 13.22 -0.64
N HIS A 50 0.15 14.35 0.05
CA HIS A 50 1.27 15.12 0.59
C HIS A 50 2.04 14.32 1.63
N GLU A 51 1.30 13.50 2.38
CA GLU A 51 1.91 12.69 3.42
C GLU A 51 2.84 11.67 2.81
N LEU A 52 2.32 10.98 1.81
CA LEU A 52 3.06 9.91 1.19
C LEU A 52 4.22 10.45 0.34
N ILE A 53 4.10 11.70 -0.10
CA ILE A 53 5.21 12.36 -0.78
C ILE A 53 6.40 12.48 0.17
N ALA A 54 6.11 12.88 1.41
CA ALA A 54 7.15 12.97 2.44
C ALA A 54 7.64 11.57 2.81
N LEU A 55 6.78 10.59 2.60
CA LEU A 55 7.08 9.20 2.93
C LEU A 55 8.10 8.63 1.96
N LEU A 56 8.08 9.15 0.75
CA LEU A 56 9.07 8.85 -0.23
C LEU A 56 10.30 9.73 -0.05
N ARG A 57 10.04 11.00 0.26
CA ARG A 57 11.09 12.01 0.42
C ARG A 57 12.10 11.58 1.49
N GLN A 58 11.62 10.81 2.44
CA GLN A 58 12.45 10.28 3.52
C GLN A 58 13.47 9.27 3.01
N LEU A 59 13.20 8.71 1.84
CA LEU A 59 14.04 7.66 1.29
C LEU A 59 15.17 8.26 0.44
N GLN A 60 15.11 9.57 0.24
CA GLN A 60 16.11 10.27 -0.56
C GLN A 60 17.46 10.25 0.15
N PRO A 61 18.49 9.68 -0.50
CA PRO A 61 19.83 9.63 0.08
C PRO A 61 20.49 11.01 0.12
N SER A 62 20.38 11.66 1.27
CA SER A 62 21.05 12.93 1.50
C SER A 62 22.55 12.73 1.70
N SER A 63 22.94 11.49 1.97
CA SER A 63 24.34 11.15 2.13
C SER A 63 25.09 11.33 0.80
N GLN A 64 26.36 11.68 0.89
CA GLN A 64 27.15 12.00 -0.29
C GLN A 64 27.94 10.79 -0.78
N GLY A 65 27.49 9.60 -0.44
CA GLY A 65 28.14 8.39 -0.93
C GLY A 65 29.22 7.91 0.02
N GLY A 66 30.30 8.67 0.10
CA GLY A 66 31.41 8.29 0.95
C GLY A 66 32.34 9.44 1.21
N SER A 67 33.52 9.16 1.76
CA SER A 67 34.50 10.20 2.03
C SER A 67 35.90 9.72 1.65
N LEU A 68 36.09 9.46 0.36
CA LEU A 68 37.40 9.08 -0.15
C LEU A 68 37.98 10.20 -1.01
N LEU A 69 38.75 11.08 -0.40
CA LEU A 69 39.42 12.14 -1.14
C LEU A 69 40.70 11.59 -1.74
N ALA A 70 41.49 10.93 -0.91
CA ALA A 70 42.69 10.28 -1.35
C ALA A 70 42.88 8.95 -0.62
N PRO A 71 42.56 7.83 -1.28
CA PRO A 71 42.78 6.49 -0.73
C PRO A 71 44.23 6.06 -0.92
N VAL A 72 45.14 6.96 -0.55
CA VAL A 72 46.55 6.74 -0.77
C VAL A 72 47.14 5.81 0.28
N ALA A 73 47.73 4.72 -0.20
CA ALA A 73 48.24 3.68 0.68
C ALA A 73 49.71 3.92 1.03
N ARG A 74 50.55 3.92 0.00
CA ARG A 74 51.99 3.99 0.19
C ARG A 74 52.56 5.35 -0.20
N ASN A 75 52.34 6.34 0.67
CA ASN A 75 52.85 7.71 0.48
C ASN A 75 52.11 8.42 -0.65
N GLY A 76 52.35 7.97 -1.88
CA GLY A 76 51.63 8.48 -3.04
C GLY A 76 51.79 9.96 -3.26
N ARG A 77 52.89 10.53 -2.77
CA ARG A 77 53.18 11.94 -2.92
C ARG A 77 52.09 12.80 -2.29
N LEU A 78 52.15 12.91 -0.97
CA LEU A 78 51.18 13.68 -0.21
C LEU A 78 51.78 14.12 1.12
N GLY B 1 -10.83 -13.42 -20.70
CA GLY B 1 -9.78 -14.26 -21.34
C GLY B 1 -8.50 -14.31 -20.54
N PRO B 2 -8.28 -15.37 -19.77
CA PRO B 2 -7.09 -15.55 -18.96
C PRO B 2 -5.96 -16.19 -19.76
N LEU B 3 -4.93 -15.41 -20.07
CA LEU B 3 -3.78 -15.92 -20.81
C LEU B 3 -2.56 -15.97 -19.89
N GLY B 4 -2.65 -15.30 -18.75
CA GLY B 4 -1.56 -15.29 -17.79
C GLY B 4 -1.51 -16.56 -16.96
N SER B 5 -2.26 -17.57 -17.38
CA SER B 5 -2.30 -18.88 -16.72
C SER B 5 -2.95 -18.78 -15.33
N SER B 6 -2.16 -18.45 -14.32
CA SER B 6 -2.64 -18.42 -12.95
C SER B 6 -2.94 -17.01 -12.49
N ALA B 7 -4.18 -16.59 -12.70
CA ALA B 7 -4.64 -15.31 -12.22
C ALA B 7 -5.60 -15.53 -11.06
N GLY B 8 -6.30 -16.66 -11.10
CA GLY B 8 -7.23 -17.00 -10.05
C GLY B 8 -6.54 -17.27 -8.73
N ALA B 9 -5.35 -17.86 -8.80
CA ALA B 9 -4.55 -18.12 -7.61
C ALA B 9 -4.24 -16.82 -6.87
N LEU B 10 -3.89 -15.78 -7.64
CA LEU B 10 -3.61 -14.47 -7.07
C LEU B 10 -4.87 -13.90 -6.44
N LEU B 11 -5.98 -13.98 -7.17
CA LEU B 11 -7.26 -13.48 -6.69
C LEU B 11 -7.67 -14.19 -5.41
N ALA B 12 -7.60 -15.51 -5.42
CA ALA B 12 -8.03 -16.32 -4.29
C ALA B 12 -7.26 -16.00 -3.02
N HIS B 13 -5.93 -16.05 -3.10
CA HIS B 13 -5.11 -15.87 -1.90
C HIS B 13 -5.14 -14.42 -1.43
N ALA B 14 -5.36 -13.48 -2.35
CA ALA B 14 -5.47 -12.08 -2.00
C ALA B 14 -6.72 -11.85 -1.15
N ALA B 15 -7.84 -12.40 -1.60
CA ALA B 15 -9.10 -12.31 -0.86
C ALA B 15 -8.99 -13.08 0.45
N SER B 16 -8.28 -14.21 0.41
CA SER B 16 -8.05 -15.02 1.59
C SER B 16 -7.35 -14.22 2.68
N LEU B 17 -6.40 -13.38 2.28
CA LEU B 17 -5.70 -12.53 3.24
C LEU B 17 -6.50 -11.27 3.54
N GLY B 18 -7.36 -10.89 2.61
CA GLY B 18 -8.15 -9.69 2.79
C GLY B 18 -7.41 -8.45 2.37
N VAL B 19 -6.51 -8.60 1.40
CA VAL B 19 -5.74 -7.48 0.89
C VAL B 19 -6.61 -6.66 -0.05
N ARG B 20 -6.77 -5.39 0.26
CA ARG B 20 -7.63 -4.51 -0.51
C ARG B 20 -6.86 -3.31 -1.04
N LEU B 21 -7.04 -3.00 -2.32
CA LEU B 21 -6.42 -1.83 -2.92
C LEU B 21 -7.43 -1.10 -3.80
N TRP B 22 -7.63 0.17 -3.53
CA TRP B 22 -8.55 0.98 -4.31
C TRP B 22 -8.01 2.38 -4.50
N VAL B 23 -8.20 2.94 -5.68
CA VAL B 23 -7.72 4.28 -5.97
C VAL B 23 -8.74 5.31 -5.49
N GLU B 24 -8.30 6.21 -4.64
CA GLU B 24 -9.17 7.25 -4.10
C GLU B 24 -8.72 8.59 -4.65
N GLY B 25 -9.43 9.07 -5.66
CA GLY B 25 -9.07 10.32 -6.31
C GLY B 25 -7.78 10.21 -7.10
N GLU B 26 -6.67 10.43 -6.43
CA GLU B 26 -5.36 10.34 -7.05
C GLU B 26 -4.54 9.22 -6.44
N ARG B 27 -4.76 8.98 -5.15
CA ARG B 27 -3.86 8.13 -4.39
C ARG B 27 -4.47 6.76 -4.11
N LEU B 28 -3.71 5.73 -4.44
CA LEU B 28 -4.08 4.36 -4.14
C LEU B 28 -4.11 4.16 -2.62
N ARG B 29 -5.25 3.70 -2.12
CA ARG B 29 -5.38 3.37 -0.71
C ARG B 29 -5.16 1.87 -0.51
N PHE B 30 -4.31 1.54 0.44
CA PHE B 30 -3.95 0.14 0.69
C PHE B 30 -4.60 -0.35 1.96
N GLN B 31 -4.89 -1.65 2.01
CA GLN B 31 -5.45 -2.27 3.20
C GLN B 31 -4.98 -3.72 3.29
N ALA B 32 -4.16 -4.02 4.28
CA ALA B 32 -3.63 -5.36 4.46
C ALA B 32 -3.40 -5.66 5.92
N PRO B 33 -3.81 -6.86 6.39
CA PRO B 33 -3.58 -7.29 7.76
C PRO B 33 -2.09 -7.39 8.11
N PRO B 34 -1.74 -7.24 9.39
CA PRO B 34 -0.35 -7.27 9.83
C PRO B 34 0.34 -8.59 9.52
N GLY B 35 1.45 -8.52 8.79
CA GLY B 35 2.24 -9.71 8.54
C GLY B 35 2.19 -10.17 7.10
N VAL B 36 1.04 -10.02 6.45
CA VAL B 36 0.84 -10.54 5.11
C VAL B 36 1.44 -9.64 4.04
N MET B 37 1.89 -8.46 4.45
CA MET B 37 2.37 -7.44 3.53
C MET B 37 3.83 -7.68 3.11
N THR B 38 4.30 -8.92 3.29
CA THR B 38 5.67 -9.28 2.95
C THR B 38 6.04 -8.83 1.52
N PRO B 39 7.30 -8.42 1.32
CA PRO B 39 7.79 -7.97 0.00
C PRO B 39 7.53 -9.01 -1.09
N GLU B 40 7.55 -10.28 -0.69
CA GLU B 40 7.22 -11.38 -1.60
C GLU B 40 5.80 -11.20 -2.13
N LEU B 41 4.86 -10.97 -1.23
CA LEU B 41 3.47 -10.78 -1.61
C LEU B 41 3.33 -9.52 -2.46
N GLN B 42 3.98 -8.45 -2.01
CA GLN B 42 3.92 -7.16 -2.70
C GLN B 42 4.41 -7.30 -4.15
N SER B 43 5.46 -8.07 -4.35
CA SER B 43 6.01 -8.31 -5.67
C SER B 43 5.06 -9.18 -6.50
N ARG B 44 4.34 -10.06 -5.84
CA ARG B 44 3.38 -10.94 -6.52
C ARG B 44 2.11 -10.18 -6.87
N LEU B 45 1.78 -9.17 -6.07
CA LEU B 45 0.70 -8.26 -6.39
C LEU B 45 1.03 -7.49 -7.66
N GLY B 46 2.32 -7.21 -7.82
CA GLY B 46 2.82 -6.65 -9.06
C GLY B 46 2.71 -5.14 -9.09
N GLY B 47 1.78 -4.59 -8.31
CA GLY B 47 1.58 -3.16 -8.28
C GLY B 47 0.98 -2.65 -9.59
N ALA B 48 0.59 -3.57 -10.46
CA ALA B 48 0.05 -3.21 -11.76
C ALA B 48 -1.37 -2.71 -11.63
N ARG B 49 -1.75 -1.80 -12.52
CA ARG B 49 -3.05 -1.18 -12.47
C ARG B 49 -4.19 -2.19 -12.64
N HIS B 50 -4.09 -3.02 -13.67
CA HIS B 50 -5.14 -4.02 -13.94
C HIS B 50 -5.22 -5.07 -12.84
N GLU B 51 -4.09 -5.40 -12.24
CA GLU B 51 -4.05 -6.38 -11.16
C GLU B 51 -4.76 -5.82 -9.93
N LEU B 52 -4.44 -4.57 -9.60
CA LEU B 52 -5.01 -3.94 -8.41
C LEU B 52 -6.48 -3.58 -8.62
N ILE B 53 -6.89 -3.41 -9.88
CA ILE B 53 -8.30 -3.24 -10.18
C ILE B 53 -9.06 -4.51 -9.82
N ALA B 54 -8.48 -5.66 -10.13
CA ALA B 54 -9.05 -6.94 -9.75
C ALA B 54 -9.00 -7.13 -8.24
N LEU B 55 -7.97 -6.56 -7.62
CA LEU B 55 -7.81 -6.56 -6.16
C LEU B 55 -8.96 -5.81 -5.49
N LEU B 56 -9.42 -4.76 -6.15
CA LEU B 56 -10.59 -4.03 -5.67
C LEU B 56 -11.88 -4.76 -6.06
N ARG B 57 -11.90 -5.28 -7.28
CA ARG B 57 -13.08 -5.95 -7.83
C ARG B 57 -13.46 -7.18 -7.01
N GLN B 58 -12.51 -7.70 -6.25
CA GLN B 58 -12.78 -8.88 -5.43
C GLN B 58 -13.55 -8.50 -4.17
N LEU B 59 -13.49 -7.23 -3.80
CA LEU B 59 -14.11 -6.74 -2.58
C LEU B 59 -15.58 -6.40 -2.84
N GLN B 60 -15.94 -6.36 -4.12
CA GLN B 60 -17.31 -6.04 -4.53
C GLN B 60 -18.28 -7.10 -4.02
N PRO B 61 -19.23 -6.71 -3.17
CA PRO B 61 -20.23 -7.62 -2.63
C PRO B 61 -21.19 -8.12 -3.71
N SER B 62 -21.04 -9.38 -4.07
CA SER B 62 -21.94 -10.00 -5.03
C SER B 62 -23.13 -10.60 -4.30
N SER B 63 -22.99 -10.69 -2.98
CA SER B 63 -24.07 -11.15 -2.12
C SER B 63 -25.25 -10.20 -2.21
N GLN B 64 -26.46 -10.73 -2.03
CA GLN B 64 -27.68 -9.94 -2.21
C GLN B 64 -28.21 -9.40 -0.88
N GLY B 65 -27.32 -9.21 0.08
CA GLY B 65 -27.71 -8.67 1.36
C GLY B 65 -28.21 -9.74 2.31
N GLY B 66 -29.27 -10.41 1.91
CA GLY B 66 -29.85 -11.45 2.74
C GLY B 66 -31.06 -12.08 2.09
N SER B 67 -31.75 -12.96 2.82
CA SER B 67 -32.91 -13.64 2.28
C SER B 67 -34.08 -13.57 3.28
N LEU B 68 -34.75 -12.44 3.30
CA LEU B 68 -35.93 -12.26 4.13
C LEU B 68 -37.12 -11.84 3.28
N LEU B 69 -37.82 -12.81 2.71
CA LEU B 69 -39.00 -12.51 1.91
C LEU B 69 -40.18 -12.20 2.83
N ALA B 70 -40.34 -13.02 3.85
CA ALA B 70 -41.41 -12.83 4.82
C ALA B 70 -40.91 -13.10 6.25
N PRO B 71 -40.40 -12.06 6.91
CA PRO B 71 -39.93 -12.17 8.30
C PRO B 71 -41.09 -12.28 9.28
N VAL B 72 -40.75 -12.43 10.56
CA VAL B 72 -41.76 -12.55 11.61
C VAL B 72 -41.16 -12.13 12.95
N ALA B 73 -41.95 -11.41 13.74
CA ALA B 73 -41.50 -10.94 15.03
C ALA B 73 -42.52 -11.30 16.12
N ARG B 74 -42.27 -12.41 16.79
CA ARG B 74 -43.16 -12.87 17.84
C ARG B 74 -42.96 -12.05 19.12
N ASN B 75 -43.99 -11.31 19.49
CA ASN B 75 -43.93 -10.47 20.68
C ASN B 75 -45.12 -10.72 21.59
N GLY B 76 -44.93 -11.58 22.57
CA GLY B 76 -45.96 -11.85 23.55
C GLY B 76 -47.12 -12.65 22.97
N ARG B 77 -48.30 -12.45 23.51
CA ARG B 77 -49.49 -13.16 23.03
C ARG B 77 -50.30 -12.25 22.13
N LEU B 78 -50.37 -10.98 22.51
CA LEU B 78 -51.15 -10.00 21.75
C LEU B 78 -50.23 -9.12 20.92
N GLY A 1 -2.47 26.78 13.31
CA GLY A 1 -2.65 26.83 14.77
C GLY A 1 -1.47 26.25 15.50
N PRO A 2 -1.48 26.27 16.85
CA PRO A 2 -0.36 25.76 17.65
C PRO A 2 -0.25 24.25 17.62
N LEU A 3 -1.29 23.58 17.13
CA LEU A 3 -1.30 22.13 17.04
C LEU A 3 -1.93 21.67 15.74
N GLY A 4 -1.79 20.39 15.45
CA GLY A 4 -2.42 19.80 14.29
C GLY A 4 -2.27 18.29 14.31
N SER A 5 -1.04 17.85 14.06
CA SER A 5 -0.69 16.45 14.20
C SER A 5 0.80 16.33 14.44
N SER A 6 1.23 15.26 15.08
CA SER A 6 2.64 15.03 15.32
C SER A 6 3.30 14.50 14.05
N ALA A 7 3.54 15.40 13.10
CA ALA A 7 4.06 15.03 11.80
C ALA A 7 5.50 14.53 11.90
N GLY A 8 6.32 15.25 12.65
CA GLY A 8 7.72 14.90 12.79
C GLY A 8 7.90 13.50 13.34
N ALA A 9 7.17 13.19 14.41
CA ALA A 9 7.26 11.88 15.05
C ALA A 9 6.68 10.80 14.15
N LEU A 10 5.56 11.10 13.50
CA LEU A 10 4.92 10.17 12.58
C LEU A 10 5.83 9.86 11.41
N LEU A 11 6.39 10.91 10.82
CA LEU A 11 7.30 10.78 9.70
C LEU A 11 8.55 10.01 10.15
N ALA A 12 9.06 10.36 11.31
CA ALA A 12 10.28 9.74 11.85
C ALA A 12 10.10 8.26 12.11
N HIS A 13 9.01 7.88 12.78
CA HIS A 13 8.82 6.48 13.13
C HIS A 13 8.48 5.65 11.88
N ALA A 14 7.85 6.28 10.90
CA ALA A 14 7.58 5.62 9.63
C ALA A 14 8.88 5.41 8.86
N ALA A 15 9.73 6.44 8.87
CA ALA A 15 11.03 6.39 8.22
C ALA A 15 11.95 5.40 8.93
N SER A 16 11.80 5.33 10.25
CA SER A 16 12.59 4.41 11.07
C SER A 16 12.24 2.96 10.71
N LEU A 17 10.95 2.71 10.46
CA LEU A 17 10.51 1.38 10.05
C LEU A 17 10.91 1.12 8.61
N GLY A 18 11.09 2.19 7.86
CA GLY A 18 11.51 2.07 6.48
C GLY A 18 10.34 1.89 5.54
N VAL A 19 9.20 2.48 5.88
CA VAL A 19 8.05 2.45 5.00
C VAL A 19 8.32 3.37 3.80
N ARG A 20 8.05 2.89 2.61
CA ARG A 20 8.29 3.65 1.39
C ARG A 20 7.05 3.65 0.52
N LEU A 21 6.67 4.81 0.00
CA LEU A 21 5.56 4.91 -0.95
C LEU A 21 5.95 5.86 -2.07
N TRP A 22 5.81 5.41 -3.31
CA TRP A 22 6.13 6.25 -4.45
C TRP A 22 5.20 5.93 -5.62
N VAL A 23 4.71 6.96 -6.27
CA VAL A 23 3.82 6.77 -7.41
C VAL A 23 4.61 6.41 -8.66
N GLU A 24 4.28 5.29 -9.25
CA GLU A 24 4.95 4.82 -10.45
C GLU A 24 3.92 4.55 -11.54
N GLY A 25 3.87 5.43 -12.52
CA GLY A 25 2.87 5.33 -13.55
C GLY A 25 1.48 5.63 -13.01
N GLU A 26 0.64 4.61 -12.98
CA GLU A 26 -0.72 4.76 -12.46
C GLU A 26 -0.85 4.17 -11.07
N ARG A 27 0.10 3.30 -10.71
CA ARG A 27 0.02 2.58 -9.44
C ARG A 27 1.02 3.12 -8.43
N LEU A 28 0.52 3.46 -7.25
CA LEU A 28 1.37 3.88 -6.15
C LEU A 28 2.07 2.66 -5.56
N ARG A 29 3.38 2.61 -5.69
CA ARG A 29 4.15 1.47 -5.21
C ARG A 29 4.36 1.58 -3.72
N PHE A 30 4.25 0.46 -3.03
CA PHE A 30 4.32 0.43 -1.58
C PHE A 30 5.42 -0.53 -1.13
N GLN A 31 6.25 -0.09 -0.21
CA GLN A 31 7.29 -0.93 0.36
C GLN A 31 7.21 -0.90 1.87
N ALA A 32 6.89 -2.04 2.46
CA ALA A 32 6.71 -2.15 3.90
C ALA A 32 7.26 -3.47 4.43
N PRO A 33 8.13 -3.41 5.44
CA PRO A 33 8.65 -4.60 6.12
C PRO A 33 7.53 -5.42 6.75
N PRO A 34 7.75 -6.72 6.97
CA PRO A 34 6.75 -7.61 7.53
C PRO A 34 6.39 -7.25 8.98
N GLY A 35 5.11 -7.00 9.21
CA GLY A 35 4.63 -6.75 10.57
C GLY A 35 4.29 -5.29 10.82
N VAL A 36 5.06 -4.38 10.24
CA VAL A 36 4.89 -2.94 10.52
C VAL A 36 3.68 -2.34 9.83
N MET A 37 3.15 -3.05 8.86
CA MET A 37 2.04 -2.54 8.04
C MET A 37 0.69 -2.79 8.71
N THR A 38 0.72 -2.95 10.03
CA THR A 38 -0.50 -3.11 10.81
C THR A 38 -1.50 -2.00 10.46
N PRO A 39 -2.81 -2.33 10.44
CA PRO A 39 -3.85 -1.36 10.09
C PRO A 39 -3.78 -0.09 10.92
N GLU A 40 -3.28 -0.21 12.14
CA GLU A 40 -3.06 0.94 13.01
C GLU A 40 -2.07 1.90 12.36
N LEU A 41 -0.96 1.36 11.87
CA LEU A 41 0.08 2.17 11.24
C LEU A 41 -0.49 2.94 10.07
N GLN A 42 -1.20 2.24 9.19
CA GLN A 42 -1.77 2.85 8.02
C GLN A 42 -2.76 3.96 8.41
N SER A 43 -3.49 3.74 9.51
CA SER A 43 -4.40 4.75 10.02
C SER A 43 -3.61 5.98 10.46
N ARG A 44 -2.39 5.75 10.95
CA ARG A 44 -1.52 6.83 11.38
C ARG A 44 -0.85 7.50 10.18
N LEU A 45 -0.43 6.69 9.20
CA LEU A 45 0.07 7.21 7.92
C LEU A 45 -0.98 8.17 7.33
N GLY A 46 -2.24 7.82 7.53
CA GLY A 46 -3.34 8.67 7.12
C GLY A 46 -3.70 8.48 5.68
N GLY A 47 -2.74 7.98 4.90
CA GLY A 47 -2.97 7.75 3.50
C GLY A 47 -3.06 9.05 2.72
N ALA A 48 -2.64 10.15 3.34
CA ALA A 48 -2.71 11.45 2.72
C ALA A 48 -1.54 11.62 1.77
N ARG A 49 -1.75 12.37 0.70
CA ARG A 49 -0.74 12.52 -0.33
C ARG A 49 0.46 13.32 0.16
N HIS A 50 0.20 14.50 0.73
CA HIS A 50 1.28 15.37 1.24
C HIS A 50 2.12 14.63 2.26
N GLU A 51 1.47 13.78 3.04
CA GLU A 51 2.15 12.99 4.04
C GLU A 51 3.09 12.01 3.39
N LEU A 52 2.56 11.29 2.43
CA LEU A 52 3.33 10.24 1.80
C LEU A 52 4.37 10.80 0.85
N ILE A 53 4.14 12.02 0.34
CA ILE A 53 5.13 12.70 -0.49
C ILE A 53 6.38 12.98 0.32
N ALA A 54 6.21 13.42 1.57
CA ALA A 54 7.34 13.63 2.47
C ALA A 54 8.00 12.29 2.78
N LEU A 55 7.19 11.26 2.85
CA LEU A 55 7.64 9.92 3.16
C LEU A 55 8.44 9.36 1.98
N LEU A 56 8.08 9.78 0.78
CA LEU A 56 8.79 9.42 -0.42
C LEU A 56 10.04 10.27 -0.55
N ARG A 57 9.92 11.54 -0.16
CA ARG A 57 11.01 12.49 -0.19
C ARG A 57 12.23 11.97 0.58
N GLN A 58 11.97 11.15 1.61
CA GLN A 58 13.05 10.51 2.35
C GLN A 58 13.97 9.71 1.43
N LEU A 59 13.39 9.10 0.38
CA LEU A 59 14.14 8.30 -0.56
C LEU A 59 14.81 9.14 -1.65
N GLN A 60 14.52 10.43 -1.64
CA GLN A 60 15.06 11.33 -2.65
C GLN A 60 16.40 11.91 -2.19
N PRO A 61 17.46 11.79 -3.02
CA PRO A 61 18.80 12.30 -2.68
C PRO A 61 18.90 13.82 -2.74
N SER A 62 17.82 14.50 -2.38
CA SER A 62 17.76 15.95 -2.39
C SER A 62 18.20 16.50 -1.04
N SER A 63 19.02 15.71 -0.35
CA SER A 63 19.49 16.06 0.99
C SER A 63 20.28 17.36 0.99
N GLN A 64 19.85 18.30 1.83
CA GLN A 64 20.52 19.57 1.98
C GLN A 64 20.90 19.77 3.45
N GLY A 65 20.88 21.01 3.92
CA GLY A 65 21.14 21.27 5.33
C GLY A 65 19.98 20.84 6.20
N GLY A 66 19.85 19.55 6.41
CA GLY A 66 18.73 19.02 7.19
C GLY A 66 17.48 18.93 6.35
N SER A 67 16.39 19.50 6.84
CA SER A 67 15.14 19.54 6.10
C SER A 67 14.98 20.90 5.43
N LEU A 68 16.02 21.72 5.51
CA LEU A 68 16.00 23.04 4.92
C LEU A 68 16.31 22.95 3.43
N LEU A 69 15.80 23.91 2.67
CA LEU A 69 15.96 23.87 1.22
C LEU A 69 16.66 25.14 0.73
N ALA A 70 17.15 25.93 1.67
CA ALA A 70 17.79 27.19 1.36
C ALA A 70 19.24 27.00 0.94
N PRO A 71 19.66 27.70 -0.14
CA PRO A 71 21.05 27.72 -0.58
C PRO A 71 21.86 28.66 0.31
N VAL A 72 22.42 28.09 1.36
CA VAL A 72 23.08 28.89 2.37
C VAL A 72 24.60 28.73 2.26
N ALA A 73 25.31 29.84 2.41
CA ALA A 73 26.76 29.86 2.25
C ALA A 73 27.45 29.15 3.40
N ARG A 74 27.37 29.72 4.60
CA ARG A 74 28.00 29.14 5.78
C ARG A 74 27.54 29.88 7.03
N ASN A 75 26.23 29.93 7.21
CA ASN A 75 25.63 30.60 8.35
C ASN A 75 24.32 29.94 8.74
N GLY A 76 24.22 29.57 10.00
CA GLY A 76 23.05 28.89 10.51
C GLY A 76 21.79 29.71 10.38
N ARG A 77 21.89 30.99 10.70
CA ARG A 77 20.75 31.89 10.64
C ARG A 77 21.21 33.36 10.65
N LEU A 78 21.50 33.87 9.46
CA LEU A 78 21.89 35.27 9.29
C LEU A 78 21.61 35.71 7.86
N GLY B 1 -9.01 -21.90 -16.09
CA GLY B 1 -9.98 -21.52 -15.04
C GLY B 1 -10.80 -20.31 -15.43
N PRO B 2 -11.94 -20.08 -14.76
CA PRO B 2 -12.85 -18.96 -15.06
C PRO B 2 -12.19 -17.60 -14.87
N LEU B 3 -12.61 -16.63 -15.69
CA LEU B 3 -12.09 -15.26 -15.65
C LEU B 3 -10.62 -15.21 -16.06
N GLY B 4 -9.74 -15.47 -15.11
CA GLY B 4 -8.32 -15.39 -15.37
C GLY B 4 -7.64 -14.46 -14.40
N SER B 5 -7.70 -13.16 -14.68
CA SER B 5 -7.06 -12.13 -13.86
C SER B 5 -5.55 -12.41 -13.76
N SER B 6 -4.98 -12.81 -14.90
CA SER B 6 -3.58 -13.24 -14.98
C SER B 6 -3.37 -14.59 -14.28
N ALA B 7 -3.78 -14.66 -13.02
CA ALA B 7 -3.67 -15.90 -12.24
C ALA B 7 -4.78 -15.98 -11.21
N GLY B 8 -5.67 -16.95 -11.39
CA GLY B 8 -6.80 -17.12 -10.50
C GLY B 8 -6.39 -17.38 -9.06
N ALA B 9 -5.37 -18.22 -8.88
CA ALA B 9 -4.88 -18.54 -7.54
C ALA B 9 -4.34 -17.30 -6.84
N LEU B 10 -3.64 -16.46 -7.60
CA LEU B 10 -3.08 -15.23 -7.07
C LEU B 10 -4.19 -14.32 -6.54
N LEU B 11 -5.23 -14.15 -7.33
CA LEU B 11 -6.37 -13.35 -6.94
C LEU B 11 -7.07 -13.99 -5.75
N ALA B 12 -7.23 -15.30 -5.82
CA ALA B 12 -7.94 -16.05 -4.79
C ALA B 12 -7.28 -15.92 -3.42
N HIS B 13 -5.98 -16.17 -3.33
CA HIS B 13 -5.30 -16.13 -2.04
C HIS B 13 -5.16 -14.70 -1.53
N ALA B 14 -5.08 -13.74 -2.44
CA ALA B 14 -5.03 -12.33 -2.05
C ALA B 14 -6.37 -11.91 -1.46
N ALA B 15 -7.44 -12.33 -2.12
CA ALA B 15 -8.79 -12.06 -1.64
C ALA B 15 -9.07 -12.80 -0.34
N SER B 16 -8.48 -13.98 -0.20
CA SER B 16 -8.63 -14.79 1.00
C SER B 16 -7.96 -14.11 2.19
N LEU B 17 -6.85 -13.42 1.93
CA LEU B 17 -6.14 -12.69 2.97
C LEU B 17 -6.89 -11.40 3.31
N GLY B 18 -7.67 -10.92 2.35
CA GLY B 18 -8.43 -9.70 2.56
C GLY B 18 -7.64 -8.47 2.18
N VAL B 19 -6.73 -8.61 1.23
CA VAL B 19 -5.95 -7.49 0.74
C VAL B 19 -6.84 -6.58 -0.11
N ARG B 20 -6.78 -5.27 0.15
CA ARG B 20 -7.62 -4.33 -0.58
C ARG B 20 -6.78 -3.16 -1.12
N LEU B 21 -6.99 -2.83 -2.38
CA LEU B 21 -6.35 -1.67 -2.99
C LEU B 21 -7.36 -0.91 -3.86
N TRP B 22 -7.49 0.38 -3.62
CA TRP B 22 -8.39 1.20 -4.41
C TRP B 22 -7.84 2.61 -4.55
N VAL B 23 -7.98 3.18 -5.73
CA VAL B 23 -7.50 4.54 -5.97
C VAL B 23 -8.48 5.56 -5.40
N GLU B 24 -7.95 6.50 -4.64
CA GLU B 24 -8.78 7.53 -4.02
C GLU B 24 -8.14 8.90 -4.27
N GLY B 25 -8.69 9.62 -5.23
CA GLY B 25 -8.14 10.90 -5.59
C GLY B 25 -6.80 10.74 -6.28
N GLU B 26 -5.74 11.16 -5.60
CA GLU B 26 -4.39 11.02 -6.14
C GLU B 26 -3.63 9.88 -5.46
N ARG B 27 -4.19 9.36 -4.38
CA ARG B 27 -3.49 8.37 -3.58
C ARG B 27 -4.21 7.02 -3.62
N LEU B 28 -3.48 5.99 -4.04
CA LEU B 28 -4.02 4.63 -4.04
C LEU B 28 -4.04 4.10 -2.60
N ARG B 29 -5.23 3.86 -2.08
CA ARG B 29 -5.39 3.42 -0.71
C ARG B 29 -5.09 1.93 -0.59
N PHE B 30 -4.39 1.55 0.47
CA PHE B 30 -3.99 0.17 0.67
C PHE B 30 -4.54 -0.33 1.99
N GLN B 31 -5.13 -1.52 1.98
CA GLN B 31 -5.64 -2.15 3.18
C GLN B 31 -5.12 -3.59 3.27
N ALA B 32 -4.27 -3.84 4.25
CA ALA B 32 -3.68 -5.16 4.41
C ALA B 32 -3.62 -5.56 5.88
N PRO B 33 -4.05 -6.79 6.19
CA PRO B 33 -3.94 -7.36 7.54
C PRO B 33 -2.47 -7.51 7.98
N PRO B 34 -2.22 -7.49 9.30
CA PRO B 34 -0.86 -7.57 9.84
C PRO B 34 -0.19 -8.89 9.52
N GLY B 35 0.98 -8.82 8.88
CA GLY B 35 1.77 -10.01 8.64
C GLY B 35 1.74 -10.45 7.19
N VAL B 36 0.59 -10.31 6.54
CA VAL B 36 0.42 -10.82 5.19
C VAL B 36 1.04 -9.89 4.14
N MET B 37 1.46 -8.71 4.57
CA MET B 37 1.98 -7.69 3.67
C MET B 37 3.48 -7.94 3.37
N THR B 38 3.93 -9.16 3.59
CA THR B 38 5.32 -9.52 3.33
C THR B 38 5.73 -9.13 1.92
N PRO B 39 6.99 -8.72 1.73
CA PRO B 39 7.51 -8.29 0.41
C PRO B 39 7.26 -9.34 -0.67
N GLU B 40 7.26 -10.61 -0.26
CA GLU B 40 6.98 -11.70 -1.17
C GLU B 40 5.58 -11.56 -1.77
N LEU B 41 4.60 -11.20 -0.94
CA LEU B 41 3.22 -11.05 -1.41
C LEU B 41 3.14 -9.93 -2.44
N GLN B 42 3.77 -8.80 -2.13
CA GLN B 42 3.77 -7.66 -3.05
C GLN B 42 4.44 -8.04 -4.36
N SER B 43 5.49 -8.84 -4.28
CA SER B 43 6.18 -9.33 -5.47
C SER B 43 5.24 -10.18 -6.32
N ARG B 44 4.37 -10.93 -5.64
CA ARG B 44 3.41 -11.79 -6.32
C ARG B 44 2.24 -10.98 -6.87
N LEU B 45 1.79 -9.99 -6.09
CA LEU B 45 0.77 -9.06 -6.54
C LEU B 45 1.23 -8.37 -7.82
N GLY B 46 2.54 -8.11 -7.88
CA GLY B 46 3.15 -7.55 -9.07
C GLY B 46 3.04 -6.04 -9.10
N GLY B 47 2.06 -5.51 -8.39
CA GLY B 47 1.84 -4.08 -8.36
C GLY B 47 1.30 -3.56 -9.68
N ALA B 48 0.77 -4.47 -10.48
CA ALA B 48 0.22 -4.12 -11.78
C ALA B 48 -1.19 -3.57 -11.61
N ARG B 49 -1.59 -2.67 -12.51
CA ARG B 49 -2.88 -2.02 -12.40
C ARG B 49 -4.02 -3.00 -12.65
N HIS B 50 -3.94 -3.77 -13.73
CA HIS B 50 -5.00 -4.72 -14.07
C HIS B 50 -5.22 -5.75 -12.97
N GLU B 51 -4.13 -6.18 -12.32
CA GLU B 51 -4.24 -7.12 -11.21
C GLU B 51 -4.99 -6.49 -10.04
N LEU B 52 -4.62 -5.27 -9.70
CA LEU B 52 -5.19 -4.59 -8.55
C LEU B 52 -6.60 -4.10 -8.82
N ILE B 53 -6.93 -3.87 -10.09
CA ILE B 53 -8.29 -3.50 -10.46
C ILE B 53 -9.24 -4.68 -10.19
N ALA B 54 -8.77 -5.89 -10.50
CA ALA B 54 -9.55 -7.08 -10.19
C ALA B 54 -9.63 -7.28 -8.68
N LEU B 55 -8.52 -7.00 -8.01
CA LEU B 55 -8.44 -7.08 -6.56
C LEU B 55 -9.41 -6.06 -5.93
N LEU B 56 -9.56 -4.92 -6.58
CA LEU B 56 -10.53 -3.91 -6.15
C LEU B 56 -11.94 -4.36 -6.50
N ARG B 57 -12.09 -4.99 -7.65
CA ARG B 57 -13.38 -5.44 -8.14
C ARG B 57 -14.08 -6.39 -7.15
N GLN B 58 -13.30 -7.12 -6.36
CA GLN B 58 -13.88 -8.01 -5.34
C GLN B 58 -14.71 -7.22 -4.33
N LEU B 59 -14.37 -5.94 -4.15
CA LEU B 59 -15.03 -5.09 -3.18
C LEU B 59 -16.25 -4.40 -3.79
N GLN B 60 -16.42 -4.56 -5.09
CA GLN B 60 -17.52 -3.92 -5.80
C GLN B 60 -18.74 -4.84 -5.83
N PRO B 61 -19.92 -4.31 -5.48
CA PRO B 61 -21.18 -5.06 -5.44
C PRO B 61 -21.75 -5.32 -6.83
N SER B 62 -20.87 -5.46 -7.81
CA SER B 62 -21.25 -5.73 -9.18
C SER B 62 -21.34 -7.24 -9.40
N SER B 63 -21.54 -7.96 -8.30
CA SER B 63 -21.60 -9.42 -8.31
C SER B 63 -22.74 -9.91 -9.19
N GLN B 64 -22.38 -10.64 -10.24
CA GLN B 64 -23.36 -11.23 -11.14
C GLN B 64 -23.32 -12.75 -11.02
N GLY B 65 -23.57 -13.45 -12.12
CA GLY B 65 -23.46 -14.89 -12.13
C GLY B 65 -22.02 -15.35 -12.09
N GLY B 66 -21.44 -15.35 -10.91
CA GLY B 66 -20.05 -15.69 -10.75
C GLY B 66 -19.16 -14.55 -11.20
N SER B 67 -18.25 -14.83 -12.12
CA SER B 67 -17.37 -13.81 -12.65
C SER B 67 -17.81 -13.43 -14.06
N LEU B 68 -19.00 -13.89 -14.45
CA LEU B 68 -19.55 -13.61 -15.76
C LEU B 68 -20.31 -12.29 -15.72
N LEU B 69 -20.15 -11.48 -16.77
CA LEU B 69 -20.77 -10.17 -16.81
C LEU B 69 -22.01 -10.17 -17.69
N ALA B 70 -22.40 -11.35 -18.15
CA ALA B 70 -23.63 -11.49 -18.92
C ALA B 70 -24.84 -11.26 -18.02
N PRO B 71 -25.76 -10.37 -18.44
CA PRO B 71 -26.92 -9.98 -17.63
C PRO B 71 -27.77 -11.18 -17.23
N VAL B 72 -27.65 -11.59 -15.99
CA VAL B 72 -28.46 -12.68 -15.46
C VAL B 72 -29.78 -12.15 -14.93
N ALA B 73 -30.81 -12.23 -15.78
CA ALA B 73 -32.12 -11.67 -15.46
C ALA B 73 -33.14 -12.79 -15.26
N ARG B 74 -32.78 -13.75 -14.39
CA ARG B 74 -33.63 -14.89 -14.08
C ARG B 74 -33.73 -15.82 -15.29
N ASN B 75 -32.77 -15.68 -16.19
CA ASN B 75 -32.69 -16.54 -17.36
C ASN B 75 -31.85 -17.77 -17.07
N GLY B 76 -32.48 -18.75 -16.45
CA GLY B 76 -31.79 -19.97 -16.10
C GLY B 76 -32.51 -21.19 -16.64
N ARG B 77 -31.85 -22.33 -16.57
CA ARG B 77 -32.44 -23.56 -17.05
C ARG B 77 -33.23 -24.22 -15.92
N LEU B 78 -34.43 -23.72 -15.72
CA LEU B 78 -35.30 -24.18 -14.64
C LEU B 78 -36.25 -25.25 -15.16
N GLY A 1 -7.62 23.04 16.70
CA GLY A 1 -6.62 23.93 16.06
C GLY A 1 -5.80 23.22 15.01
N PRO A 2 -4.55 22.83 15.34
CA PRO A 2 -3.68 22.11 14.42
C PRO A 2 -4.22 20.72 14.11
N LEU A 3 -4.50 20.47 12.84
CA LEU A 3 -5.04 19.19 12.40
C LEU A 3 -3.92 18.18 12.24
N GLY A 4 -2.77 18.62 11.72
CA GLY A 4 -1.64 17.74 11.54
C GLY A 4 -1.02 17.30 12.85
N SER A 5 -1.44 16.14 13.34
CA SER A 5 -0.97 15.63 14.62
C SER A 5 0.43 15.02 14.49
N SER A 6 1.44 15.89 14.57
CA SER A 6 2.85 15.47 14.54
C SER A 6 3.18 14.64 13.29
N ALA A 7 3.27 15.32 12.15
CA ALA A 7 3.60 14.66 10.89
C ALA A 7 5.03 14.14 10.90
N GLY A 8 5.92 14.93 11.50
CA GLY A 8 7.30 14.52 11.65
C GLY A 8 7.42 13.24 12.45
N ALA A 9 6.58 13.09 13.47
CA ALA A 9 6.56 11.88 14.27
C ALA A 9 6.10 10.69 13.44
N LEU A 10 5.08 10.91 12.62
CA LEU A 10 4.60 9.88 11.70
C LEU A 10 5.69 9.48 10.72
N LEU A 11 6.33 10.49 10.17
CA LEU A 11 7.46 10.28 9.27
C LEU A 11 8.59 9.53 9.99
N ALA A 12 8.92 9.98 11.19
CA ALA A 12 10.01 9.41 11.96
C ALA A 12 9.79 7.93 12.25
N HIS A 13 8.62 7.58 12.79
CA HIS A 13 8.36 6.21 13.18
C HIS A 13 8.22 5.32 11.94
N ALA A 14 7.81 5.92 10.83
CA ALA A 14 7.74 5.20 9.57
C ALA A 14 9.13 4.95 9.01
N ALA A 15 10.01 5.94 9.20
CA ALA A 15 11.39 5.84 8.74
C ALA A 15 12.15 4.77 9.51
N SER A 16 11.89 4.69 10.82
CA SER A 16 12.55 3.70 11.66
C SER A 16 12.12 2.28 11.29
N LEU A 17 10.97 2.15 10.64
CA LEU A 17 10.48 0.85 10.22
C LEU A 17 10.83 0.60 8.76
N GLY A 18 11.00 1.69 8.02
CA GLY A 18 11.34 1.59 6.62
C GLY A 18 10.12 1.37 5.74
N VAL A 19 9.02 2.02 6.10
CA VAL A 19 7.81 1.98 5.26
C VAL A 19 8.01 2.90 4.08
N ARG A 20 7.93 2.33 2.88
CA ARG A 20 8.27 3.07 1.67
C ARG A 20 7.08 3.13 0.72
N LEU A 21 6.75 4.33 0.27
CA LEU A 21 5.72 4.53 -0.73
C LEU A 21 6.23 5.47 -1.81
N TRP A 22 6.20 5.02 -3.05
CA TRP A 22 6.65 5.84 -4.15
C TRP A 22 5.75 5.62 -5.36
N VAL A 23 5.50 6.68 -6.11
CA VAL A 23 4.68 6.57 -7.31
C VAL A 23 5.53 6.05 -8.46
N GLU A 24 5.05 5.02 -9.13
CA GLU A 24 5.78 4.41 -10.23
C GLU A 24 4.83 4.13 -11.38
N GLY A 25 5.12 4.73 -12.52
CA GLY A 25 4.26 4.57 -13.67
C GLY A 25 2.93 5.29 -13.47
N GLU A 26 1.89 4.51 -13.23
CA GLU A 26 0.57 5.07 -13.00
C GLU A 26 0.06 4.78 -11.59
N ARG A 27 0.83 4.03 -10.83
CA ARG A 27 0.35 3.54 -9.54
C ARG A 27 1.34 3.83 -8.42
N LEU A 28 0.79 3.96 -7.22
CA LEU A 28 1.59 4.07 -6.02
C LEU A 28 2.13 2.68 -5.67
N ARG A 29 3.44 2.57 -5.58
CA ARG A 29 4.08 1.31 -5.24
C ARG A 29 4.44 1.32 -3.76
N PHE A 30 4.07 0.25 -3.07
CA PHE A 30 4.21 0.17 -1.63
C PHE A 30 5.34 -0.79 -1.25
N GLN A 31 5.93 -0.59 -0.09
CA GLN A 31 6.91 -1.52 0.46
C GLN A 31 6.92 -1.41 1.98
N ALA A 32 6.43 -2.45 2.63
CA ALA A 32 6.37 -2.48 4.09
C ALA A 32 6.92 -3.79 4.62
N PRO A 33 7.77 -3.72 5.66
CA PRO A 33 8.25 -4.91 6.36
C PRO A 33 7.09 -5.69 7.00
N PRO A 34 7.28 -6.99 7.25
CA PRO A 34 6.24 -7.83 7.83
C PRO A 34 5.88 -7.40 9.25
N GLY A 35 4.60 -7.11 9.44
CA GLY A 35 4.10 -6.83 10.78
C GLY A 35 3.78 -5.36 11.00
N VAL A 36 4.60 -4.47 10.44
CA VAL A 36 4.48 -3.04 10.71
C VAL A 36 3.23 -2.42 10.07
N MET A 37 2.69 -3.10 9.08
CA MET A 37 1.58 -2.56 8.29
C MET A 37 0.23 -2.79 8.99
N THR A 38 0.28 -2.94 10.32
CA THR A 38 -0.92 -3.14 11.11
C THR A 38 -1.99 -2.09 10.76
N PRO A 39 -3.27 -2.49 10.76
CA PRO A 39 -4.38 -1.61 10.33
C PRO A 39 -4.31 -0.21 10.92
N GLU A 40 -3.95 -0.10 12.19
CA GLU A 40 -3.83 1.20 12.84
C GLU A 40 -2.77 2.05 12.15
N LEU A 41 -1.63 1.43 11.86
CA LEU A 41 -0.52 2.14 11.22
C LEU A 41 -0.90 2.52 9.81
N GLN A 42 -1.49 1.55 9.12
CA GLN A 42 -1.93 1.73 7.75
C GLN A 42 -2.88 2.92 7.64
N SER A 43 -3.78 3.04 8.61
CA SER A 43 -4.72 4.14 8.63
C SER A 43 -4.03 5.45 9.01
N ARG A 44 -2.96 5.37 9.80
CA ARG A 44 -2.25 6.56 10.25
C ARG A 44 -1.40 7.13 9.13
N LEU A 45 -0.95 6.26 8.22
CA LEU A 45 -0.26 6.72 7.02
C LEU A 45 -1.20 7.60 6.19
N GLY A 46 -2.43 7.15 6.06
CA GLY A 46 -3.49 7.96 5.46
C GLY A 46 -3.47 7.90 3.95
N GLY A 47 -2.32 7.58 3.37
CA GLY A 47 -2.20 7.53 1.93
C GLY A 47 -2.31 8.90 1.30
N ALA A 48 -2.13 9.95 2.10
CA ALA A 48 -2.27 11.30 1.60
C ALA A 48 -1.08 11.66 0.73
N ARG A 49 -1.32 12.50 -0.27
CA ARG A 49 -0.31 12.79 -1.28
C ARG A 49 0.85 13.58 -0.70
N HIS A 50 0.54 14.67 0.01
CA HIS A 50 1.57 15.53 0.58
C HIS A 50 2.42 14.73 1.56
N GLU A 51 1.76 13.83 2.26
CA GLU A 51 2.40 13.02 3.28
C GLU A 51 3.33 12.01 2.62
N LEU A 52 2.85 11.41 1.55
CA LEU A 52 3.64 10.42 0.82
C LEU A 52 4.81 11.08 0.10
N ILE A 53 4.66 12.36 -0.21
CA ILE A 53 5.77 13.12 -0.80
C ILE A 53 6.94 13.14 0.17
N ALA A 54 6.66 13.50 1.42
CA ALA A 54 7.69 13.51 2.46
C ALA A 54 8.15 12.08 2.78
N LEU A 55 7.23 11.14 2.64
CA LEU A 55 7.48 9.75 2.96
C LEU A 55 8.42 9.13 1.95
N LEU A 56 8.23 9.47 0.69
CA LEU A 56 9.05 8.97 -0.37
C LEU A 56 10.39 9.71 -0.38
N ARG A 57 10.36 10.97 0.02
CA ARG A 57 11.56 11.77 0.10
C ARG A 57 12.54 11.16 1.10
N GLN A 58 12.00 10.51 2.12
CA GLN A 58 12.83 9.83 3.11
C GLN A 58 13.66 8.72 2.45
N LEU A 59 13.11 8.15 1.38
CA LEU A 59 13.74 7.03 0.69
C LEU A 59 14.67 7.55 -0.41
N GLN A 60 14.71 8.85 -0.59
CA GLN A 60 15.54 9.47 -1.60
C GLN A 60 16.64 10.31 -0.97
N PRO A 61 17.90 10.12 -1.41
CA PRO A 61 19.02 10.93 -0.94
C PRO A 61 19.00 12.33 -1.55
N SER A 62 18.14 12.52 -2.53
CA SER A 62 18.03 13.80 -3.21
C SER A 62 16.91 14.62 -2.59
N SER A 63 17.04 15.95 -2.67
CA SER A 63 16.04 16.88 -2.14
C SER A 63 15.93 16.81 -0.63
N GLN A 64 16.83 17.52 0.04
CA GLN A 64 16.79 17.62 1.50
C GLN A 64 16.11 18.91 1.93
N GLY A 65 16.09 19.89 1.04
CA GLY A 65 15.47 21.16 1.34
C GLY A 65 16.38 22.33 1.04
N GLY A 66 17.16 22.74 2.03
CA GLY A 66 18.10 23.82 1.84
C GLY A 66 17.49 25.18 2.15
N SER A 67 18.06 25.87 3.12
CA SER A 67 17.59 27.19 3.49
C SER A 67 18.65 28.24 3.18
N LEU A 68 18.40 29.04 2.15
CA LEU A 68 19.33 30.07 1.73
C LEU A 68 18.68 31.44 1.86
N LEU A 69 18.86 32.05 3.01
CA LEU A 69 18.25 33.34 3.31
C LEU A 69 19.19 34.20 4.15
N ALA A 70 20.40 33.69 4.37
CA ALA A 70 21.37 34.40 5.19
C ALA A 70 21.97 35.57 4.44
N PRO A 71 22.04 36.74 5.10
CA PRO A 71 22.59 37.95 4.50
C PRO A 71 24.10 37.85 4.39
N VAL A 72 24.59 37.66 3.19
CA VAL A 72 26.00 37.44 2.97
C VAL A 72 26.50 38.31 1.82
N ALA A 73 27.21 39.37 2.19
CA ALA A 73 27.73 40.32 1.21
C ALA A 73 28.88 39.71 0.42
N ARG A 74 29.87 39.19 1.14
CA ARG A 74 31.05 38.60 0.51
C ARG A 74 31.99 38.00 1.55
N ASN A 75 32.02 38.61 2.73
CA ASN A 75 32.95 38.23 3.81
C ASN A 75 34.38 38.53 3.43
N GLY A 76 35.30 38.15 4.31
CA GLY A 76 36.68 38.47 4.13
C GLY A 76 37.11 39.45 5.18
N ARG A 77 37.62 40.57 4.73
CA ARG A 77 37.92 41.68 5.61
C ARG A 77 37.93 42.96 4.80
N LEU A 78 38.61 42.89 3.65
CA LEU A 78 38.60 43.96 2.68
C LEU A 78 39.18 43.47 1.37
N GLY B 1 -3.57 -3.14 -27.30
CA GLY B 1 -3.46 -3.26 -25.83
C GLY B 1 -4.28 -4.41 -25.29
N PRO B 2 -3.63 -5.51 -24.87
CA PRO B 2 -4.32 -6.70 -24.38
C PRO B 2 -4.64 -6.60 -22.89
N LEU B 3 -5.68 -7.32 -22.49
CA LEU B 3 -6.05 -7.41 -21.08
C LEU B 3 -5.07 -8.33 -20.38
N GLY B 4 -4.85 -9.49 -20.98
CA GLY B 4 -3.84 -10.40 -20.49
C GLY B 4 -4.34 -11.30 -19.39
N SER B 5 -3.55 -11.41 -18.34
CA SER B 5 -3.81 -12.38 -17.29
C SER B 5 -4.09 -11.72 -15.96
N SER B 6 -5.36 -11.69 -15.58
CA SER B 6 -5.72 -11.35 -14.21
C SER B 6 -5.54 -12.58 -13.34
N ALA B 7 -4.50 -12.58 -12.53
CA ALA B 7 -4.07 -13.78 -11.83
C ALA B 7 -5.12 -14.26 -10.82
N GLY B 8 -5.80 -15.35 -11.17
CA GLY B 8 -6.79 -15.93 -10.30
C GLY B 8 -6.21 -16.43 -9.01
N ALA B 9 -5.04 -17.08 -9.10
CA ALA B 9 -4.36 -17.59 -7.92
C ALA B 9 -3.88 -16.44 -7.02
N LEU B 10 -3.39 -15.38 -7.66
CA LEU B 10 -2.95 -14.19 -6.92
C LEU B 10 -4.15 -13.54 -6.23
N LEU B 11 -5.23 -13.41 -6.97
CA LEU B 11 -6.47 -12.86 -6.43
C LEU B 11 -6.97 -13.73 -5.28
N ALA B 12 -6.98 -15.04 -5.50
CA ALA B 12 -7.51 -15.99 -4.52
C ALA B 12 -6.80 -15.88 -3.17
N HIS B 13 -5.48 -15.96 -3.18
CA HIS B 13 -4.73 -15.94 -1.92
C HIS B 13 -4.74 -14.55 -1.30
N ALA B 14 -4.90 -13.52 -2.12
CA ALA B 14 -5.03 -12.17 -1.61
C ALA B 14 -6.39 -11.98 -0.94
N ALA B 15 -7.40 -12.63 -1.52
CA ALA B 15 -8.77 -12.58 -0.98
C ALA B 15 -8.87 -13.28 0.35
N SER B 16 -8.14 -14.39 0.50
CA SER B 16 -8.17 -15.16 1.74
C SER B 16 -7.45 -14.41 2.86
N LEU B 17 -6.54 -13.52 2.49
CA LEU B 17 -5.83 -12.72 3.49
C LEU B 17 -6.56 -11.40 3.73
N GLY B 18 -7.32 -10.97 2.74
CA GLY B 18 -8.05 -9.74 2.86
C GLY B 18 -7.22 -8.53 2.50
N VAL B 19 -6.35 -8.69 1.51
CA VAL B 19 -5.54 -7.58 1.03
C VAL B 19 -6.39 -6.66 0.17
N ARG B 20 -6.43 -5.38 0.52
CA ARG B 20 -7.35 -4.45 -0.10
C ARG B 20 -6.62 -3.26 -0.70
N LEU B 21 -6.88 -2.98 -1.98
CA LEU B 21 -6.35 -1.80 -2.64
C LEU B 21 -7.45 -1.14 -3.45
N TRP B 22 -7.68 0.15 -3.20
CA TRP B 22 -8.70 0.89 -3.92
C TRP B 22 -8.24 2.32 -4.17
N VAL B 23 -8.60 2.86 -5.32
CA VAL B 23 -8.25 4.23 -5.64
C VAL B 23 -9.22 5.20 -4.98
N GLU B 24 -8.69 6.12 -4.21
CA GLU B 24 -9.51 7.10 -3.51
C GLU B 24 -8.97 8.49 -3.75
N GLY B 25 -9.77 9.34 -4.38
CA GLY B 25 -9.34 10.68 -4.68
C GLY B 25 -8.28 10.69 -5.77
N GLU B 26 -7.04 10.91 -5.37
CA GLU B 26 -5.94 10.96 -6.32
C GLU B 26 -4.92 9.83 -6.06
N ARG B 27 -5.13 9.06 -5.00
CA ARG B 27 -4.13 8.11 -4.57
C ARG B 27 -4.72 6.72 -4.34
N LEU B 28 -3.90 5.72 -4.58
CA LEU B 28 -4.26 4.35 -4.28
C LEU B 28 -4.19 4.14 -2.77
N ARG B 29 -5.34 3.85 -2.17
CA ARG B 29 -5.40 3.59 -0.75
C ARG B 29 -5.21 2.10 -0.48
N PHE B 30 -4.35 1.79 0.48
CA PHE B 30 -3.97 0.41 0.75
C PHE B 30 -4.56 -0.04 2.09
N GLN B 31 -4.79 -1.33 2.21
CA GLN B 31 -5.19 -1.94 3.48
C GLN B 31 -4.75 -3.38 3.53
N ALA B 32 -3.77 -3.68 4.36
CA ALA B 32 -3.26 -5.03 4.49
C ALA B 32 -3.14 -5.44 5.95
N PRO B 33 -3.56 -6.67 6.28
CA PRO B 33 -3.37 -7.23 7.62
C PRO B 33 -1.89 -7.36 8.00
N PRO B 34 -1.57 -7.36 9.29
CA PRO B 34 -0.19 -7.43 9.76
C PRO B 34 0.49 -8.75 9.37
N GLY B 35 1.61 -8.64 8.67
CA GLY B 35 2.41 -9.82 8.38
C GLY B 35 2.30 -10.28 6.94
N VAL B 36 1.09 -10.19 6.37
CA VAL B 36 0.85 -10.73 5.03
C VAL B 36 1.50 -9.88 3.94
N MET B 37 1.96 -8.70 4.30
CA MET B 37 2.51 -7.76 3.33
C MET B 37 4.01 -7.97 3.13
N THR B 38 4.48 -9.17 3.46
CA THR B 38 5.89 -9.51 3.27
C THR B 38 6.36 -9.14 1.86
N PRO B 39 7.61 -8.66 1.73
CA PRO B 39 8.18 -8.15 0.47
C PRO B 39 7.86 -9.01 -0.75
N GLU B 40 7.94 -10.34 -0.61
CA GLU B 40 7.66 -11.24 -1.71
C GLU B 40 6.23 -11.06 -2.21
N LEU B 41 5.28 -10.98 -1.27
CA LEU B 41 3.87 -10.86 -1.62
C LEU B 41 3.60 -9.47 -2.20
N GLN B 42 4.24 -8.47 -1.59
CA GLN B 42 4.13 -7.10 -2.06
C GLN B 42 4.55 -6.99 -3.52
N SER B 43 5.64 -7.66 -3.86
CA SER B 43 6.15 -7.66 -5.22
C SER B 43 5.26 -8.49 -6.14
N ARG B 44 4.62 -9.53 -5.60
CA ARG B 44 3.75 -10.38 -6.39
C ARG B 44 2.46 -9.67 -6.76
N LEU B 45 2.04 -8.74 -5.92
CA LEU B 45 0.89 -7.91 -6.24
C LEU B 45 1.23 -7.03 -7.43
N GLY B 46 2.42 -6.45 -7.40
CA GLY B 46 2.95 -5.71 -8.53
C GLY B 46 2.44 -4.29 -8.61
N GLY B 47 1.28 -4.06 -8.00
CA GLY B 47 0.67 -2.74 -8.05
C GLY B 47 0.14 -2.39 -9.43
N ALA B 48 -0.04 -3.41 -10.28
CA ALA B 48 -0.51 -3.18 -11.64
C ALA B 48 -1.98 -2.78 -11.62
N ARG B 49 -2.36 -1.96 -12.59
CA ARG B 49 -3.70 -1.38 -12.60
C ARG B 49 -4.77 -2.43 -12.86
N HIS B 50 -4.54 -3.29 -13.85
CA HIS B 50 -5.52 -4.32 -14.20
C HIS B 50 -5.71 -5.31 -13.06
N GLU B 51 -4.63 -5.61 -12.34
CA GLU B 51 -4.72 -6.53 -11.22
C GLU B 51 -5.45 -5.88 -10.05
N LEU B 52 -5.19 -4.60 -9.84
CA LEU B 52 -5.84 -3.87 -8.75
C LEU B 52 -7.32 -3.65 -9.04
N ILE B 53 -7.69 -3.63 -10.32
CA ILE B 53 -9.08 -3.56 -10.71
C ILE B 53 -9.82 -4.81 -10.21
N ALA B 54 -9.24 -5.97 -10.50
CA ALA B 54 -9.81 -7.23 -10.03
C ALA B 54 -9.72 -7.32 -8.50
N LEU B 55 -8.61 -6.82 -7.96
CA LEU B 55 -8.37 -6.81 -6.52
C LEU B 55 -9.42 -5.97 -5.81
N LEU B 56 -9.68 -4.78 -6.33
CA LEU B 56 -10.70 -3.90 -5.77
C LEU B 56 -12.09 -4.50 -5.95
N ARG B 57 -12.31 -5.17 -7.07
CA ARG B 57 -13.60 -5.76 -7.37
C ARG B 57 -13.97 -6.84 -6.35
N GLN B 58 -12.97 -7.50 -5.79
CA GLN B 58 -13.21 -8.53 -4.79
C GLN B 58 -13.78 -7.91 -3.51
N LEU B 59 -13.45 -6.64 -3.27
CA LEU B 59 -13.86 -5.94 -2.07
C LEU B 59 -15.21 -5.27 -2.27
N GLN B 60 -15.70 -5.33 -3.51
CA GLN B 60 -16.98 -4.72 -3.84
C GLN B 60 -18.01 -5.78 -4.19
N PRO B 61 -19.22 -5.67 -3.64
CA PRO B 61 -20.33 -6.57 -3.97
C PRO B 61 -20.88 -6.27 -5.36
N SER B 62 -20.51 -5.14 -5.91
CA SER B 62 -20.97 -4.72 -7.22
C SER B 62 -20.02 -5.21 -8.30
N SER B 63 -20.57 -5.53 -9.47
CA SER B 63 -19.81 -5.97 -10.63
C SER B 63 -19.20 -7.36 -10.41
N GLN B 64 -19.97 -8.37 -10.79
CA GLN B 64 -19.50 -9.75 -10.74
C GLN B 64 -19.23 -10.26 -12.16
N GLY B 65 -19.61 -9.44 -13.13
CA GLY B 65 -19.47 -9.83 -14.52
C GLY B 65 -20.82 -10.05 -15.17
N GLY B 66 -21.18 -11.30 -15.38
CA GLY B 66 -22.47 -11.63 -15.98
C GLY B 66 -22.35 -12.01 -17.43
N SER B 67 -22.65 -13.26 -17.74
CA SER B 67 -22.56 -13.74 -19.10
C SER B 67 -23.94 -13.90 -19.72
N LEU B 68 -24.27 -13.00 -20.64
CA LEU B 68 -25.54 -13.08 -21.35
C LEU B 68 -25.30 -13.34 -22.83
N LEU B 69 -25.39 -14.59 -23.22
CA LEU B 69 -25.16 -14.97 -24.60
C LEU B 69 -26.07 -16.14 -25.00
N ALA B 70 -26.85 -16.63 -24.05
CA ALA B 70 -27.75 -17.74 -24.31
C ALA B 70 -29.15 -17.25 -24.69
N PRO B 71 -29.84 -16.48 -23.81
CA PRO B 71 -31.18 -15.97 -24.10
C PRO B 71 -31.15 -14.80 -25.07
N VAL B 72 -31.86 -14.96 -26.20
CA VAL B 72 -31.95 -13.97 -27.28
C VAL B 72 -30.61 -13.25 -27.53
N ALA B 73 -29.69 -13.97 -28.15
CA ALA B 73 -28.38 -13.40 -28.47
C ALA B 73 -28.47 -12.51 -29.70
N ARG B 74 -28.87 -11.27 -29.48
CA ARG B 74 -28.96 -10.28 -30.54
C ARG B 74 -28.18 -9.04 -30.16
N ASN B 75 -27.80 -8.23 -31.14
CA ASN B 75 -26.98 -7.04 -30.89
C ASN B 75 -27.72 -6.04 -30.02
N GLY B 76 -28.97 -5.76 -30.37
CA GLY B 76 -29.78 -4.86 -29.58
C GLY B 76 -30.67 -5.61 -28.62
N ARG B 77 -30.71 -6.93 -28.78
CA ARG B 77 -31.54 -7.83 -27.97
C ARG B 77 -33.02 -7.67 -28.30
N LEU B 78 -33.52 -6.45 -28.16
CA LEU B 78 -34.92 -6.12 -28.42
C LEU B 78 -35.86 -6.87 -27.49
N GLY A 1 10.29 20.27 12.58
CA GLY A 1 9.21 20.51 11.59
C GLY A 1 8.42 21.76 11.92
N PRO A 2 7.19 21.61 12.43
CA PRO A 2 6.36 22.74 12.85
C PRO A 2 6.80 23.28 14.21
N LEU A 3 6.08 24.29 14.70
CA LEU A 3 6.39 24.86 16.01
C LEU A 3 5.81 23.98 17.12
N GLY A 4 5.00 23.02 16.73
CA GLY A 4 4.44 22.08 17.68
C GLY A 4 4.96 20.67 17.44
N SER A 5 5.00 19.87 18.49
CA SER A 5 5.49 18.49 18.39
C SER A 5 4.54 17.64 17.55
N SER A 6 4.87 17.52 16.27
CA SER A 6 4.04 16.79 15.32
C SER A 6 4.79 16.64 13.99
N ALA A 7 4.32 15.71 13.15
CA ALA A 7 4.89 15.45 11.83
C ALA A 7 6.22 14.70 11.94
N GLY A 8 7.16 15.28 12.68
CA GLY A 8 8.46 14.66 12.87
C GLY A 8 8.35 13.29 13.49
N ALA A 9 7.52 13.17 14.53
CA ALA A 9 7.31 11.89 15.19
C ALA A 9 6.74 10.86 14.22
N LEU A 10 5.82 11.30 13.37
CA LEU A 10 5.20 10.43 12.38
C LEU A 10 6.23 10.02 11.32
N LEU A 11 6.97 10.99 10.84
CA LEU A 11 8.02 10.76 9.86
C LEU A 11 9.09 9.82 10.45
N ALA A 12 9.47 10.10 11.70
CA ALA A 12 10.50 9.31 12.38
C ALA A 12 10.11 7.84 12.49
N HIS A 13 8.91 7.56 12.99
CA HIS A 13 8.51 6.18 13.22
C HIS A 13 8.25 5.47 11.89
N ALA A 14 7.88 6.23 10.88
CA ALA A 14 7.66 5.67 9.54
C ALA A 14 9.00 5.27 8.92
N ALA A 15 9.98 6.17 9.03
CA ALA A 15 11.32 5.90 8.52
C ALA A 15 11.98 4.77 9.30
N SER A 16 11.72 4.74 10.60
CA SER A 16 12.27 3.70 11.47
C SER A 16 11.81 2.32 11.01
N LEU A 17 10.53 2.20 10.68
CA LEU A 17 9.98 0.92 10.25
C LEU A 17 10.29 0.69 8.77
N GLY A 18 10.48 1.76 8.03
CA GLY A 18 10.82 1.64 6.63
C GLY A 18 9.61 1.65 5.72
N VAL A 19 8.55 2.34 6.13
CA VAL A 19 7.37 2.49 5.30
C VAL A 19 7.66 3.49 4.18
N ARG A 20 7.69 2.99 2.96
CA ARG A 20 8.03 3.81 1.80
C ARG A 20 6.90 3.76 0.77
N LEU A 21 6.52 4.92 0.25
CA LEU A 21 5.49 5.01 -0.78
C LEU A 21 5.94 5.92 -1.91
N TRP A 22 5.87 5.41 -3.12
CA TRP A 22 6.20 6.19 -4.31
C TRP A 22 5.38 5.67 -5.49
N VAL A 23 5.00 6.56 -6.38
CA VAL A 23 4.15 6.16 -7.50
C VAL A 23 4.99 5.81 -8.72
N GLU A 24 4.73 4.65 -9.28
CA GLU A 24 5.42 4.20 -10.47
C GLU A 24 4.40 3.89 -11.57
N GLY A 25 4.35 4.77 -12.56
CA GLY A 25 3.35 4.64 -13.60
C GLY A 25 1.97 5.00 -13.07
N GLU A 26 1.14 3.99 -12.90
CA GLU A 26 -0.19 4.18 -12.35
C GLU A 26 -0.33 3.46 -11.01
N ARG A 27 0.70 2.69 -10.66
CA ARG A 27 0.69 1.91 -9.43
C ARG A 27 1.54 2.57 -8.37
N LEU A 28 0.89 2.94 -7.27
CA LEU A 28 1.60 3.40 -6.10
C LEU A 28 2.33 2.22 -5.48
N ARG A 29 3.65 2.31 -5.43
CA ARG A 29 4.47 1.23 -4.90
C ARG A 29 4.58 1.38 -3.39
N PHE A 30 4.30 0.30 -2.68
CA PHE A 30 4.31 0.32 -1.24
C PHE A 30 5.42 -0.57 -0.70
N GLN A 31 6.22 -0.05 0.20
CA GLN A 31 7.28 -0.82 0.82
C GLN A 31 7.09 -0.80 2.33
N ALA A 32 6.74 -1.94 2.89
CA ALA A 32 6.54 -2.05 4.32
C ALA A 32 6.85 -3.47 4.80
N PRO A 33 7.67 -3.59 5.85
CA PRO A 33 7.99 -4.88 6.44
C PRO A 33 6.78 -5.50 7.15
N PRO A 34 6.79 -6.82 7.33
CA PRO A 34 5.68 -7.54 7.93
C PRO A 34 5.45 -7.14 9.39
N GLY A 35 4.23 -6.68 9.68
CA GLY A 35 3.85 -6.35 11.04
C GLY A 35 3.66 -4.86 11.26
N VAL A 36 4.14 -4.03 10.34
CA VAL A 36 4.04 -2.58 10.51
C VAL A 36 2.89 -1.99 9.72
N MET A 37 2.27 -2.80 8.88
CA MET A 37 1.22 -2.33 7.99
C MET A 37 -0.14 -2.35 8.67
N THR A 38 -0.14 -2.36 9.99
CA THR A 38 -1.37 -2.40 10.76
C THR A 38 -2.30 -1.24 10.39
N PRO A 39 -3.63 -1.48 10.42
CA PRO A 39 -4.62 -0.48 10.05
C PRO A 39 -4.44 0.85 10.78
N GLU A 40 -4.05 0.80 12.05
CA GLU A 40 -3.78 1.99 12.82
C GLU A 40 -2.66 2.80 12.17
N LEU A 41 -1.57 2.12 11.83
CA LEU A 41 -0.41 2.77 11.22
C LEU A 41 -0.79 3.37 9.88
N GLN A 42 -1.54 2.60 9.10
CA GLN A 42 -1.99 3.05 7.81
C GLN A 42 -2.76 4.37 7.94
N SER A 43 -3.57 4.44 8.98
CA SER A 43 -4.35 5.64 9.26
C SER A 43 -3.43 6.75 9.78
N ARG A 44 -2.35 6.36 10.46
CA ARG A 44 -1.36 7.32 10.97
C ARG A 44 -0.66 8.01 9.81
N LEU A 45 -0.39 7.23 8.76
CA LEU A 45 0.18 7.76 7.52
C LEU A 45 -0.73 8.86 6.95
N GLY A 46 -2.00 8.78 7.30
CA GLY A 46 -2.93 9.85 7.00
C GLY A 46 -3.52 9.75 5.61
N GLY A 47 -2.81 9.06 4.73
CA GLY A 47 -3.28 8.90 3.37
C GLY A 47 -3.27 10.22 2.61
N ALA A 48 -2.40 11.12 3.03
CA ALA A 48 -2.33 12.44 2.44
C ALA A 48 -1.21 12.51 1.41
N ARG A 49 -1.42 13.33 0.41
CA ARG A 49 -0.45 13.51 -0.67
C ARG A 49 0.82 14.19 -0.17
N HIS A 50 0.64 15.28 0.59
CA HIS A 50 1.77 16.07 1.04
C HIS A 50 2.62 15.25 2.01
N GLU A 51 1.95 14.39 2.77
CA GLU A 51 2.61 13.55 3.74
C GLU A 51 3.49 12.55 3.01
N LEU A 52 2.95 11.99 1.94
CA LEU A 52 3.67 11.01 1.15
C LEU A 52 4.86 11.65 0.44
N ILE A 53 4.74 12.93 0.12
CA ILE A 53 5.84 13.67 -0.47
C ILE A 53 7.05 13.64 0.46
N ALA A 54 6.82 13.99 1.72
CA ALA A 54 7.87 13.94 2.73
C ALA A 54 8.26 12.51 3.05
N LEU A 55 7.30 11.61 2.92
CA LEU A 55 7.49 10.20 3.26
C LEU A 55 8.43 9.56 2.25
N LEU A 56 8.26 9.91 0.99
CA LEU A 56 9.10 9.38 -0.06
C LEU A 56 10.43 10.13 -0.06
N ARG A 57 10.40 11.39 0.34
CA ARG A 57 11.61 12.19 0.43
C ARG A 57 12.52 11.66 1.54
N GLN A 58 11.93 10.92 2.47
CA GLN A 58 12.68 10.35 3.59
C GLN A 58 13.75 9.38 3.09
N LEU A 59 13.51 8.74 1.95
CA LEU A 59 14.51 7.81 1.40
C LEU A 59 15.21 8.40 0.19
N GLN A 60 15.03 9.70 -0.04
CA GLN A 60 15.70 10.39 -1.13
C GLN A 60 16.96 11.10 -0.63
N PRO A 61 18.11 10.85 -1.25
CA PRO A 61 19.39 11.46 -0.84
C PRO A 61 19.47 12.96 -1.13
N SER A 62 18.35 13.54 -1.55
CA SER A 62 18.30 14.97 -1.88
C SER A 62 18.25 15.81 -0.61
N SER A 63 17.73 15.23 0.47
CA SER A 63 17.56 15.96 1.70
C SER A 63 18.39 15.33 2.83
N GLN A 64 19.29 16.13 3.38
CA GLN A 64 20.06 15.70 4.54
C GLN A 64 19.49 16.33 5.81
N GLY A 65 19.70 15.67 6.94
CA GLY A 65 19.17 16.17 8.19
C GLY A 65 20.13 17.13 8.86
N GLY A 66 21.42 16.82 8.79
CA GLY A 66 22.43 17.68 9.40
C GLY A 66 23.43 18.17 8.38
N SER A 67 22.95 18.90 7.38
CA SER A 67 23.81 19.43 6.34
C SER A 67 23.95 20.94 6.45
N LEU A 68 23.03 21.57 7.16
CA LEU A 68 23.03 23.02 7.27
C LEU A 68 23.41 23.46 8.68
N LEU A 69 24.51 24.20 8.76
CA LEU A 69 24.95 24.77 10.02
C LEU A 69 25.50 26.16 9.79
N ALA A 70 25.09 27.10 10.62
CA ALA A 70 25.55 28.47 10.48
C ALA A 70 25.71 29.15 11.83
N PRO A 71 26.92 29.12 12.39
CA PRO A 71 27.26 29.86 13.59
C PRO A 71 27.58 31.30 13.25
N VAL A 72 26.55 32.04 12.91
CA VAL A 72 26.71 33.39 12.41
C VAL A 72 26.97 34.36 13.56
N ALA A 73 26.69 33.91 14.78
CA ALA A 73 27.02 34.67 15.97
C ALA A 73 28.53 34.69 16.15
N ARG A 74 29.13 33.50 16.11
CA ARG A 74 30.59 33.37 16.12
C ARG A 74 31.01 31.95 15.80
N ASN A 75 31.83 31.81 14.76
CA ASN A 75 32.43 30.53 14.42
C ASN A 75 33.94 30.70 14.32
N GLY A 76 34.66 29.60 14.19
CA GLY A 76 36.11 29.66 14.23
C GLY A 76 36.75 29.33 12.90
N ARG A 77 37.18 30.37 12.19
CA ARG A 77 37.96 30.20 10.96
C ARG A 77 39.43 30.41 11.27
N LEU A 78 39.67 30.89 12.50
CA LEU A 78 41.02 31.17 12.99
C LEU A 78 41.67 32.27 12.16
N GLY B 1 10.02 -22.32 -9.46
CA GLY B 1 8.78 -21.94 -8.75
C GLY B 1 7.81 -21.24 -9.67
N PRO B 2 6.58 -20.97 -9.21
CA PRO B 2 5.58 -20.24 -9.98
C PRO B 2 6.05 -18.82 -10.29
N LEU B 3 6.25 -18.53 -11.57
CA LEU B 3 6.73 -17.23 -11.99
C LEU B 3 5.73 -16.59 -12.95
N GLY B 4 5.13 -17.43 -13.80
CA GLY B 4 4.12 -16.94 -14.72
C GLY B 4 2.82 -16.66 -13.99
N SER B 5 2.53 -17.50 -13.01
CA SER B 5 1.42 -17.29 -12.07
C SER B 5 0.06 -17.50 -12.73
N SER B 6 -0.83 -18.19 -12.03
CA SER B 6 -2.21 -18.31 -12.43
C SER B 6 -3.02 -17.20 -11.76
N ALA B 7 -3.87 -16.53 -12.52
CA ALA B 7 -4.63 -15.40 -12.01
C ALA B 7 -5.60 -15.84 -10.91
N GLY B 8 -6.22 -16.99 -11.09
CA GLY B 8 -7.15 -17.50 -10.09
C GLY B 8 -6.49 -17.72 -8.75
N ALA B 9 -5.36 -18.42 -8.76
CA ALA B 9 -4.60 -18.68 -7.53
C ALA B 9 -4.14 -17.37 -6.89
N LEU B 10 -3.73 -16.42 -7.72
CA LEU B 10 -3.28 -15.11 -7.23
C LEU B 10 -4.44 -14.38 -6.57
N LEU B 11 -5.58 -14.36 -7.24
CA LEU B 11 -6.78 -13.72 -6.73
C LEU B 11 -7.24 -14.42 -5.45
N ALA B 12 -7.27 -15.75 -5.49
CA ALA B 12 -7.73 -16.54 -4.37
C ALA B 12 -6.93 -16.27 -3.10
N HIS B 13 -5.60 -16.30 -3.21
CA HIS B 13 -4.75 -16.13 -2.04
C HIS B 13 -4.76 -14.68 -1.57
N ALA B 14 -4.99 -13.75 -2.50
CA ALA B 14 -5.07 -12.34 -2.16
C ALA B 14 -6.36 -12.05 -1.40
N ALA B 15 -7.46 -12.59 -1.90
CA ALA B 15 -8.76 -12.46 -1.25
C ALA B 15 -8.77 -13.17 0.09
N SER B 16 -8.08 -14.29 0.15
CA SER B 16 -7.99 -15.10 1.36
C SER B 16 -7.33 -14.30 2.49
N LEU B 17 -6.26 -13.59 2.15
CA LEU B 17 -5.55 -12.79 3.15
C LEU B 17 -6.24 -11.47 3.40
N GLY B 18 -7.00 -11.01 2.41
CA GLY B 18 -7.73 -9.77 2.55
C GLY B 18 -6.93 -8.58 2.07
N VAL B 19 -6.16 -8.77 1.03
CA VAL B 19 -5.38 -7.70 0.43
C VAL B 19 -6.26 -6.89 -0.51
N ARG B 20 -6.52 -5.64 -0.16
CA ARG B 20 -7.43 -4.80 -0.91
C ARG B 20 -6.74 -3.50 -1.33
N LEU B 21 -6.92 -3.11 -2.58
CA LEU B 21 -6.36 -1.86 -3.09
C LEU B 21 -7.39 -1.09 -3.90
N TRP B 22 -7.56 0.18 -3.57
CA TRP B 22 -8.46 1.06 -4.31
C TRP B 22 -7.99 2.50 -4.21
N VAL B 23 -8.13 3.26 -5.27
CA VAL B 23 -7.66 4.63 -5.28
C VAL B 23 -8.73 5.59 -4.76
N GLU B 24 -8.36 6.39 -3.78
CA GLU B 24 -9.26 7.39 -3.22
C GLU B 24 -8.66 8.77 -3.43
N GLY B 25 -9.22 9.52 -4.36
CA GLY B 25 -8.67 10.80 -4.71
C GLY B 25 -7.35 10.65 -5.45
N GLU B 26 -6.26 10.95 -4.77
CA GLU B 26 -4.93 10.79 -5.35
C GLU B 26 -4.14 9.73 -4.58
N ARG B 27 -4.73 9.23 -3.51
CA ARG B 27 -4.07 8.28 -2.64
C ARG B 27 -4.65 6.88 -2.81
N LEU B 28 -3.82 5.99 -3.32
CA LEU B 28 -4.19 4.58 -3.40
C LEU B 28 -4.27 4.02 -1.99
N ARG B 29 -5.45 3.56 -1.61
CA ARG B 29 -5.67 3.03 -0.28
C ARG B 29 -5.31 1.55 -0.25
N PHE B 30 -4.46 1.18 0.68
CA PHE B 30 -4.00 -0.19 0.78
C PHE B 30 -4.55 -0.84 2.04
N GLN B 31 -5.12 -2.02 1.89
CA GLN B 31 -5.67 -2.76 3.01
C GLN B 31 -5.03 -4.15 3.08
N ALA B 32 -4.17 -4.35 4.07
CA ALA B 32 -3.52 -5.63 4.25
C ALA B 32 -3.21 -5.87 5.72
N PRO B 33 -3.59 -7.05 6.23
CA PRO B 33 -3.30 -7.44 7.61
C PRO B 33 -1.81 -7.63 7.85
N PRO B 34 -1.36 -7.52 9.11
CA PRO B 34 0.05 -7.66 9.46
C PRO B 34 0.62 -9.02 9.06
N GLY B 35 1.68 -9.00 8.26
CA GLY B 35 2.38 -10.23 7.92
C GLY B 35 2.24 -10.61 6.46
N VAL B 36 1.16 -10.16 5.82
CA VAL B 36 0.90 -10.54 4.44
C VAL B 36 1.43 -9.49 3.46
N MET B 37 2.10 -8.48 3.98
CA MET B 37 2.60 -7.40 3.15
C MET B 37 4.05 -7.64 2.75
N THR B 38 4.48 -8.88 2.86
CA THR B 38 5.85 -9.27 2.53
C THR B 38 6.21 -8.90 1.09
N PRO B 39 7.49 -8.52 0.86
CA PRO B 39 7.97 -8.09 -0.46
C PRO B 39 7.60 -9.06 -1.58
N GLU B 40 7.72 -10.36 -1.31
CA GLU B 40 7.36 -11.37 -2.29
C GLU B 40 5.91 -11.20 -2.72
N LEU B 41 5.01 -11.07 -1.74
CA LEU B 41 3.59 -10.98 -2.02
C LEU B 41 3.28 -9.69 -2.77
N GLN B 42 3.96 -8.61 -2.40
CA GLN B 42 3.80 -7.33 -3.09
C GLN B 42 4.18 -7.50 -4.56
N SER B 43 5.24 -8.25 -4.80
CA SER B 43 5.68 -8.55 -6.16
C SER B 43 4.72 -9.53 -6.83
N ARG B 44 4.10 -10.40 -6.03
CA ARG B 44 3.12 -11.35 -6.54
C ARG B 44 1.87 -10.62 -7.06
N LEU B 45 1.56 -9.50 -6.42
CA LEU B 45 0.46 -8.64 -6.86
C LEU B 45 0.75 -8.09 -8.25
N GLY B 46 2.03 -8.02 -8.58
CA GLY B 46 2.46 -7.64 -9.92
C GLY B 46 2.54 -6.15 -10.11
N GLY B 47 1.78 -5.42 -9.30
CA GLY B 47 1.75 -3.98 -9.40
C GLY B 47 1.11 -3.51 -10.69
N ALA B 48 0.26 -4.35 -11.27
CA ALA B 48 -0.37 -4.03 -12.54
C ALA B 48 -1.75 -3.41 -12.31
N ARG B 49 -2.16 -2.55 -13.23
CA ARG B 49 -3.46 -1.90 -13.13
C ARG B 49 -4.60 -2.89 -13.31
N HIS B 50 -4.52 -3.72 -14.34
CA HIS B 50 -5.58 -4.70 -14.61
C HIS B 50 -5.76 -5.68 -13.44
N GLU B 51 -4.67 -5.97 -12.75
CA GLU B 51 -4.73 -6.88 -11.62
C GLU B 51 -5.45 -6.22 -10.46
N LEU B 52 -5.22 -4.92 -10.27
CA LEU B 52 -5.87 -4.18 -9.20
C LEU B 52 -7.35 -3.99 -9.50
N ILE B 53 -7.70 -3.98 -10.77
CA ILE B 53 -9.10 -3.92 -11.17
C ILE B 53 -9.84 -5.15 -10.64
N ALA B 54 -9.28 -6.32 -10.92
CA ALA B 54 -9.86 -7.57 -10.43
C ALA B 54 -9.72 -7.66 -8.92
N LEU B 55 -8.59 -7.19 -8.41
CA LEU B 55 -8.31 -7.18 -6.98
C LEU B 55 -9.36 -6.36 -6.24
N LEU B 56 -9.66 -5.17 -6.74
CA LEU B 56 -10.67 -4.31 -6.16
C LEU B 56 -12.06 -4.91 -6.34
N ARG B 57 -12.26 -5.57 -7.46
CA ARG B 57 -13.56 -6.17 -7.77
C ARG B 57 -13.86 -7.35 -6.87
N GLN B 58 -12.82 -7.90 -6.25
CA GLN B 58 -12.97 -9.09 -5.40
C GLN B 58 -13.82 -8.79 -4.17
N LEU B 59 -13.83 -7.53 -3.72
CA LEU B 59 -14.63 -7.16 -2.56
C LEU B 59 -15.84 -6.32 -2.98
N GLN B 60 -16.07 -6.25 -4.29
CA GLN B 60 -17.24 -5.54 -4.80
C GLN B 60 -18.39 -6.53 -5.01
N PRO B 61 -19.57 -6.21 -4.46
CA PRO B 61 -20.76 -7.07 -4.55
C PRO B 61 -21.37 -7.08 -5.95
N SER B 62 -20.67 -6.49 -6.91
CA SER B 62 -21.14 -6.44 -8.27
C SER B 62 -20.96 -7.80 -8.96
N SER B 63 -19.91 -8.51 -8.56
CA SER B 63 -19.59 -9.78 -9.20
C SER B 63 -19.76 -10.94 -8.23
N GLN B 64 -20.61 -11.89 -8.59
CA GLN B 64 -20.77 -13.10 -7.81
C GLN B 64 -20.04 -14.25 -8.49
N GLY B 65 -19.54 -15.18 -7.70
CA GLY B 65 -18.80 -16.31 -8.25
C GLY B 65 -19.71 -17.35 -8.88
N GLY B 66 -20.75 -17.74 -8.15
CA GLY B 66 -21.66 -18.74 -8.64
C GLY B 66 -23.06 -18.20 -8.79
N SER B 67 -23.23 -17.23 -9.66
CA SER B 67 -24.54 -16.62 -9.90
C SER B 67 -25.10 -17.07 -11.24
N LEU B 68 -24.23 -17.52 -12.13
CA LEU B 68 -24.64 -17.91 -13.47
C LEU B 68 -24.63 -19.42 -13.61
N LEU B 69 -25.77 -19.98 -13.97
CA LEU B 69 -25.88 -21.42 -14.23
C LEU B 69 -26.84 -21.68 -15.38
N ALA B 70 -26.49 -22.65 -16.22
CA ALA B 70 -27.33 -23.03 -17.34
C ALA B 70 -27.12 -24.50 -17.69
N PRO B 71 -27.95 -25.40 -17.14
CA PRO B 71 -27.84 -26.84 -17.37
C PRO B 71 -28.35 -27.23 -18.75
N VAL B 72 -27.42 -27.42 -19.67
CA VAL B 72 -27.76 -27.78 -21.04
C VAL B 72 -27.25 -29.17 -21.39
N ALA B 73 -26.13 -29.55 -20.80
CA ALA B 73 -25.55 -30.86 -21.03
C ALA B 73 -26.38 -31.94 -20.34
N ARG B 74 -27.01 -32.79 -21.14
CA ARG B 74 -27.86 -33.89 -20.67
C ARG B 74 -29.17 -33.38 -20.05
N ASN B 75 -29.20 -32.08 -19.73
CA ASN B 75 -30.37 -31.41 -19.17
C ASN B 75 -30.67 -31.91 -17.75
N GLY B 76 -31.24 -33.10 -17.65
CA GLY B 76 -31.57 -33.68 -16.37
C GLY B 76 -31.93 -35.14 -16.50
N ARG B 77 -31.36 -35.80 -17.49
CA ARG B 77 -31.65 -37.20 -17.73
C ARG B 77 -30.45 -38.06 -17.34
N LEU B 78 -30.52 -38.63 -16.14
CA LEU B 78 -29.51 -39.54 -15.65
C LEU B 78 -30.05 -40.30 -14.45
#